data_1WEL
#
_entry.id   1WEL
#
_cell.length_a   1.000
_cell.length_b   1.000
_cell.length_c   1.000
_cell.angle_alpha   90.00
_cell.angle_beta   90.00
_cell.angle_gamma   90.00
#
_symmetry.space_group_name_H-M   'P 1'
#
_entity_poly.entity_id   1
_entity_poly.type   'polypeptide(L)'
_entity_poly.pdbx_seq_one_letter_code
;GSSGSSGKSPSGQKRSRSRSPHEAGFCVYLKGLPFEAENKHVIDFFKKLDIVEDSIYIAYGPNGKATGEGFVEFRNEADY
KAALCRHKQYMGNRFIQVHPITKKGMLEKIDMIRKRLQSGPSSG
;
_entity_poly.pdbx_strand_id   A
#
# COMPACT_ATOMS: atom_id res chain seq x y z
N GLY A 1 -15.28 8.55 23.64
CA GLY A 1 -14.01 8.64 22.95
C GLY A 1 -12.91 9.25 23.80
N SER A 2 -11.99 8.41 24.27
CA SER A 2 -10.89 8.88 25.11
C SER A 2 -9.73 9.37 24.26
N SER A 3 -9.44 10.67 24.33
CA SER A 3 -8.36 11.26 23.57
C SER A 3 -7.06 10.51 23.80
N GLY A 4 -6.78 10.19 25.07
CA GLY A 4 -5.56 9.47 25.40
C GLY A 4 -4.34 10.04 24.70
N SER A 5 -3.29 9.23 24.58
CA SER A 5 -2.06 9.66 23.94
C SER A 5 -1.44 8.52 23.14
N SER A 6 -0.68 8.88 22.10
CA SER A 6 -0.03 7.89 21.26
C SER A 6 1.33 8.39 20.79
N GLY A 7 2.07 7.50 20.11
CA GLY A 7 3.38 7.87 19.62
C GLY A 7 3.40 8.11 18.12
N LYS A 8 4.37 8.88 17.66
CA LYS A 8 4.50 9.18 16.23
C LYS A 8 5.85 8.72 15.69
N SER A 9 5.83 7.75 14.80
CA SER A 9 7.06 7.22 14.21
C SER A 9 7.00 7.28 12.69
N PRO A 10 7.26 8.46 12.12
CA PRO A 10 7.25 8.67 10.67
C PRO A 10 8.40 7.96 9.97
N SER A 11 8.22 7.68 8.68
CA SER A 11 9.25 7.01 7.90
C SER A 11 9.10 7.32 6.41
N GLY A 12 10.21 7.31 5.69
CA GLY A 12 10.19 7.61 4.28
C GLY A 12 10.35 9.08 3.98
N GLN A 13 9.66 9.91 4.76
CA GLN A 13 9.74 11.36 4.58
C GLN A 13 9.81 11.72 3.10
N LYS A 14 9.07 10.99 2.27
CA LYS A 14 9.06 11.23 0.84
C LYS A 14 7.63 11.28 0.31
N ARG A 15 7.43 12.01 -0.79
CA ARG A 15 6.11 12.14 -1.40
C ARG A 15 6.16 11.77 -2.88
N SER A 16 4.98 11.53 -3.46
CA SER A 16 4.89 11.15 -4.86
C SER A 16 3.92 12.08 -5.60
N ARG A 17 4.22 12.33 -6.88
CA ARG A 17 3.38 13.20 -7.69
C ARG A 17 3.00 12.51 -8.99
N SER A 18 2.22 13.21 -9.82
CA SER A 18 1.79 12.66 -11.10
C SER A 18 2.20 13.56 -12.25
N ARG A 19 2.84 12.97 -13.26
CA ARG A 19 3.30 13.71 -14.42
C ARG A 19 2.12 14.15 -15.29
N SER A 20 1.35 13.17 -15.76
CA SER A 20 0.19 13.46 -16.61
C SER A 20 -1.03 12.68 -16.13
N PRO A 21 -2.21 13.31 -16.24
CA PRO A 21 -3.48 12.70 -15.82
C PRO A 21 -3.89 11.55 -16.74
N HIS A 22 -3.88 10.34 -16.19
CA HIS A 22 -4.26 9.16 -16.96
C HIS A 22 -5.26 8.30 -16.19
N GLU A 23 -5.99 7.45 -16.90
CA GLU A 23 -6.98 6.58 -16.28
C GLU A 23 -6.32 5.63 -15.28
N ALA A 24 -7.06 5.26 -14.24
CA ALA A 24 -6.54 4.36 -13.22
C ALA A 24 -7.63 4.00 -12.21
N GLY A 25 -7.63 2.74 -11.79
CA GLY A 25 -8.63 2.27 -10.84
C GLY A 25 -8.38 2.79 -9.44
N PHE A 26 -8.82 2.05 -8.44
CA PHE A 26 -8.65 2.45 -7.05
C PHE A 26 -7.63 1.55 -6.34
N CYS A 27 -6.50 2.13 -5.99
CA CYS A 27 -5.44 1.38 -5.31
C CYS A 27 -4.95 2.12 -4.07
N VAL A 28 -4.24 1.42 -3.20
CA VAL A 28 -3.72 2.01 -1.97
C VAL A 28 -2.30 1.53 -1.70
N TYR A 29 -1.45 2.46 -1.26
CA TYR A 29 -0.07 2.14 -0.96
C TYR A 29 0.17 2.09 0.54
N LEU A 30 0.54 0.92 1.04
CA LEU A 30 0.80 0.72 2.46
C LEU A 30 2.30 0.65 2.74
N LYS A 31 2.77 1.45 3.69
CA LYS A 31 4.17 1.47 4.05
C LYS A 31 4.35 1.27 5.56
N GLY A 32 5.23 0.33 5.93
CA GLY A 32 5.46 0.07 7.33
C GLY A 32 5.16 -1.36 7.71
N LEU A 33 4.57 -2.11 6.78
CA LEU A 33 4.22 -3.50 7.02
C LEU A 33 5.34 -4.23 7.77
N PRO A 34 4.97 -5.26 8.54
CA PRO A 34 5.92 -6.06 9.31
C PRO A 34 6.82 -6.92 8.41
N PHE A 35 7.83 -7.54 9.01
CA PHE A 35 8.75 -8.37 8.27
C PHE A 35 8.08 -9.67 7.84
N GLU A 36 7.15 -10.16 8.67
CA GLU A 36 6.43 -11.39 8.37
C GLU A 36 5.06 -11.09 7.80
N ALA A 37 4.89 -9.88 7.26
CA ALA A 37 3.62 -9.47 6.68
C ALA A 37 3.03 -10.57 5.81
N GLU A 38 1.71 -10.58 5.68
CA GLU A 38 1.02 -11.57 4.87
C GLU A 38 -0.33 -11.05 4.38
N ASN A 39 -0.77 -11.57 3.23
CA ASN A 39 -2.04 -11.15 2.66
C ASN A 39 -3.08 -10.91 3.75
N LYS A 40 -3.05 -11.73 4.78
CA LYS A 40 -3.99 -11.62 5.89
C LYS A 40 -3.85 -10.25 6.57
N HIS A 41 -2.62 -9.86 6.87
CA HIS A 41 -2.36 -8.57 7.51
C HIS A 41 -2.95 -7.43 6.70
N VAL A 42 -2.71 -7.44 5.39
CA VAL A 42 -3.22 -6.41 4.51
C VAL A 42 -4.74 -6.31 4.59
N ILE A 43 -5.40 -7.46 4.78
CA ILE A 43 -6.85 -7.50 4.88
C ILE A 43 -7.32 -7.03 6.25
N ASP A 44 -6.65 -7.50 7.29
CA ASP A 44 -7.00 -7.12 8.66
C ASP A 44 -6.95 -5.61 8.83
N PHE A 45 -6.21 -4.94 7.96
CA PHE A 45 -6.09 -3.49 8.01
C PHE A 45 -7.30 -2.82 7.39
N PHE A 46 -7.64 -3.22 6.16
CA PHE A 46 -8.78 -2.66 5.45
C PHE A 46 -9.96 -3.61 5.48
N LYS A 47 -10.23 -4.19 6.64
CA LYS A 47 -11.34 -5.13 6.80
C LYS A 47 -12.66 -4.46 6.45
N LYS A 48 -13.72 -5.27 6.37
CA LYS A 48 -15.05 -4.76 6.05
C LYS A 48 -15.05 -4.04 4.71
N LEU A 49 -14.18 -4.49 3.80
CA LEU A 49 -14.08 -3.89 2.48
C LEU A 49 -13.91 -4.95 1.41
N ASP A 50 -14.10 -4.57 0.15
CA ASP A 50 -13.96 -5.49 -0.97
C ASP A 50 -12.57 -5.38 -1.60
N ILE A 51 -11.67 -6.27 -1.20
CA ILE A 51 -10.31 -6.26 -1.73
C ILE A 51 -10.04 -7.52 -2.54
N VAL A 52 -9.53 -7.33 -3.76
CA VAL A 52 -9.22 -8.44 -4.65
C VAL A 52 -8.05 -9.26 -4.11
N GLU A 53 -8.34 -10.34 -3.42
CA GLU A 53 -7.32 -11.20 -2.86
C GLU A 53 -6.14 -11.33 -3.81
N ASP A 54 -6.43 -11.26 -5.11
CA ASP A 54 -5.39 -11.38 -6.13
C ASP A 54 -4.55 -10.10 -6.20
N SER A 55 -5.24 -8.97 -6.30
CA SER A 55 -4.57 -7.67 -6.38
C SER A 55 -3.57 -7.50 -5.24
N ILE A 56 -4.02 -7.77 -4.03
CA ILE A 56 -3.17 -7.65 -2.85
C ILE A 56 -1.75 -8.14 -3.14
N TYR A 57 -0.84 -7.19 -3.31
CA TYR A 57 0.56 -7.52 -3.61
C TYR A 57 1.48 -7.01 -2.50
N ILE A 58 2.46 -7.84 -2.13
CA ILE A 58 3.40 -7.47 -1.09
C ILE A 58 4.83 -7.71 -1.54
N ALA A 59 5.70 -6.72 -1.31
CA ALA A 59 7.10 -6.82 -1.70
C ALA A 59 7.89 -7.60 -0.65
N TYR A 60 8.70 -8.55 -1.12
CA TYR A 60 9.52 -9.36 -0.23
C TYR A 60 11.00 -9.17 -0.51
N GLY A 61 11.79 -9.07 0.55
CA GLY A 61 13.23 -8.89 0.39
C GLY A 61 13.91 -10.12 -0.17
N PRO A 62 15.17 -9.96 -0.60
CA PRO A 62 15.96 -11.05 -1.16
C PRO A 62 16.36 -12.08 -0.11
N ASN A 63 16.01 -11.80 1.14
CA ASN A 63 16.34 -12.70 2.25
C ASN A 63 15.08 -13.39 2.77
N GLY A 64 14.03 -13.37 1.96
CA GLY A 64 12.78 -14.01 2.35
C GLY A 64 12.11 -13.30 3.51
N LYS A 65 12.25 -11.97 3.54
CA LYS A 65 11.64 -11.17 4.61
C LYS A 65 10.95 -9.94 4.03
N ALA A 66 9.69 -9.74 4.43
CA ALA A 66 8.92 -8.60 3.96
C ALA A 66 9.69 -7.29 4.16
N THR A 67 9.89 -6.56 3.06
CA THR A 67 10.61 -5.30 3.11
C THR A 67 9.80 -4.23 3.85
N GLY A 68 8.48 -4.39 3.85
CA GLY A 68 7.63 -3.43 4.52
C GLY A 68 6.85 -2.56 3.55
N GLU A 69 6.38 -3.17 2.47
CA GLU A 69 5.63 -2.43 1.46
C GLU A 69 4.57 -3.33 0.82
N GLY A 70 3.35 -2.80 0.67
CA GLY A 70 2.28 -3.56 0.07
C GLY A 70 1.37 -2.71 -0.78
N PHE A 71 0.48 -3.35 -1.52
CA PHE A 71 -0.46 -2.64 -2.40
C PHE A 71 -1.80 -3.35 -2.45
N VAL A 72 -2.88 -2.58 -2.49
CA VAL A 72 -4.22 -3.13 -2.54
C VAL A 72 -5.09 -2.36 -3.52
N GLU A 73 -6.06 -3.04 -4.13
CA GLU A 73 -6.96 -2.41 -5.08
C GLU A 73 -8.42 -2.76 -4.76
N PHE A 74 -9.19 -1.74 -4.41
CA PHE A 74 -10.59 -1.92 -4.07
C PHE A 74 -11.46 -1.90 -5.33
N ARG A 75 -12.15 -3.00 -5.59
CA ARG A 75 -13.02 -3.10 -6.75
C ARG A 75 -13.93 -1.88 -6.86
N ASN A 76 -14.73 -1.65 -5.82
CA ASN A 76 -15.65 -0.52 -5.79
C ASN A 76 -14.91 0.77 -5.52
N GLU A 77 -15.64 1.89 -5.55
CA GLU A 77 -15.05 3.20 -5.30
C GLU A 77 -15.34 3.67 -3.88
N ALA A 78 -16.61 3.62 -3.50
CA ALA A 78 -17.03 4.04 -2.17
C ALA A 78 -16.18 3.37 -1.09
N ASP A 79 -15.78 2.13 -1.35
CA ASP A 79 -14.97 1.38 -0.41
C ASP A 79 -13.51 1.83 -0.45
N TYR A 80 -13.11 2.40 -1.58
CA TYR A 80 -11.75 2.88 -1.75
C TYR A 80 -11.51 4.16 -0.95
N LYS A 81 -12.46 5.08 -1.03
CA LYS A 81 -12.36 6.35 -0.30
C LYS A 81 -12.19 6.10 1.20
N ALA A 82 -12.92 5.13 1.72
CA ALA A 82 -12.84 4.80 3.14
C ALA A 82 -11.44 4.36 3.52
N ALA A 83 -10.80 3.59 2.65
CA ALA A 83 -9.44 3.11 2.90
C ALA A 83 -8.51 4.26 3.30
N LEU A 84 -8.65 5.39 2.62
CA LEU A 84 -7.83 6.56 2.91
C LEU A 84 -8.15 7.13 4.28
N CYS A 85 -9.42 7.00 4.69
CA CYS A 85 -9.85 7.50 5.98
C CYS A 85 -9.21 6.70 7.12
N ARG A 86 -8.51 5.64 6.76
CA ARG A 86 -7.85 4.78 7.75
C ARG A 86 -6.34 5.01 7.75
N HIS A 87 -5.93 6.26 7.90
CA HIS A 87 -4.52 6.62 7.92
C HIS A 87 -4.00 6.70 9.35
N LYS A 88 -2.67 6.71 9.49
CA LYS A 88 -2.04 6.80 10.81
C LYS A 88 -2.53 5.66 11.70
N GLN A 89 -2.53 4.45 11.18
CA GLN A 89 -2.97 3.28 11.93
C GLN A 89 -1.80 2.37 12.26
N TYR A 90 -2.00 1.47 13.21
CA TYR A 90 -0.95 0.54 13.63
C TYR A 90 -1.41 -0.91 13.45
N MET A 91 -0.71 -1.64 12.59
CA MET A 91 -1.04 -3.04 12.34
C MET A 91 -0.77 -3.89 13.56
N GLY A 92 -1.71 -3.89 14.51
CA GLY A 92 -1.55 -4.67 15.72
C GLY A 92 -0.52 -4.08 16.66
N ASN A 93 0.75 -4.21 16.30
CA ASN A 93 1.84 -3.70 17.11
C ASN A 93 2.81 -2.87 16.27
N ARG A 94 2.57 -2.83 14.96
CA ARG A 94 3.41 -2.09 14.05
C ARG A 94 2.70 -0.84 13.53
N PHE A 95 3.45 0.05 12.90
CA PHE A 95 2.88 1.28 12.36
C PHE A 95 2.98 1.30 10.84
N ILE A 96 1.87 1.64 10.18
CA ILE A 96 1.82 1.70 8.73
C ILE A 96 1.13 2.96 8.25
N GLN A 97 1.59 3.50 7.12
CA GLN A 97 1.01 4.71 6.55
C GLN A 97 0.17 4.39 5.31
N VAL A 98 -0.95 5.07 5.17
CA VAL A 98 -1.84 4.86 4.03
C VAL A 98 -1.79 6.05 3.08
N HIS A 99 -1.47 5.77 1.82
CA HIS A 99 -1.40 6.81 0.80
C HIS A 99 -1.98 6.33 -0.53
N PRO A 100 -2.78 7.18 -1.16
CA PRO A 100 -3.42 6.87 -2.45
C PRO A 100 -2.42 6.79 -3.59
N ILE A 101 -2.57 5.79 -4.44
CA ILE A 101 -1.67 5.61 -5.59
C ILE A 101 -2.45 5.15 -6.82
N THR A 102 -2.01 5.62 -7.99
CA THR A 102 -2.66 5.25 -9.24
C THR A 102 -2.26 3.85 -9.68
N LYS A 103 -3.25 3.07 -10.09
CA LYS A 103 -2.99 1.70 -10.54
C LYS A 103 -1.70 1.62 -11.34
N LYS A 104 -1.65 2.36 -12.45
CA LYS A 104 -0.47 2.38 -13.31
C LYS A 104 0.80 2.54 -12.48
N GLY A 105 0.82 3.58 -11.65
CA GLY A 105 1.98 3.83 -10.81
C GLY A 105 2.24 2.71 -9.82
N MET A 106 1.17 2.07 -9.36
CA MET A 106 1.30 0.97 -8.41
C MET A 106 2.09 -0.18 -9.00
N LEU A 107 1.80 -0.52 -10.26
CA LEU A 107 2.49 -1.61 -10.94
C LEU A 107 3.94 -1.24 -11.21
N GLU A 108 4.18 0.02 -11.56
CA GLU A 108 5.52 0.50 -11.85
C GLU A 108 6.52 -0.04 -10.83
N LYS A 109 6.21 0.15 -9.56
CA LYS A 109 7.08 -0.32 -8.48
C LYS A 109 7.11 -1.85 -8.43
N ILE A 110 5.94 -2.46 -8.37
CA ILE A 110 5.83 -3.92 -8.33
C ILE A 110 6.74 -4.56 -9.36
N ASP A 111 7.02 -3.83 -10.44
CA ASP A 111 7.88 -4.33 -11.50
C ASP A 111 9.35 -4.27 -11.10
N MET A 112 9.78 -3.10 -10.64
CA MET A 112 11.17 -2.90 -10.22
C MET A 112 11.49 -3.79 -9.03
N ILE A 113 10.49 -4.04 -8.19
CA ILE A 113 10.68 -4.88 -7.00
C ILE A 113 10.94 -6.33 -7.39
N ARG A 114 10.18 -6.81 -8.38
CA ARG A 114 10.33 -8.19 -8.84
C ARG A 114 11.71 -8.42 -9.45
N LYS A 115 12.18 -7.43 -10.22
CA LYS A 115 13.49 -7.51 -10.84
C LYS A 115 14.58 -7.77 -9.82
N ARG A 116 14.25 -7.56 -8.55
CA ARG A 116 15.21 -7.77 -7.46
C ARG A 116 15.15 -9.20 -6.95
N LEU A 117 13.99 -9.83 -7.11
CA LEU A 117 13.80 -11.20 -6.66
C LEU A 117 14.05 -12.19 -7.79
N GLN A 118 13.81 -11.74 -9.03
CA GLN A 118 14.03 -12.59 -10.19
C GLN A 118 15.51 -12.79 -10.46
N SER A 119 15.91 -14.04 -10.69
CA SER A 119 17.30 -14.37 -10.95
C SER A 119 17.48 -14.85 -12.39
N GLY A 120 18.03 -13.98 -13.23
CA GLY A 120 18.26 -14.34 -14.62
C GLY A 120 19.15 -13.35 -15.34
N PRO A 121 19.91 -13.84 -16.32
CA PRO A 121 20.83 -13.01 -17.11
C PRO A 121 20.09 -12.04 -18.03
N SER A 122 18.80 -12.29 -18.22
CA SER A 122 17.98 -11.44 -19.08
C SER A 122 17.62 -10.13 -18.38
N SER A 123 17.78 -9.02 -19.09
CA SER A 123 17.48 -7.71 -18.54
C SER A 123 16.04 -7.65 -18.03
N GLY A 124 15.10 -8.07 -18.87
CA GLY A 124 13.70 -8.06 -18.48
C GLY A 124 12.90 -9.14 -19.18
N GLY A 1 -40.29 36.34 -4.16
CA GLY A 1 -39.75 35.51 -3.11
C GLY A 1 -38.77 34.47 -3.64
N SER A 2 -37.53 34.89 -3.88
CA SER A 2 -36.51 33.98 -4.40
C SER A 2 -35.15 34.30 -3.78
N SER A 3 -34.14 33.51 -4.15
CA SER A 3 -32.79 33.70 -3.63
C SER A 3 -31.75 33.31 -4.67
N GLY A 4 -30.52 33.77 -4.47
CA GLY A 4 -29.45 33.46 -5.39
C GLY A 4 -28.31 32.72 -4.72
N SER A 5 -27.73 31.76 -5.44
CA SER A 5 -26.62 30.97 -4.91
C SER A 5 -25.59 30.69 -6.00
N SER A 6 -24.50 30.04 -5.61
CA SER A 6 -23.44 29.70 -6.55
C SER A 6 -22.81 28.35 -6.20
N GLY A 7 -21.99 27.84 -7.10
CA GLY A 7 -21.33 26.56 -6.87
C GLY A 7 -20.17 26.32 -7.82
N LYS A 8 -18.96 26.65 -7.36
CA LYS A 8 -17.76 26.46 -8.18
C LYS A 8 -16.81 25.47 -7.52
N SER A 9 -16.42 24.45 -8.27
CA SER A 9 -15.51 23.43 -7.77
C SER A 9 -14.22 23.38 -8.59
N PRO A 10 -13.09 23.17 -7.92
CA PRO A 10 -11.78 23.09 -8.57
C PRO A 10 -11.63 21.84 -9.42
N SER A 11 -11.35 22.03 -10.71
CA SER A 11 -11.19 20.92 -11.63
C SER A 11 -10.66 21.40 -12.97
N GLY A 12 -9.80 20.60 -13.59
CA GLY A 12 -9.22 20.96 -14.88
C GLY A 12 -8.30 19.90 -15.42
N GLN A 13 -8.86 18.93 -16.14
CA GLN A 13 -8.07 17.85 -16.72
C GLN A 13 -8.66 17.40 -18.05
N LYS A 14 -7.78 17.06 -18.99
CA LYS A 14 -8.20 16.61 -20.31
C LYS A 14 -7.86 15.14 -20.52
N ARG A 15 -8.13 14.33 -19.50
CA ARG A 15 -7.85 12.90 -19.57
C ARG A 15 -9.02 12.08 -19.03
N SER A 16 -9.72 11.37 -19.91
CA SER A 16 -10.86 10.56 -19.52
C SER A 16 -11.11 9.44 -20.52
N ARG A 17 -11.48 8.27 -20.02
CA ARG A 17 -11.74 7.13 -20.87
C ARG A 17 -13.21 6.72 -20.81
N SER A 18 -13.72 6.15 -21.89
CA SER A 18 -15.11 5.73 -21.95
C SER A 18 -15.33 4.47 -21.11
N ARG A 19 -14.58 3.42 -21.41
CA ARG A 19 -14.69 2.16 -20.69
C ARG A 19 -13.77 2.15 -19.47
N SER A 20 -12.50 2.47 -19.70
CA SER A 20 -11.51 2.49 -18.63
C SER A 20 -11.86 3.55 -17.59
N PRO A 21 -11.47 3.30 -16.33
CA PRO A 21 -11.72 4.22 -15.22
C PRO A 21 -10.90 5.50 -15.32
N HIS A 22 -11.18 6.45 -14.45
CA HIS A 22 -10.47 7.72 -14.43
C HIS A 22 -9.08 7.56 -13.83
N GLU A 23 -9.02 7.16 -12.57
CA GLU A 23 -7.75 6.98 -11.87
C GLU A 23 -7.26 5.53 -12.03
N ALA A 24 -7.27 5.04 -13.27
CA ALA A 24 -6.83 3.69 -13.54
C ALA A 24 -7.25 2.72 -12.44
N GLY A 25 -8.41 2.99 -11.84
CA GLY A 25 -8.91 2.14 -10.78
C GLY A 25 -8.68 2.74 -9.41
N PHE A 26 -8.84 1.92 -8.37
CA PHE A 26 -8.65 2.39 -7.00
C PHE A 26 -7.69 1.48 -6.24
N CYS A 27 -6.46 1.95 -6.04
CA CYS A 27 -5.45 1.18 -5.34
C CYS A 27 -4.85 1.99 -4.20
N VAL A 28 -4.34 1.29 -3.18
CA VAL A 28 -3.74 1.94 -2.03
C VAL A 28 -2.31 1.46 -1.81
N TYR A 29 -1.43 2.38 -1.45
CA TYR A 29 -0.03 2.05 -1.20
C TYR A 29 0.28 2.02 0.30
N LEU A 30 0.51 0.83 0.82
CA LEU A 30 0.82 0.67 2.24
C LEU A 30 2.32 0.53 2.46
N LYS A 31 2.84 1.31 3.40
CA LYS A 31 4.27 1.29 3.71
C LYS A 31 4.49 1.15 5.22
N GLY A 32 5.11 0.05 5.62
CA GLY A 32 5.37 -0.18 7.03
C GLY A 32 5.11 -1.61 7.45
N LEU A 33 4.40 -2.35 6.61
CA LEU A 33 4.08 -3.75 6.90
C LEU A 33 5.23 -4.44 7.61
N PRO A 34 4.91 -5.44 8.44
CA PRO A 34 5.91 -6.19 9.20
C PRO A 34 6.76 -7.09 8.29
N PHE A 35 7.73 -7.77 8.89
CA PHE A 35 8.61 -8.67 8.14
C PHE A 35 7.90 -9.99 7.83
N GLU A 36 6.94 -10.35 8.67
CA GLU A 36 6.19 -11.59 8.49
C GLU A 36 4.74 -11.29 8.10
N ALA A 37 4.53 -10.16 7.44
CA ALA A 37 3.19 -9.77 7.01
C ALA A 37 2.62 -10.77 6.01
N GLU A 38 1.29 -10.89 6.00
CA GLU A 38 0.62 -11.81 5.09
C GLU A 38 -0.67 -11.20 4.55
N ASN A 39 -1.16 -11.75 3.44
CA ASN A 39 -2.39 -11.26 2.83
C ASN A 39 -3.47 -11.03 3.87
N LYS A 40 -3.43 -11.83 4.94
CA LYS A 40 -4.40 -11.71 6.02
C LYS A 40 -4.25 -10.38 6.75
N HIS A 41 -3.00 -10.00 7.01
CA HIS A 41 -2.72 -8.75 7.71
C HIS A 41 -3.22 -7.55 6.90
N VAL A 42 -2.96 -7.57 5.60
CA VAL A 42 -3.40 -6.49 4.72
C VAL A 42 -4.91 -6.32 4.75
N ILE A 43 -5.63 -7.44 4.77
CA ILE A 43 -7.08 -7.41 4.80
C ILE A 43 -7.59 -6.80 6.11
N ASP A 44 -6.89 -7.09 7.20
CA ASP A 44 -7.27 -6.58 8.51
C ASP A 44 -7.20 -5.06 8.54
N PHE A 45 -6.16 -4.51 7.91
CA PHE A 45 -5.98 -3.05 7.85
C PHE A 45 -7.12 -2.40 7.10
N PHE A 46 -7.67 -3.10 6.12
CA PHE A 46 -8.77 -2.59 5.32
C PHE A 46 -9.98 -3.51 5.39
N LYS A 47 -10.39 -3.85 6.61
CA LYS A 47 -11.54 -4.72 6.82
C LYS A 47 -12.85 -3.99 6.51
N LYS A 48 -13.93 -4.75 6.43
CA LYS A 48 -15.24 -4.17 6.13
C LYS A 48 -15.25 -3.50 4.76
N LEU A 49 -14.50 -4.06 3.83
CA LEU A 49 -14.42 -3.52 2.48
C LEU A 49 -14.22 -4.64 1.45
N ASP A 50 -14.05 -4.24 0.19
CA ASP A 50 -13.84 -5.21 -0.89
C ASP A 50 -12.41 -5.13 -1.42
N ILE A 51 -11.63 -6.16 -1.15
CA ILE A 51 -10.24 -6.21 -1.61
C ILE A 51 -9.95 -7.52 -2.33
N VAL A 52 -9.66 -7.41 -3.63
CA VAL A 52 -9.36 -8.60 -4.43
C VAL A 52 -8.16 -9.35 -3.86
N GLU A 53 -8.43 -10.48 -3.23
CA GLU A 53 -7.37 -11.30 -2.65
C GLU A 53 -6.20 -11.46 -3.61
N ASP A 54 -6.48 -11.28 -4.91
CA ASP A 54 -5.46 -11.40 -5.93
C ASP A 54 -4.62 -10.13 -6.02
N SER A 55 -5.28 -9.00 -6.17
CA SER A 55 -4.60 -7.71 -6.27
C SER A 55 -3.56 -7.57 -5.17
N ILE A 56 -3.97 -7.85 -3.93
CA ILE A 56 -3.08 -7.76 -2.79
C ILE A 56 -1.67 -8.22 -3.15
N TYR A 57 -0.75 -7.26 -3.27
CA TYR A 57 0.63 -7.57 -3.62
C TYR A 57 1.58 -7.06 -2.53
N ILE A 58 2.38 -7.98 -1.98
CA ILE A 58 3.33 -7.64 -0.94
C ILE A 58 4.76 -7.93 -1.38
N ALA A 59 5.63 -6.93 -1.21
CA ALA A 59 7.03 -7.09 -1.60
C ALA A 59 7.83 -7.79 -0.50
N TYR A 60 8.54 -8.85 -0.88
CA TYR A 60 9.34 -9.61 0.07
C TYR A 60 10.82 -9.42 -0.19
N GLY A 61 11.58 -9.12 0.86
CA GLY A 61 13.01 -8.91 0.73
C GLY A 61 13.71 -10.12 0.14
N PRO A 62 15.02 -9.97 -0.14
CA PRO A 62 15.83 -11.04 -0.72
C PRO A 62 16.07 -12.17 0.27
N ASN A 63 15.73 -11.94 1.53
CA ASN A 63 15.91 -12.94 2.58
C ASN A 63 14.60 -13.65 2.88
N GLY A 64 13.59 -13.40 2.05
CA GLY A 64 12.30 -14.03 2.25
C GLY A 64 11.37 -13.18 3.11
N LYS A 65 11.95 -12.43 4.02
CA LYS A 65 11.18 -11.57 4.91
C LYS A 65 10.42 -10.51 4.12
N ALA A 66 9.57 -9.75 4.81
CA ALA A 66 8.79 -8.69 4.17
C ALA A 66 9.47 -7.34 4.33
N THR A 67 9.78 -6.70 3.20
CA THR A 67 10.44 -5.41 3.21
C THR A 67 9.58 -4.36 3.92
N GLY A 68 8.28 -4.41 3.68
CA GLY A 68 7.37 -3.46 4.31
C GLY A 68 6.62 -2.62 3.30
N GLU A 69 6.47 -3.14 2.09
CA GLU A 69 5.77 -2.43 1.03
C GLU A 69 4.70 -3.31 0.40
N GLY A 70 3.44 -2.88 0.51
CA GLY A 70 2.34 -3.65 -0.06
C GLY A 70 1.40 -2.80 -0.87
N PHE A 71 0.50 -3.44 -1.61
CA PHE A 71 -0.46 -2.72 -2.44
C PHE A 71 -1.80 -3.46 -2.47
N VAL A 72 -2.89 -2.69 -2.50
CA VAL A 72 -4.23 -3.27 -2.53
C VAL A 72 -5.13 -2.51 -3.50
N GLU A 73 -6.13 -3.20 -4.04
CA GLU A 73 -7.06 -2.59 -4.99
C GLU A 73 -8.51 -2.86 -4.57
N PHE A 74 -9.29 -1.80 -4.47
CA PHE A 74 -10.69 -1.91 -4.08
C PHE A 74 -11.60 -1.87 -5.31
N ARG A 75 -12.37 -2.93 -5.51
CA ARG A 75 -13.28 -3.01 -6.64
C ARG A 75 -14.16 -1.78 -6.72
N ASN A 76 -15.05 -1.63 -5.74
CA ASN A 76 -15.96 -0.49 -5.70
C ASN A 76 -15.20 0.80 -5.39
N GLU A 77 -15.92 1.93 -5.42
CA GLU A 77 -15.31 3.22 -5.15
C GLU A 77 -15.70 3.73 -3.77
N ALA A 78 -16.96 3.45 -3.38
CA ALA A 78 -17.46 3.87 -2.07
C ALA A 78 -16.60 3.34 -0.95
N ASP A 79 -16.03 2.15 -1.15
CA ASP A 79 -15.17 1.53 -0.15
C ASP A 79 -13.75 2.08 -0.23
N TYR A 80 -13.31 2.39 -1.44
CA TYR A 80 -11.97 2.92 -1.65
C TYR A 80 -11.75 4.19 -0.84
N LYS A 81 -12.65 5.15 -1.00
CA LYS A 81 -12.57 6.42 -0.28
C LYS A 81 -12.36 6.19 1.21
N ALA A 82 -13.09 5.21 1.76
CA ALA A 82 -12.98 4.89 3.18
C ALA A 82 -11.56 4.49 3.54
N ALA A 83 -11.00 3.55 2.78
CA ALA A 83 -9.65 3.06 3.03
C ALA A 83 -8.73 4.21 3.42
N LEU A 84 -8.66 5.23 2.56
CA LEU A 84 -7.81 6.39 2.82
C LEU A 84 -7.97 6.88 4.25
N CYS A 85 -9.21 6.94 4.71
CA CYS A 85 -9.50 7.39 6.07
C CYS A 85 -8.66 6.63 7.09
N ARG A 86 -8.44 5.34 6.84
CA ARG A 86 -7.64 4.52 7.73
C ARG A 86 -6.16 4.84 7.59
N HIS A 87 -5.79 6.08 7.89
CA HIS A 87 -4.40 6.51 7.80
C HIS A 87 -3.79 6.67 9.19
N LYS A 88 -2.46 6.54 9.26
CA LYS A 88 -1.75 6.68 10.53
C LYS A 88 -2.20 5.61 11.51
N GLN A 89 -2.32 4.37 11.03
CA GLN A 89 -2.74 3.25 11.86
C GLN A 89 -1.55 2.35 12.19
N TYR A 90 -1.70 1.52 13.22
CA TYR A 90 -0.65 0.61 13.63
C TYR A 90 -1.11 -0.84 13.50
N MET A 91 -0.44 -1.59 12.63
CA MET A 91 -0.76 -3.00 12.41
C MET A 91 -0.31 -3.85 13.58
N GLY A 92 -1.18 -3.98 14.58
CA GLY A 92 -0.84 -4.78 15.76
C GLY A 92 0.21 -4.11 16.63
N ASN A 93 1.47 -4.28 16.26
CA ASN A 93 2.57 -3.70 17.02
C ASN A 93 3.50 -2.91 16.10
N ARG A 94 3.06 -2.70 14.87
CA ARG A 94 3.86 -1.96 13.89
C ARG A 94 3.08 -0.77 13.33
N PHE A 95 3.78 0.11 12.64
CA PHE A 95 3.15 1.29 12.05
C PHE A 95 3.21 1.24 10.53
N ILE A 96 2.10 1.59 9.89
CA ILE A 96 2.02 1.58 8.44
C ILE A 96 1.42 2.89 7.91
N GLN A 97 1.83 3.26 6.69
CA GLN A 97 1.33 4.49 6.08
C GLN A 97 0.37 4.17 4.94
N VAL A 98 -0.64 5.01 4.77
CA VAL A 98 -1.63 4.83 3.71
C VAL A 98 -1.62 5.99 2.73
N HIS A 99 -1.29 5.70 1.48
CA HIS A 99 -1.24 6.72 0.44
C HIS A 99 -1.91 6.23 -0.84
N PRO A 100 -2.74 7.09 -1.43
CA PRO A 100 -3.47 6.77 -2.67
C PRO A 100 -2.54 6.68 -3.87
N ILE A 101 -2.74 5.66 -4.70
CA ILE A 101 -1.92 5.47 -5.89
C ILE A 101 -2.73 4.78 -7.00
N THR A 102 -2.44 5.15 -8.24
CA THR A 102 -3.12 4.57 -9.39
C THR A 102 -2.50 3.22 -9.77
N LYS A 103 -3.28 2.42 -10.49
CA LYS A 103 -2.81 1.10 -10.93
C LYS A 103 -1.42 1.21 -11.57
N LYS A 104 -1.24 2.23 -12.40
CA LYS A 104 0.04 2.44 -13.07
C LYS A 104 1.17 2.63 -12.05
N GLY A 105 1.14 3.76 -11.36
CA GLY A 105 2.16 4.04 -10.36
C GLY A 105 2.42 2.85 -9.44
N MET A 106 1.37 2.08 -9.17
CA MET A 106 1.49 0.92 -8.31
C MET A 106 2.31 -0.18 -8.96
N LEU A 107 2.03 -0.45 -10.23
CA LEU A 107 2.75 -1.47 -10.98
C LEU A 107 4.19 -1.05 -11.24
N GLU A 108 4.39 0.25 -11.47
CA GLU A 108 5.71 0.79 -11.73
C GLU A 108 6.73 0.26 -10.72
N LYS A 109 6.32 0.24 -9.44
CA LYS A 109 7.19 -0.24 -8.37
C LYS A 109 7.28 -1.76 -8.39
N ILE A 110 6.13 -2.42 -8.34
CA ILE A 110 6.08 -3.87 -8.35
C ILE A 110 6.99 -4.45 -9.43
N ASP A 111 7.30 -3.63 -10.43
CA ASP A 111 8.17 -4.06 -11.52
C ASP A 111 9.64 -4.04 -11.09
N MET A 112 10.03 -2.97 -10.41
CA MET A 112 11.40 -2.82 -9.93
C MET A 112 11.69 -3.82 -8.82
N ILE A 113 10.67 -4.17 -8.05
CA ILE A 113 10.83 -5.11 -6.95
C ILE A 113 11.06 -6.53 -7.47
N ARG A 114 10.33 -6.90 -8.52
CA ARG A 114 10.46 -8.23 -9.11
C ARG A 114 11.89 -8.47 -9.60
N LYS A 115 12.40 -7.53 -10.38
CA LYS A 115 13.76 -7.64 -10.91
C LYS A 115 14.77 -7.85 -9.78
N ARG A 116 14.47 -7.30 -8.62
CA ARG A 116 15.35 -7.43 -7.46
C ARG A 116 15.38 -8.86 -6.96
N LEU A 117 14.36 -9.63 -7.31
CA LEU A 117 14.26 -11.03 -6.90
C LEU A 117 14.62 -11.96 -8.04
N GLN A 118 14.29 -11.54 -9.26
CA GLN A 118 14.57 -12.34 -10.45
C GLN A 118 15.85 -11.86 -11.13
N SER A 119 16.84 -11.47 -10.32
CA SER A 119 18.11 -10.99 -10.85
C SER A 119 18.59 -11.87 -12.00
N GLY A 120 19.54 -11.35 -12.76
CA GLY A 120 20.07 -12.10 -13.90
C GLY A 120 20.89 -13.31 -13.47
N PRO A 121 22.21 -13.13 -13.38
CA PRO A 121 23.13 -14.21 -12.98
C PRO A 121 22.98 -14.57 -11.50
N SER A 122 22.87 -15.87 -11.23
CA SER A 122 22.71 -16.35 -9.85
C SER A 122 24.01 -16.99 -9.36
N SER A 123 24.85 -16.20 -8.71
CA SER A 123 26.12 -16.70 -8.18
C SER A 123 26.66 -15.76 -7.10
N GLY A 124 27.49 -16.32 -6.22
CA GLY A 124 28.05 -15.53 -5.14
C GLY A 124 29.02 -16.33 -4.29
N GLY A 1 23.14 41.15 34.82
CA GLY A 1 22.61 39.81 34.68
C GLY A 1 22.02 39.57 33.30
N SER A 2 21.29 38.46 33.16
CA SER A 2 20.67 38.12 31.89
C SER A 2 19.74 36.91 32.05
N SER A 3 18.74 36.83 31.20
CA SER A 3 17.78 35.73 31.24
C SER A 3 16.87 35.75 30.00
N GLY A 4 16.00 34.75 29.92
CA GLY A 4 15.09 34.67 28.79
C GLY A 4 14.68 33.24 28.48
N SER A 5 13.37 33.00 28.43
CA SER A 5 12.85 31.67 28.16
C SER A 5 11.73 31.73 27.12
N SER A 6 11.86 30.96 26.06
CA SER A 6 10.85 30.93 25.00
C SER A 6 11.08 29.73 24.08
N GLY A 7 9.98 29.10 23.67
CA GLY A 7 10.06 27.95 22.79
C GLY A 7 8.72 27.59 22.18
N LYS A 8 8.30 28.34 21.17
CA LYS A 8 7.04 28.08 20.49
C LYS A 8 7.14 28.38 19.01
N SER A 9 6.13 27.97 18.26
CA SER A 9 6.10 28.19 16.82
C SER A 9 4.68 28.11 16.27
N PRO A 10 4.37 28.97 15.29
CA PRO A 10 3.04 29.01 14.66
C PRO A 10 2.77 27.78 13.81
N SER A 11 1.63 27.14 14.05
CA SER A 11 1.26 25.95 13.30
C SER A 11 -0.21 26.03 12.85
N GLY A 12 -0.45 25.68 11.60
CA GLY A 12 -1.81 25.71 11.07
C GLY A 12 -1.85 26.02 9.58
N GLN A 13 -1.76 24.98 8.76
CA GLN A 13 -1.79 25.15 7.31
C GLN A 13 -2.02 23.82 6.61
N LYS A 14 -2.78 23.86 5.52
CA LYS A 14 -3.08 22.64 4.76
C LYS A 14 -3.07 22.93 3.26
N ARG A 15 -2.59 21.98 2.48
CA ARG A 15 -2.54 22.13 1.03
C ARG A 15 -3.28 20.99 0.33
N SER A 16 -3.83 21.28 -0.84
CA SER A 16 -4.57 20.28 -1.60
C SER A 16 -4.74 20.72 -3.05
N ARG A 17 -4.46 19.80 -3.98
CA ARG A 17 -4.58 20.10 -5.40
C ARG A 17 -5.29 18.97 -6.13
N SER A 18 -5.38 19.09 -7.45
CA SER A 18 -6.04 18.08 -8.27
C SER A 18 -5.06 17.46 -9.27
N ARG A 19 -3.91 17.04 -8.77
CA ARG A 19 -2.89 16.43 -9.61
C ARG A 19 -3.21 14.97 -9.90
N SER A 20 -4.16 14.74 -10.81
CA SER A 20 -4.56 13.39 -11.17
C SER A 20 -4.82 13.28 -12.67
N PRO A 21 -4.48 12.12 -13.25
CA PRO A 21 -4.66 11.86 -14.67
C PRO A 21 -6.13 11.72 -15.06
N HIS A 22 -6.41 11.78 -16.35
CA HIS A 22 -7.78 11.67 -16.85
C HIS A 22 -8.57 10.67 -16.01
N GLU A 23 -8.11 9.43 -15.99
CA GLU A 23 -8.78 8.37 -15.24
C GLU A 23 -7.77 7.41 -14.62
N ALA A 24 -8.22 6.61 -13.66
CA ALA A 24 -7.36 5.64 -13.00
C ALA A 24 -8.15 4.74 -12.06
N GLY A 25 -7.64 3.55 -11.81
CA GLY A 25 -8.32 2.61 -10.93
C GLY A 25 -8.30 3.06 -9.49
N PHE A 26 -8.68 2.15 -8.58
CA PHE A 26 -8.71 2.46 -7.17
C PHE A 26 -7.80 1.52 -6.38
N CYS A 27 -6.60 2.00 -6.05
CA CYS A 27 -5.64 1.20 -5.31
C CYS A 27 -5.10 1.98 -4.11
N VAL A 28 -4.40 1.28 -3.22
CA VAL A 28 -3.83 1.90 -2.04
C VAL A 28 -2.41 1.41 -1.79
N TYR A 29 -1.50 2.35 -1.50
CA TYR A 29 -0.11 2.00 -1.24
C TYR A 29 0.18 1.98 0.26
N LEU A 30 0.39 0.79 0.80
CA LEU A 30 0.68 0.63 2.22
C LEU A 30 2.19 0.54 2.46
N LYS A 31 2.67 1.32 3.43
CA LYS A 31 4.10 1.32 3.77
C LYS A 31 4.29 1.17 5.28
N GLY A 32 5.00 0.13 5.68
CA GLY A 32 5.25 -0.11 7.09
C GLY A 32 5.12 -1.58 7.46
N LEU A 33 4.44 -2.34 6.61
CA LEU A 33 4.25 -3.77 6.87
C LEU A 33 5.48 -4.39 7.50
N PRO A 34 5.27 -5.34 8.42
CA PRO A 34 6.36 -6.03 9.11
C PRO A 34 7.14 -6.96 8.19
N PHE A 35 8.20 -7.55 8.72
CA PHE A 35 9.03 -8.47 7.94
C PHE A 35 8.31 -9.78 7.70
N GLU A 36 7.30 -10.06 8.50
CA GLU A 36 6.52 -11.28 8.38
C GLU A 36 5.12 -11.00 7.82
N ALA A 37 4.94 -9.79 7.31
CA ALA A 37 3.65 -9.39 6.76
C ALA A 37 3.08 -10.48 5.86
N GLU A 38 1.76 -10.64 5.89
CA GLU A 38 1.09 -11.65 5.08
C GLU A 38 -0.19 -11.09 4.48
N ASN A 39 -0.67 -11.74 3.43
CA ASN A 39 -1.90 -11.32 2.75
C ASN A 39 -3.02 -11.10 3.77
N LYS A 40 -3.01 -11.90 4.83
CA LYS A 40 -4.03 -11.79 5.87
C LYS A 40 -3.93 -10.46 6.59
N HIS A 41 -2.71 -10.04 6.92
CA HIS A 41 -2.48 -8.77 7.60
C HIS A 41 -3.04 -7.61 6.79
N VAL A 42 -2.73 -7.60 5.50
CA VAL A 42 -3.20 -6.54 4.61
C VAL A 42 -4.72 -6.45 4.62
N ILE A 43 -5.37 -7.58 4.82
CA ILE A 43 -6.83 -7.63 4.85
C ILE A 43 -7.37 -7.04 6.15
N ASP A 44 -6.75 -7.41 7.27
CA ASP A 44 -7.17 -6.93 8.57
C ASP A 44 -7.04 -5.41 8.65
N PHE A 45 -6.16 -4.85 7.82
CA PHE A 45 -5.94 -3.41 7.80
C PHE A 45 -7.09 -2.70 7.10
N PHE A 46 -7.46 -3.22 5.93
CA PHE A 46 -8.55 -2.63 5.15
C PHE A 46 -9.82 -3.45 5.29
N LYS A 47 -10.18 -3.79 6.53
CA LYS A 47 -11.38 -4.57 6.80
C LYS A 47 -12.63 -3.76 6.50
N LYS A 48 -13.74 -4.46 6.29
CA LYS A 48 -15.01 -3.82 5.99
C LYS A 48 -14.99 -3.21 4.58
N LEU A 49 -14.17 -3.77 3.71
CA LEU A 49 -14.05 -3.27 2.34
C LEU A 49 -13.89 -4.44 1.36
N ASP A 50 -14.02 -4.14 0.08
CA ASP A 50 -13.88 -5.16 -0.96
C ASP A 50 -12.48 -5.14 -1.54
N ILE A 51 -11.67 -6.12 -1.16
CA ILE A 51 -10.29 -6.23 -1.65
C ILE A 51 -10.08 -7.53 -2.39
N VAL A 52 -9.55 -7.44 -3.61
CA VAL A 52 -9.29 -8.61 -4.43
C VAL A 52 -8.08 -9.38 -3.92
N GLU A 53 -8.35 -10.41 -3.12
CA GLU A 53 -7.29 -11.24 -2.55
C GLU A 53 -6.15 -11.40 -3.54
N ASP A 54 -6.48 -11.41 -4.83
CA ASP A 54 -5.48 -11.57 -5.87
C ASP A 54 -4.66 -10.28 -6.04
N SER A 55 -5.35 -9.16 -6.10
CA SER A 55 -4.70 -7.86 -6.26
C SER A 55 -3.65 -7.65 -5.17
N ILE A 56 -4.02 -7.98 -3.94
CA ILE A 56 -3.11 -7.82 -2.80
C ILE A 56 -1.69 -8.27 -3.18
N TYR A 57 -0.77 -7.31 -3.23
CA TYR A 57 0.62 -7.60 -3.57
C TYR A 57 1.56 -7.14 -2.46
N ILE A 58 2.48 -8.02 -2.07
CA ILE A 58 3.44 -7.70 -1.02
C ILE A 58 4.86 -8.00 -1.48
N ALA A 59 5.77 -7.07 -1.19
CA ALA A 59 7.17 -7.24 -1.56
C ALA A 59 7.93 -8.06 -0.52
N TYR A 60 8.57 -9.13 -0.98
CA TYR A 60 9.33 -10.01 -0.09
C TYR A 60 10.81 -10.00 -0.45
N GLY A 61 11.63 -9.46 0.45
CA GLY A 61 13.05 -9.40 0.21
C GLY A 61 13.61 -10.71 -0.30
N PRO A 62 14.82 -10.66 -0.88
CA PRO A 62 15.49 -11.85 -1.43
C PRO A 62 15.94 -12.81 -0.34
N ASN A 63 16.04 -12.30 0.89
CA ASN A 63 16.46 -13.12 2.02
C ASN A 63 15.28 -13.83 2.66
N GLY A 64 14.08 -13.52 2.16
CA GLY A 64 12.88 -14.14 2.69
C GLY A 64 12.25 -13.33 3.81
N LYS A 65 12.20 -12.01 3.63
CA LYS A 65 11.63 -11.12 4.62
C LYS A 65 10.91 -9.95 3.95
N ALA A 66 9.65 -9.76 4.32
CA ALA A 66 8.84 -8.67 3.77
C ALA A 66 9.62 -7.37 3.77
N THR A 67 9.69 -6.72 2.59
CA THR A 67 10.40 -5.47 2.46
C THR A 67 9.69 -4.34 3.19
N GLY A 68 8.36 -4.41 3.21
CA GLY A 68 7.57 -3.39 3.88
C GLY A 68 6.78 -2.54 2.92
N GLU A 69 6.44 -3.11 1.76
CA GLU A 69 5.68 -2.39 0.75
C GLU A 69 4.55 -3.26 0.20
N GLY A 70 3.31 -2.88 0.52
CA GLY A 70 2.16 -3.63 0.06
C GLY A 70 1.23 -2.79 -0.80
N PHE A 71 0.41 -3.46 -1.60
CA PHE A 71 -0.54 -2.77 -2.47
C PHE A 71 -1.88 -3.50 -2.52
N VAL A 72 -2.97 -2.74 -2.53
CA VAL A 72 -4.31 -3.32 -2.57
C VAL A 72 -5.21 -2.52 -3.51
N GLU A 73 -6.22 -3.20 -4.05
CA GLU A 73 -7.17 -2.56 -4.96
C GLU A 73 -8.60 -2.86 -4.55
N PHE A 74 -9.43 -1.82 -4.52
CA PHE A 74 -10.83 -1.96 -4.15
C PHE A 74 -11.73 -1.92 -5.38
N ARG A 75 -12.49 -2.99 -5.60
CA ARG A 75 -13.38 -3.07 -6.75
C ARG A 75 -14.22 -1.79 -6.87
N ASN A 76 -15.07 -1.55 -5.89
CA ASN A 76 -15.92 -0.37 -5.89
C ASN A 76 -15.10 0.89 -5.60
N GLU A 77 -15.69 2.05 -5.93
CA GLU A 77 -15.00 3.32 -5.71
C GLU A 77 -15.44 3.95 -4.39
N ALA A 78 -16.66 3.61 -3.96
CA ALA A 78 -17.20 4.14 -2.71
C ALA A 78 -16.43 3.60 -1.51
N ASP A 79 -16.02 2.35 -1.59
CA ASP A 79 -15.26 1.72 -0.50
C ASP A 79 -13.80 2.14 -0.53
N TYR A 80 -13.30 2.42 -1.73
CA TYR A 80 -11.91 2.84 -1.90
C TYR A 80 -11.62 4.11 -1.09
N LYS A 81 -12.53 5.07 -1.17
CA LYS A 81 -12.37 6.32 -0.44
C LYS A 81 -12.21 6.08 1.05
N ALA A 82 -13.09 5.24 1.60
CA ALA A 82 -13.04 4.90 3.03
C ALA A 82 -11.64 4.46 3.43
N ALA A 83 -11.02 3.63 2.61
CA ALA A 83 -9.68 3.13 2.89
C ALA A 83 -8.76 4.25 3.36
N LEU A 84 -8.82 5.38 2.67
CA LEU A 84 -7.99 6.53 3.03
C LEU A 84 -8.26 6.98 4.47
N CYS A 85 -9.50 6.80 4.91
CA CYS A 85 -9.88 7.18 6.27
C CYS A 85 -9.10 6.39 7.30
N ARG A 86 -8.52 5.27 6.87
CA ARG A 86 -7.73 4.42 7.75
C ARG A 86 -6.25 4.75 7.65
N HIS A 87 -5.93 6.03 7.56
CA HIS A 87 -4.54 6.47 7.45
C HIS A 87 -3.91 6.62 8.84
N LYS A 88 -2.59 6.58 8.88
CA LYS A 88 -1.86 6.71 10.14
C LYS A 88 -2.32 5.66 11.15
N GLN A 89 -2.40 4.41 10.71
CA GLN A 89 -2.83 3.32 11.57
C GLN A 89 -1.66 2.38 11.88
N TYR A 90 -1.81 1.61 12.96
CA TYR A 90 -0.77 0.67 13.37
C TYR A 90 -1.20 -0.77 13.14
N MET A 91 -0.29 -1.58 12.62
CA MET A 91 -0.58 -2.98 12.34
C MET A 91 -0.10 -3.86 13.49
N GLY A 92 -0.96 -4.01 14.50
CA GLY A 92 -0.61 -4.83 15.64
C GLY A 92 0.44 -4.18 16.53
N ASN A 93 1.71 -4.29 16.13
CA ASN A 93 2.80 -3.71 16.89
C ASN A 93 3.64 -2.78 16.02
N ARG A 94 3.42 -2.86 14.71
CA ARG A 94 4.16 -2.02 13.77
C ARG A 94 3.32 -0.83 13.32
N PHE A 95 3.88 -0.01 12.45
CA PHE A 95 3.19 1.18 11.95
C PHE A 95 3.17 1.20 10.43
N ILE A 96 1.99 1.42 9.85
CA ILE A 96 1.85 1.46 8.40
C ILE A 96 1.12 2.72 7.96
N GLN A 97 1.51 3.25 6.81
CA GLN A 97 0.91 4.46 6.28
C GLN A 97 0.09 4.15 5.03
N VAL A 98 -1.03 4.86 4.87
CA VAL A 98 -1.90 4.65 3.71
C VAL A 98 -1.87 5.86 2.78
N HIS A 99 -1.44 5.63 1.54
CA HIS A 99 -1.35 6.70 0.55
C HIS A 99 -2.03 6.28 -0.75
N PRO A 100 -2.87 7.18 -1.29
CA PRO A 100 -3.59 6.93 -2.55
C PRO A 100 -2.66 6.91 -3.76
N ILE A 101 -2.70 5.81 -4.50
CA ILE A 101 -1.86 5.68 -5.69
C ILE A 101 -2.66 5.11 -6.86
N THR A 102 -2.47 5.69 -8.04
CA THR A 102 -3.17 5.25 -9.24
C THR A 102 -2.74 3.84 -9.64
N LYS A 103 -3.66 3.08 -10.21
CA LYS A 103 -3.38 1.71 -10.63
C LYS A 103 -1.98 1.62 -11.26
N LYS A 104 -1.69 2.52 -12.18
CA LYS A 104 -0.40 2.53 -12.85
C LYS A 104 0.73 2.73 -11.84
N GLY A 105 0.61 3.76 -11.00
CA GLY A 105 1.62 4.03 -10.01
C GLY A 105 1.85 2.85 -9.08
N MET A 106 0.79 2.09 -8.81
CA MET A 106 0.89 0.93 -7.94
C MET A 106 1.80 -0.14 -8.55
N LEU A 107 1.64 -0.37 -9.85
CA LEU A 107 2.44 -1.36 -10.55
C LEU A 107 3.88 -0.90 -10.69
N GLU A 108 4.07 0.40 -10.87
CA GLU A 108 5.41 0.98 -11.02
C GLU A 108 6.37 0.37 -10.00
N LYS A 109 5.93 0.30 -8.74
CA LYS A 109 6.75 -0.26 -7.69
C LYS A 109 6.91 -1.77 -7.85
N ILE A 110 5.79 -2.48 -7.88
CA ILE A 110 5.82 -3.93 -8.03
C ILE A 110 6.86 -4.36 -9.06
N ASP A 111 7.13 -3.48 -10.02
CA ASP A 111 8.11 -3.76 -11.06
C ASP A 111 9.52 -3.73 -10.50
N MET A 112 9.85 -2.65 -9.79
CA MET A 112 11.17 -2.50 -9.19
C MET A 112 11.44 -3.60 -8.17
N ILE A 113 10.38 -4.09 -7.55
CA ILE A 113 10.50 -5.15 -6.56
C ILE A 113 10.83 -6.49 -7.21
N ARG A 114 10.14 -6.80 -8.31
CA ARG A 114 10.36 -8.04 -9.02
C ARG A 114 11.86 -8.27 -9.27
N LYS A 115 12.53 -7.24 -9.81
CA LYS A 115 13.95 -7.34 -10.09
C LYS A 115 14.73 -7.77 -8.85
N ARG A 116 14.42 -7.14 -7.72
CA ARG A 116 15.09 -7.46 -6.46
C ARG A 116 15.06 -8.96 -6.20
N LEU A 117 13.95 -9.60 -6.53
CA LEU A 117 13.80 -11.04 -6.32
C LEU A 117 14.41 -11.81 -7.48
N GLN A 118 13.81 -11.71 -8.65
CA GLN A 118 14.30 -12.40 -9.84
C GLN A 118 15.83 -12.36 -9.89
N SER A 119 16.43 -13.47 -10.30
CA SER A 119 17.89 -13.57 -10.40
C SER A 119 18.39 -12.89 -11.67
N GLY A 120 17.81 -13.25 -12.81
CA GLY A 120 18.21 -12.67 -14.07
C GLY A 120 17.22 -12.96 -15.18
N PRO A 121 17.06 -12.00 -16.10
CA PRO A 121 16.14 -12.14 -17.23
C PRO A 121 16.61 -13.17 -18.25
N SER A 122 17.91 -13.15 -18.55
CA SER A 122 18.49 -14.08 -19.51
C SER A 122 18.27 -15.53 -19.06
N SER A 123 17.27 -16.18 -19.62
CA SER A 123 16.95 -17.56 -19.28
C SER A 123 17.09 -18.47 -20.49
N GLY A 124 17.53 -19.70 -20.25
CA GLY A 124 17.70 -20.65 -21.34
C GLY A 124 17.85 -22.07 -20.84
N GLY A 1 -30.98 -5.53 12.13
CA GLY A 1 -31.43 -4.25 11.61
C GLY A 1 -31.60 -3.21 12.71
N SER A 2 -30.48 -2.68 13.19
CA SER A 2 -30.50 -1.68 14.25
C SER A 2 -29.82 -0.39 13.79
N SER A 3 -30.36 0.74 14.22
CA SER A 3 -29.81 2.04 13.86
C SER A 3 -28.77 2.50 14.87
N GLY A 4 -27.81 3.30 14.41
CA GLY A 4 -26.77 3.79 15.29
C GLY A 4 -26.15 5.09 14.79
N SER A 5 -24.89 5.31 15.13
CA SER A 5 -24.19 6.52 14.72
C SER A 5 -22.84 6.19 14.11
N SER A 6 -22.56 6.77 12.95
CA SER A 6 -21.29 6.54 12.26
C SER A 6 -20.18 7.40 12.85
N GLY A 7 -20.36 8.71 12.77
CA GLY A 7 -19.36 9.62 13.30
C GLY A 7 -19.57 11.04 12.83
N LYS A 8 -18.51 11.85 12.89
CA LYS A 8 -18.58 13.24 12.47
C LYS A 8 -17.72 13.47 11.23
N SER A 9 -18.30 14.09 10.21
CA SER A 9 -17.59 14.38 8.97
C SER A 9 -18.44 15.22 8.04
N PRO A 10 -17.80 16.16 7.33
CA PRO A 10 -18.47 17.05 6.38
C PRO A 10 -18.96 16.32 5.14
N SER A 11 -19.63 17.05 4.25
CA SER A 11 -20.16 16.46 3.03
C SER A 11 -19.75 17.28 1.81
N GLY A 12 -18.55 17.00 1.29
CA GLY A 12 -18.05 17.72 0.13
C GLY A 12 -16.58 18.03 0.24
N GLN A 13 -15.83 17.15 0.90
CA GLN A 13 -14.40 17.34 1.06
C GLN A 13 -13.65 17.01 -0.22
N LYS A 14 -13.50 18.01 -1.08
CA LYS A 14 -12.81 17.83 -2.36
C LYS A 14 -11.30 17.68 -2.13
N ARG A 15 -10.58 17.30 -3.19
CA ARG A 15 -9.14 17.12 -3.12
C ARG A 15 -8.42 18.13 -4.00
N SER A 16 -8.77 18.15 -5.28
CA SER A 16 -8.14 19.07 -6.22
C SER A 16 -8.90 19.08 -7.55
N ARG A 17 -8.48 19.96 -8.45
CA ARG A 17 -9.13 20.08 -9.76
C ARG A 17 -8.49 19.12 -10.77
N SER A 18 -9.24 18.10 -11.17
CA SER A 18 -8.74 17.11 -12.13
C SER A 18 -7.95 17.79 -13.24
N ARG A 19 -6.79 17.24 -13.55
CA ARG A 19 -5.93 17.77 -14.60
C ARG A 19 -6.43 17.35 -15.98
N SER A 20 -6.44 16.05 -16.22
CA SER A 20 -6.89 15.51 -17.50
C SER A 20 -8.05 14.55 -17.31
N PRO A 21 -9.01 14.58 -18.24
CA PRO A 21 -10.20 13.71 -18.21
C PRO A 21 -9.85 12.25 -18.47
N HIS A 22 -9.54 11.52 -17.41
CA HIS A 22 -9.19 10.10 -17.53
C HIS A 22 -9.08 9.45 -16.16
N GLU A 23 -9.60 8.22 -16.05
CA GLU A 23 -9.57 7.49 -14.79
C GLU A 23 -8.47 6.43 -14.81
N ALA A 24 -8.02 6.04 -13.62
CA ALA A 24 -6.97 5.03 -13.50
C ALA A 24 -7.47 3.81 -12.73
N GLY A 25 -8.02 4.05 -11.54
CA GLY A 25 -8.53 2.97 -10.73
C GLY A 25 -8.59 3.32 -9.25
N PHE A 26 -8.70 2.30 -8.40
CA PHE A 26 -8.77 2.52 -6.96
C PHE A 26 -7.83 1.58 -6.23
N CYS A 27 -6.65 2.08 -5.88
CA CYS A 27 -5.66 1.28 -5.17
C CYS A 27 -5.10 2.05 -3.97
N VAL A 28 -4.32 1.35 -3.14
CA VAL A 28 -3.74 1.97 -1.96
C VAL A 28 -2.32 1.46 -1.73
N TYR A 29 -1.39 2.38 -1.52
CA TYR A 29 0.00 2.02 -1.29
C TYR A 29 0.34 2.09 0.20
N LEU A 30 0.59 0.93 0.80
CA LEU A 30 0.93 0.85 2.21
C LEU A 30 2.44 0.76 2.41
N LYS A 31 2.93 1.39 3.47
CA LYS A 31 4.36 1.37 3.76
C LYS A 31 4.59 1.19 5.26
N GLY A 32 5.22 0.08 5.63
CA GLY A 32 5.50 -0.19 7.03
C GLY A 32 5.26 -1.64 7.39
N LEU A 33 4.55 -2.36 6.53
CA LEU A 33 4.24 -3.76 6.77
C LEU A 33 5.43 -4.48 7.41
N PRO A 34 5.15 -5.48 8.25
CA PRO A 34 6.18 -6.27 8.94
C PRO A 34 6.96 -7.17 7.98
N PHE A 35 7.93 -7.89 8.52
CA PHE A 35 8.75 -8.78 7.71
C PHE A 35 8.00 -10.08 7.41
N GLU A 36 7.06 -10.43 8.29
CA GLU A 36 6.27 -11.65 8.13
C GLU A 36 4.87 -11.32 7.60
N ALA A 37 4.71 -10.11 7.07
CA ALA A 37 3.42 -9.68 6.54
C ALA A 37 2.77 -10.78 5.71
N GLU A 38 1.44 -10.85 5.77
CA GLU A 38 0.69 -11.87 5.02
C GLU A 38 -0.62 -11.30 4.51
N ASN A 39 -1.09 -11.84 3.39
CA ASN A 39 -2.34 -11.40 2.80
C ASN A 39 -3.38 -11.08 3.86
N LYS A 40 -3.34 -11.85 4.96
CA LYS A 40 -4.28 -11.65 6.05
C LYS A 40 -4.13 -10.26 6.65
N HIS A 41 -2.90 -9.90 7.01
CA HIS A 41 -2.62 -8.59 7.59
C HIS A 41 -3.24 -7.48 6.75
N VAL A 42 -3.00 -7.53 5.44
CA VAL A 42 -3.53 -6.53 4.52
C VAL A 42 -5.05 -6.44 4.63
N ILE A 43 -5.69 -7.58 4.89
CA ILE A 43 -7.14 -7.62 5.02
C ILE A 43 -7.60 -7.02 6.34
N ASP A 44 -6.83 -7.27 7.39
CA ASP A 44 -7.15 -6.75 8.72
C ASP A 44 -6.98 -5.23 8.75
N PHE A 45 -6.06 -4.72 7.95
CA PHE A 45 -5.79 -3.29 7.89
C PHE A 45 -6.99 -2.53 7.32
N PHE A 46 -7.61 -3.13 6.31
CA PHE A 46 -8.77 -2.52 5.66
C PHE A 46 -9.98 -3.44 5.74
N LYS A 47 -10.35 -3.81 6.96
CA LYS A 47 -11.50 -4.69 7.18
C LYS A 47 -12.80 -3.98 6.82
N LYS A 48 -13.87 -4.76 6.64
CA LYS A 48 -15.17 -4.20 6.30
C LYS A 48 -15.12 -3.49 4.96
N LEU A 49 -14.42 -4.09 4.00
CA LEU A 49 -14.30 -3.51 2.66
C LEU A 49 -14.09 -4.58 1.62
N ASP A 50 -14.19 -4.20 0.34
CA ASP A 50 -14.01 -5.14 -0.75
C ASP A 50 -12.61 -5.04 -1.34
N ILE A 51 -11.79 -6.05 -1.09
CA ILE A 51 -10.42 -6.08 -1.59
C ILE A 51 -10.13 -7.36 -2.35
N VAL A 52 -9.84 -7.23 -3.63
CA VAL A 52 -9.54 -8.39 -4.47
C VAL A 52 -8.34 -9.15 -3.95
N GLU A 53 -8.59 -10.17 -3.13
CA GLU A 53 -7.52 -10.97 -2.55
C GLU A 53 -6.41 -11.20 -3.57
N ASP A 54 -6.77 -11.23 -4.84
CA ASP A 54 -5.80 -11.43 -5.91
C ASP A 54 -4.90 -10.20 -6.08
N SER A 55 -5.52 -9.03 -6.06
CA SER A 55 -4.79 -7.77 -6.22
C SER A 55 -3.77 -7.61 -5.10
N ILE A 56 -4.22 -7.79 -3.86
CA ILE A 56 -3.34 -7.67 -2.70
C ILE A 56 -1.92 -8.13 -3.03
N TYR A 57 -1.01 -7.18 -3.21
CA TYR A 57 0.37 -7.49 -3.53
C TYR A 57 1.30 -7.05 -2.40
N ILE A 58 2.28 -7.89 -2.08
CA ILE A 58 3.23 -7.59 -1.02
C ILE A 58 4.65 -7.92 -1.46
N ALA A 59 5.54 -6.93 -1.37
CA ALA A 59 6.93 -7.11 -1.75
C ALA A 59 7.73 -7.75 -0.62
N TYR A 60 8.64 -8.66 -0.99
CA TYR A 60 9.47 -9.35 -0.01
C TYR A 60 10.94 -9.23 -0.36
N GLY A 61 11.77 -9.03 0.66
CA GLY A 61 13.20 -8.91 0.43
C GLY A 61 13.85 -10.23 0.11
N PRO A 62 15.18 -10.22 -0.11
CA PRO A 62 15.95 -11.41 -0.44
C PRO A 62 16.07 -12.37 0.75
N ASN A 63 15.88 -11.84 1.96
CA ASN A 63 15.97 -12.64 3.16
C ASN A 63 14.62 -13.29 3.48
N GLY A 64 13.89 -13.67 2.44
CA GLY A 64 12.60 -14.30 2.62
C GLY A 64 11.72 -13.53 3.59
N LYS A 65 11.92 -12.21 3.67
CA LYS A 65 11.14 -11.37 4.56
C LYS A 65 10.37 -10.30 3.78
N ALA A 66 9.54 -9.54 4.48
CA ALA A 66 8.76 -8.49 3.85
C ALA A 66 9.50 -7.15 3.89
N THR A 67 9.74 -6.58 2.72
CA THR A 67 10.44 -5.31 2.61
C THR A 67 9.67 -4.20 3.33
N GLY A 68 8.37 -4.14 3.09
CA GLY A 68 7.54 -3.13 3.72
C GLY A 68 6.74 -2.33 2.72
N GLU A 69 6.42 -2.95 1.58
CA GLU A 69 5.66 -2.29 0.53
C GLU A 69 4.48 -3.16 0.08
N GLY A 70 3.26 -2.71 0.37
CA GLY A 70 2.08 -3.45 -0.01
C GLY A 70 1.17 -2.66 -0.92
N PHE A 71 0.30 -3.36 -1.65
CA PHE A 71 -0.63 -2.73 -2.56
C PHE A 71 -1.99 -3.41 -2.53
N VAL A 72 -3.06 -2.61 -2.51
CA VAL A 72 -4.41 -3.14 -2.48
C VAL A 72 -5.33 -2.36 -3.41
N GLU A 73 -6.30 -3.06 -3.98
CA GLU A 73 -7.25 -2.43 -4.90
C GLU A 73 -8.69 -2.76 -4.50
N PHE A 74 -9.49 -1.72 -4.33
CA PHE A 74 -10.90 -1.89 -3.95
C PHE A 74 -11.79 -1.92 -5.18
N ARG A 75 -12.48 -3.05 -5.37
CA ARG A 75 -13.38 -3.21 -6.52
C ARG A 75 -14.27 -1.98 -6.67
N ASN A 76 -14.97 -1.62 -5.60
CA ASN A 76 -15.87 -0.47 -5.63
C ASN A 76 -15.10 0.82 -5.35
N GLU A 77 -15.76 1.96 -5.57
CA GLU A 77 -15.13 3.26 -5.36
C GLU A 77 -15.53 3.83 -4.00
N ALA A 78 -16.78 3.60 -3.61
CA ALA A 78 -17.29 4.09 -2.34
C ALA A 78 -16.45 3.55 -1.17
N ASP A 79 -15.98 2.32 -1.32
CA ASP A 79 -15.18 1.69 -0.27
C ASP A 79 -13.72 2.15 -0.37
N TYR A 80 -13.29 2.49 -1.58
CA TYR A 80 -11.92 2.95 -1.80
C TYR A 80 -11.62 4.21 -0.99
N LYS A 81 -12.53 5.17 -1.06
CA LYS A 81 -12.36 6.43 -0.33
C LYS A 81 -12.23 6.17 1.17
N ALA A 82 -12.89 5.12 1.65
CA ALA A 82 -12.84 4.76 3.06
C ALA A 82 -11.43 4.39 3.48
N ALA A 83 -10.79 3.51 2.71
CA ALA A 83 -9.44 3.07 3.00
C ALA A 83 -8.57 4.24 3.45
N LEU A 84 -8.66 5.35 2.71
CA LEU A 84 -7.88 6.54 3.04
C LEU A 84 -8.16 7.01 4.46
N CYS A 85 -9.41 6.86 4.88
CA CYS A 85 -9.81 7.28 6.22
C CYS A 85 -9.03 6.52 7.29
N ARG A 86 -8.36 5.45 6.87
CA ARG A 86 -7.57 4.64 7.80
C ARG A 86 -6.09 4.95 7.64
N HIS A 87 -5.74 6.23 7.71
CA HIS A 87 -4.35 6.66 7.58
C HIS A 87 -3.70 6.79 8.96
N LYS A 88 -2.39 6.60 9.01
CA LYS A 88 -1.65 6.70 10.25
C LYS A 88 -2.11 5.64 11.26
N GLN A 89 -2.33 4.43 10.76
CA GLN A 89 -2.77 3.33 11.60
C GLN A 89 -1.62 2.36 11.89
N TYR A 90 -1.86 1.43 12.80
CA TYR A 90 -0.85 0.44 13.17
C TYR A 90 -1.35 -0.98 12.92
N MET A 91 -0.47 -1.84 12.41
CA MET A 91 -0.83 -3.22 12.13
C MET A 91 -0.46 -4.12 13.30
N GLY A 92 -1.36 -4.21 14.27
CA GLY A 92 -1.13 -5.03 15.45
C GLY A 92 -0.09 -4.43 16.38
N ASN A 93 1.18 -4.55 16.03
CA ASN A 93 2.26 -4.02 16.85
C ASN A 93 3.22 -3.18 16.01
N ARG A 94 2.94 -3.11 14.70
CA ARG A 94 3.78 -2.34 13.79
C ARG A 94 3.04 -1.12 13.27
N PHE A 95 3.77 -0.21 12.63
CA PHE A 95 3.18 1.00 12.08
C PHE A 95 3.19 0.97 10.55
N ILE A 96 2.05 1.29 9.95
CA ILE A 96 1.93 1.30 8.50
C ILE A 96 1.31 2.60 8.01
N GLN A 97 1.83 3.11 6.88
CA GLN A 97 1.32 4.34 6.31
C GLN A 97 0.39 4.07 5.14
N VAL A 98 -0.52 5.00 4.88
CA VAL A 98 -1.48 4.85 3.79
C VAL A 98 -1.38 6.01 2.80
N HIS A 99 -1.16 5.69 1.53
CA HIS A 99 -1.05 6.71 0.50
C HIS A 99 -1.69 6.23 -0.81
N PRO A 100 -2.55 7.08 -1.39
CA PRO A 100 -3.26 6.77 -2.63
C PRO A 100 -2.32 6.76 -3.84
N ILE A 101 -2.55 5.83 -4.75
CA ILE A 101 -1.72 5.71 -5.94
C ILE A 101 -2.54 5.19 -7.13
N THR A 102 -2.15 5.59 -8.34
CA THR A 102 -2.85 5.18 -9.54
C THR A 102 -2.45 3.76 -9.94
N LYS A 103 -3.42 2.99 -10.40
CA LYS A 103 -3.17 1.61 -10.83
C LYS A 103 -1.79 1.48 -11.46
N LYS A 104 -1.54 2.27 -12.49
CA LYS A 104 -0.25 2.25 -13.17
C LYS A 104 0.90 2.43 -12.19
N GLY A 105 0.72 3.34 -11.24
CA GLY A 105 1.75 3.59 -10.24
C GLY A 105 1.89 2.45 -9.25
N MET A 106 0.91 1.55 -9.27
CA MET A 106 0.93 0.40 -8.35
C MET A 106 1.67 -0.77 -8.96
N LEU A 107 1.58 -0.90 -10.28
CA LEU A 107 2.25 -1.99 -10.99
C LEU A 107 3.71 -1.65 -11.25
N GLU A 108 3.98 -0.38 -11.53
CA GLU A 108 5.34 0.07 -11.79
C GLU A 108 6.30 -0.42 -10.71
N LYS A 109 5.97 -0.14 -9.45
CA LYS A 109 6.80 -0.55 -8.33
C LYS A 109 6.87 -2.08 -8.24
N ILE A 110 5.72 -2.73 -8.35
CA ILE A 110 5.65 -4.18 -8.27
C ILE A 110 6.63 -4.82 -9.26
N ASP A 111 7.04 -4.05 -10.26
CA ASP A 111 7.98 -4.54 -11.27
C ASP A 111 9.41 -4.41 -10.78
N MET A 112 9.80 -3.19 -10.42
CA MET A 112 11.15 -2.92 -9.94
C MET A 112 11.49 -3.82 -8.76
N ILE A 113 10.51 -4.07 -7.91
CA ILE A 113 10.70 -4.92 -6.74
C ILE A 113 11.16 -6.32 -7.14
N ARG A 114 10.43 -6.92 -8.07
CA ARG A 114 10.76 -8.26 -8.55
C ARG A 114 12.22 -8.33 -8.99
N LYS A 115 12.62 -7.42 -9.85
CA LYS A 115 13.99 -7.38 -10.35
C LYS A 115 14.99 -7.54 -9.21
N ARG A 116 14.81 -6.76 -8.15
CA ARG A 116 15.69 -6.82 -6.99
C ARG A 116 15.97 -8.28 -6.60
N LEU A 117 14.92 -9.09 -6.61
CA LEU A 117 15.05 -10.50 -6.25
C LEU A 117 15.64 -11.31 -7.41
N GLN A 118 14.94 -11.29 -8.54
CA GLN A 118 15.40 -12.02 -9.72
C GLN A 118 16.83 -11.64 -10.08
N SER A 119 17.56 -12.58 -10.65
CA SER A 119 18.95 -12.34 -11.04
C SER A 119 19.12 -12.50 -12.55
N GLY A 120 19.80 -11.53 -13.17
CA GLY A 120 20.02 -11.58 -14.60
C GLY A 120 18.87 -12.21 -15.35
N PRO A 121 18.98 -13.52 -15.64
CA PRO A 121 17.95 -14.27 -16.35
C PRO A 121 16.70 -14.47 -15.51
N SER A 122 15.55 -14.58 -16.18
CA SER A 122 14.28 -14.77 -15.50
C SER A 122 13.89 -16.25 -15.50
N SER A 123 13.92 -16.86 -16.67
CA SER A 123 13.57 -18.27 -16.82
C SER A 123 14.58 -19.00 -17.68
N GLY A 124 14.99 -20.19 -17.24
CA GLY A 124 15.95 -20.97 -17.98
C GLY A 124 16.29 -22.28 -17.30
N GLY A 1 35.31 21.89 9.16
CA GLY A 1 35.48 22.57 7.89
C GLY A 1 34.24 23.33 7.46
N SER A 2 33.11 22.63 7.40
CA SER A 2 31.85 23.24 7.00
C SER A 2 30.68 22.59 7.71
N SER A 3 29.75 23.42 8.20
CA SER A 3 28.58 22.93 8.90
C SER A 3 27.43 22.65 7.93
N GLY A 4 26.55 21.73 8.33
CA GLY A 4 25.42 21.39 7.48
C GLY A 4 25.77 20.31 6.47
N SER A 5 25.51 19.06 6.81
CA SER A 5 25.80 17.94 5.93
C SER A 5 24.51 17.33 5.38
N SER A 6 24.49 17.06 4.08
CA SER A 6 23.32 16.47 3.43
C SER A 6 23.64 16.07 2.00
N GLY A 7 22.70 15.40 1.36
CA GLY A 7 22.89 14.96 -0.01
C GLY A 7 21.62 14.44 -0.64
N LYS A 8 21.07 15.20 -1.59
CA LYS A 8 19.83 14.81 -2.26
C LYS A 8 19.90 13.35 -2.69
N SER A 9 18.73 12.71 -2.78
CA SER A 9 18.66 11.31 -3.18
C SER A 9 17.58 11.10 -4.24
N PRO A 10 17.96 11.32 -5.51
CA PRO A 10 17.03 11.17 -6.64
C PRO A 10 16.66 9.71 -6.89
N SER A 11 15.40 9.48 -7.27
CA SER A 11 14.92 8.13 -7.54
C SER A 11 15.90 7.36 -8.40
N GLY A 12 15.93 7.69 -9.69
CA GLY A 12 16.82 7.02 -10.61
C GLY A 12 16.10 6.40 -11.79
N GLN A 13 15.94 7.16 -12.86
CA GLN A 13 15.25 6.68 -14.05
C GLN A 13 16.16 5.76 -14.87
N LYS A 14 15.57 4.72 -15.45
CA LYS A 14 16.32 3.77 -16.26
C LYS A 14 15.93 3.88 -17.73
N ARG A 15 15.70 5.10 -18.19
CA ARG A 15 15.32 5.34 -19.58
C ARG A 15 14.36 4.26 -20.07
N SER A 16 13.45 3.84 -19.19
CA SER A 16 12.47 2.81 -19.54
C SER A 16 11.20 3.43 -20.08
N ARG A 17 11.18 3.74 -21.37
CA ARG A 17 10.02 4.34 -22.01
C ARG A 17 8.99 3.27 -22.38
N SER A 18 8.06 3.03 -21.47
CA SER A 18 7.02 2.02 -21.69
C SER A 18 5.64 2.68 -21.73
N ARG A 19 4.73 2.07 -22.48
CA ARG A 19 3.37 2.59 -22.61
C ARG A 19 2.38 1.71 -21.85
N SER A 20 1.57 2.33 -21.00
CA SER A 20 0.58 1.60 -20.21
C SER A 20 -0.83 2.13 -20.49
N PRO A 21 -1.42 1.66 -21.61
CA PRO A 21 -2.76 2.07 -22.01
C PRO A 21 -3.84 1.50 -21.09
N HIS A 22 -3.48 0.50 -20.31
CA HIS A 22 -4.41 -0.13 -19.39
C HIS A 22 -5.23 0.92 -18.64
N GLU A 23 -6.35 0.49 -18.08
CA GLU A 23 -7.23 1.40 -17.34
C GLU A 23 -6.70 1.64 -15.93
N ALA A 24 -7.33 2.57 -15.22
CA ALA A 24 -6.92 2.90 -13.86
C ALA A 24 -8.11 2.88 -12.91
N GLY A 25 -8.04 2.03 -11.89
CA GLY A 25 -9.12 1.93 -10.93
C GLY A 25 -8.78 2.57 -9.60
N PHE A 26 -9.08 1.87 -8.51
CA PHE A 26 -8.81 2.38 -7.18
C PHE A 26 -7.84 1.46 -6.43
N CYS A 27 -6.70 2.00 -6.04
CA CYS A 27 -5.69 1.23 -5.32
C CYS A 27 -5.19 1.98 -4.09
N VAL A 28 -4.43 1.30 -3.25
CA VAL A 28 -3.90 1.91 -2.04
C VAL A 28 -2.46 1.46 -1.79
N TYR A 29 -1.61 2.40 -1.42
CA TYR A 29 -0.21 2.11 -1.15
C TYR A 29 0.07 2.08 0.35
N LEU A 30 0.36 0.89 0.87
CA LEU A 30 0.64 0.72 2.29
C LEU A 30 2.15 0.63 2.54
N LYS A 31 2.64 1.45 3.47
CA LYS A 31 4.05 1.45 3.80
C LYS A 31 4.26 1.28 5.30
N GLY A 32 5.22 0.44 5.67
CA GLY A 32 5.50 0.20 7.07
C GLY A 32 5.23 -1.24 7.47
N LEU A 33 4.53 -1.97 6.62
CA LEU A 33 4.20 -3.37 6.88
C LEU A 33 5.33 -4.05 7.65
N PRO A 34 4.97 -5.04 8.48
CA PRO A 34 5.93 -5.80 9.28
C PRO A 34 6.81 -6.71 8.43
N PHE A 35 7.87 -7.23 9.02
CA PHE A 35 8.79 -8.12 8.32
C PHE A 35 8.13 -9.47 8.02
N GLU A 36 7.09 -9.78 8.78
CA GLU A 36 6.37 -11.03 8.62
C GLU A 36 4.96 -10.79 8.06
N ALA A 37 4.79 -9.65 7.40
CA ALA A 37 3.49 -9.29 6.83
C ALA A 37 3.02 -10.36 5.86
N GLU A 38 1.70 -10.56 5.80
CA GLU A 38 1.11 -11.55 4.91
C GLU A 38 -0.24 -11.08 4.39
N ASN A 39 -0.70 -11.70 3.30
CA ASN A 39 -1.98 -11.34 2.70
C ASN A 39 -3.04 -11.12 3.78
N LYS A 40 -2.89 -11.81 4.89
CA LYS A 40 -3.84 -11.69 6.00
C LYS A 40 -3.70 -10.33 6.68
N HIS A 41 -2.47 -9.89 6.87
CA HIS A 41 -2.19 -8.61 7.51
C HIS A 41 -2.77 -7.46 6.68
N VAL A 42 -2.54 -7.51 5.37
CA VAL A 42 -3.03 -6.48 4.48
C VAL A 42 -4.55 -6.37 4.53
N ILE A 43 -5.22 -7.51 4.69
CA ILE A 43 -6.66 -7.55 4.76
C ILE A 43 -7.16 -6.98 6.09
N ASP A 44 -6.59 -7.46 7.18
CA ASP A 44 -6.97 -7.00 8.51
C ASP A 44 -6.89 -5.48 8.60
N PHE A 45 -6.06 -4.88 7.76
CA PHE A 45 -5.89 -3.43 7.74
C PHE A 45 -7.08 -2.76 7.06
N PHE A 46 -7.47 -3.27 5.89
CA PHE A 46 -8.58 -2.72 5.14
C PHE A 46 -9.81 -3.60 5.28
N LYS A 47 -10.12 -3.98 6.51
CA LYS A 47 -11.29 -4.82 6.79
C LYS A 47 -12.58 -4.08 6.49
N LYS A 48 -13.69 -4.81 6.47
CA LYS A 48 -15.00 -4.21 6.21
C LYS A 48 -15.03 -3.57 4.82
N LEU A 49 -14.25 -4.11 3.90
CA LEU A 49 -14.19 -3.59 2.54
C LEU A 49 -14.08 -4.72 1.52
N ASP A 50 -14.11 -4.36 0.25
CA ASP A 50 -14.01 -5.35 -0.82
C ASP A 50 -12.64 -5.29 -1.50
N ILE A 51 -11.75 -6.18 -1.09
CA ILE A 51 -10.40 -6.23 -1.66
C ILE A 51 -10.19 -7.51 -2.45
N VAL A 52 -9.57 -7.38 -3.62
CA VAL A 52 -9.30 -8.53 -4.48
C VAL A 52 -8.07 -9.29 -4.00
N GLU A 53 -8.30 -10.38 -3.28
CA GLU A 53 -7.20 -11.20 -2.76
C GLU A 53 -6.08 -11.31 -3.78
N ASP A 54 -6.44 -11.26 -5.05
CA ASP A 54 -5.45 -11.35 -6.12
C ASP A 54 -4.60 -10.08 -6.20
N SER A 55 -5.26 -8.94 -6.32
CA SER A 55 -4.56 -7.66 -6.40
C SER A 55 -3.57 -7.51 -5.25
N ILE A 56 -4.04 -7.76 -4.04
CA ILE A 56 -3.18 -7.66 -2.86
C ILE A 56 -1.76 -8.11 -3.17
N TYR A 57 -0.86 -7.14 -3.31
CA TYR A 57 0.54 -7.44 -3.60
C TYR A 57 1.45 -7.04 -2.44
N ILE A 58 2.48 -7.83 -2.19
CA ILE A 58 3.42 -7.56 -1.11
C ILE A 58 4.85 -7.84 -1.53
N ALA A 59 5.76 -6.94 -1.19
CA ALA A 59 7.17 -7.10 -1.53
C ALA A 59 7.91 -7.92 -0.49
N TYR A 60 8.45 -9.04 -0.90
CA TYR A 60 9.17 -9.93 0.00
C TYR A 60 10.67 -9.91 -0.30
N GLY A 61 11.46 -9.41 0.65
CA GLY A 61 12.90 -9.33 0.47
C GLY A 61 13.48 -10.64 -0.03
N PRO A 62 14.79 -10.64 -0.32
CA PRO A 62 15.49 -11.83 -0.81
C PRO A 62 15.63 -12.90 0.27
N ASN A 63 15.34 -12.53 1.51
CA ASN A 63 15.43 -13.46 2.62
C ASN A 63 14.06 -13.98 3.02
N GLY A 64 13.07 -13.75 2.15
CA GLY A 64 11.72 -14.19 2.43
C GLY A 64 10.95 -13.21 3.29
N LYS A 65 11.67 -12.38 4.04
CA LYS A 65 11.06 -11.40 4.91
C LYS A 65 10.30 -10.35 4.10
N ALA A 66 9.57 -9.48 4.80
CA ALA A 66 8.81 -8.43 4.13
C ALA A 66 9.63 -7.15 4.00
N THR A 67 9.61 -6.56 2.80
CA THR A 67 10.35 -5.35 2.54
C THR A 67 9.70 -4.14 3.24
N GLY A 68 8.39 -4.22 3.45
CA GLY A 68 7.68 -3.14 4.11
C GLY A 68 6.88 -2.30 3.13
N GLU A 69 6.36 -2.93 2.09
CA GLU A 69 5.57 -2.23 1.08
C GLU A 69 4.50 -3.14 0.48
N GLY A 70 3.26 -2.68 0.49
CA GLY A 70 2.17 -3.47 -0.04
C GLY A 70 1.22 -2.64 -0.89
N PHE A 71 0.36 -3.32 -1.65
CA PHE A 71 -0.59 -2.64 -2.50
C PHE A 71 -1.92 -3.38 -2.53
N VAL A 72 -3.02 -2.63 -2.59
CA VAL A 72 -4.36 -3.22 -2.62
C VAL A 72 -5.27 -2.46 -3.57
N GLU A 73 -6.17 -3.19 -4.23
CA GLU A 73 -7.11 -2.58 -5.18
C GLU A 73 -8.55 -2.92 -4.81
N PHE A 74 -9.34 -1.90 -4.51
CA PHE A 74 -10.73 -2.08 -4.14
C PHE A 74 -11.63 -2.11 -5.39
N ARG A 75 -12.61 -3.02 -5.38
CA ARG A 75 -13.52 -3.15 -6.51
C ARG A 75 -14.24 -1.83 -6.78
N ASN A 76 -15.11 -1.44 -5.84
CA ASN A 76 -15.86 -0.20 -5.98
C ASN A 76 -15.05 1.00 -5.48
N GLU A 77 -15.63 2.19 -5.59
CA GLU A 77 -14.96 3.40 -5.15
C GLU A 77 -15.40 3.78 -3.73
N ALA A 78 -16.68 3.58 -3.45
CA ALA A 78 -17.22 3.91 -2.14
C ALA A 78 -16.37 3.31 -1.02
N ASP A 79 -15.91 2.07 -1.22
CA ASP A 79 -15.09 1.39 -0.24
C ASP A 79 -13.64 1.86 -0.32
N TYR A 80 -13.26 2.40 -1.49
CA TYR A 80 -11.90 2.89 -1.69
C TYR A 80 -11.64 4.14 -0.86
N LYS A 81 -12.47 5.16 -1.05
CA LYS A 81 -12.34 6.40 -0.32
C LYS A 81 -12.08 6.14 1.16
N ALA A 82 -12.85 5.21 1.74
CA ALA A 82 -12.71 4.85 3.14
C ALA A 82 -11.28 4.43 3.46
N ALA A 83 -10.74 3.52 2.64
CA ALA A 83 -9.39 3.02 2.84
C ALA A 83 -8.44 4.15 3.21
N LEU A 84 -8.62 5.31 2.58
CA LEU A 84 -7.77 6.46 2.85
C LEU A 84 -8.06 7.03 4.24
N CYS A 85 -9.31 6.95 4.66
CA CYS A 85 -9.70 7.45 5.98
C CYS A 85 -9.13 6.58 7.09
N ARG A 86 -8.44 5.51 6.70
CA ARG A 86 -7.84 4.60 7.67
C ARG A 86 -6.35 4.88 7.82
N HIS A 87 -5.98 6.15 7.77
CA HIS A 87 -4.59 6.55 7.91
C HIS A 87 -4.19 6.61 9.39
N LYS A 88 -2.88 6.57 9.63
CA LYS A 88 -2.36 6.62 11.00
C LYS A 88 -2.81 5.39 11.79
N GLN A 89 -2.58 4.21 11.23
CA GLN A 89 -2.97 2.97 11.89
C GLN A 89 -1.74 2.08 12.12
N TYR A 90 -1.78 1.31 13.20
CA TYR A 90 -0.68 0.42 13.55
C TYR A 90 -1.07 -1.04 13.35
N MET A 91 -0.26 -1.77 12.60
CA MET A 91 -0.52 -3.19 12.33
C MET A 91 0.02 -4.06 13.46
N GLY A 92 -0.77 -4.21 14.52
CA GLY A 92 -0.35 -5.01 15.65
C GLY A 92 0.72 -4.34 16.48
N ASN A 93 1.97 -4.50 16.07
CA ASN A 93 3.09 -3.90 16.79
C ASN A 93 3.88 -2.95 15.88
N ARG A 94 3.51 -2.93 14.60
CA ARG A 94 4.18 -2.07 13.64
C ARG A 94 3.27 -0.93 13.20
N PHE A 95 3.85 0.05 12.52
CA PHE A 95 3.09 1.21 12.04
C PHE A 95 3.05 1.24 10.52
N ILE A 96 1.85 1.43 9.98
CA ILE A 96 1.67 1.47 8.52
C ILE A 96 1.02 2.79 8.10
N GLN A 97 1.35 3.24 6.89
CA GLN A 97 0.80 4.48 6.37
C GLN A 97 -0.03 4.22 5.11
N VAL A 98 -1.07 5.03 4.91
CA VAL A 98 -1.94 4.88 3.75
C VAL A 98 -1.73 6.02 2.77
N HIS A 99 -1.47 5.67 1.51
CA HIS A 99 -1.25 6.67 0.46
C HIS A 99 -1.86 6.21 -0.85
N PRO A 100 -2.68 7.08 -1.47
CA PRO A 100 -3.34 6.79 -2.73
C PRO A 100 -2.36 6.75 -3.91
N ILE A 101 -2.55 5.79 -4.80
CA ILE A 101 -1.67 5.65 -5.96
C ILE A 101 -2.42 5.03 -7.14
N THR A 102 -2.20 5.59 -8.32
CA THR A 102 -2.85 5.09 -9.53
C THR A 102 -2.32 3.72 -9.92
N LYS A 103 -3.15 2.94 -10.61
CA LYS A 103 -2.76 1.60 -11.05
C LYS A 103 -1.33 1.60 -11.59
N LYS A 104 -1.08 2.47 -12.56
CA LYS A 104 0.25 2.57 -13.17
C LYS A 104 1.33 2.67 -12.09
N GLY A 105 1.28 3.74 -11.31
CA GLY A 105 2.27 3.94 -10.25
C GLY A 105 2.44 2.71 -9.40
N MET A 106 1.33 2.06 -9.06
CA MET A 106 1.37 0.85 -8.23
C MET A 106 2.13 -0.27 -8.94
N LEU A 107 1.87 -0.43 -10.23
CA LEU A 107 2.53 -1.46 -11.02
C LEU A 107 3.99 -1.11 -11.26
N GLU A 108 4.27 0.18 -11.37
CA GLU A 108 5.64 0.64 -11.60
C GLU A 108 6.58 0.14 -10.51
N LYS A 109 6.12 0.24 -9.26
CA LYS A 109 6.93 -0.20 -8.13
C LYS A 109 7.04 -1.72 -8.10
N ILE A 110 5.89 -2.40 -8.15
CA ILE A 110 5.88 -3.86 -8.14
C ILE A 110 6.96 -4.44 -9.04
N ASP A 111 7.12 -3.84 -10.22
CA ASP A 111 8.12 -4.29 -11.17
C ASP A 111 9.53 -4.21 -10.57
N MET A 112 9.84 -3.05 -9.99
CA MET A 112 11.15 -2.83 -9.38
C MET A 112 11.44 -3.89 -8.32
N ILE A 113 10.43 -4.16 -7.49
CA ILE A 113 10.57 -5.15 -6.43
C ILE A 113 10.91 -6.52 -7.00
N ARG A 114 10.06 -7.01 -7.89
CA ARG A 114 10.27 -8.31 -8.51
C ARG A 114 11.71 -8.44 -9.05
N LYS A 115 12.09 -7.51 -9.91
CA LYS A 115 13.43 -7.52 -10.49
C LYS A 115 14.47 -7.86 -9.44
N ARG A 116 14.34 -7.27 -8.26
CA ARG A 116 15.28 -7.52 -7.17
C ARG A 116 15.42 -9.02 -6.91
N LEU A 117 14.29 -9.73 -6.93
CA LEU A 117 14.30 -11.17 -6.69
C LEU A 117 14.65 -11.93 -7.97
N GLN A 118 13.87 -11.72 -9.01
CA GLN A 118 14.10 -12.37 -10.30
C GLN A 118 15.59 -12.53 -10.57
N SER A 119 16.32 -11.41 -10.48
CA SER A 119 17.76 -11.41 -10.72
C SER A 119 18.07 -11.87 -12.14
N GLY A 120 17.28 -11.38 -13.09
CA GLY A 120 17.49 -11.74 -14.49
C GLY A 120 16.50 -11.07 -15.41
N PRO A 121 16.67 -11.28 -16.73
CA PRO A 121 15.80 -10.70 -17.75
C PRO A 121 14.40 -11.31 -17.73
N SER A 122 13.54 -10.84 -18.63
CA SER A 122 12.17 -11.33 -18.72
C SER A 122 12.04 -12.38 -19.81
N SER A 123 13.02 -13.27 -19.89
CA SER A 123 13.02 -14.32 -20.90
C SER A 123 12.48 -13.80 -22.23
N GLY A 124 12.89 -12.59 -22.60
CA GLY A 124 12.44 -12.01 -23.84
C GLY A 124 10.95 -11.71 -23.84
N GLY A 1 14.11 2.23 35.92
CA GLY A 1 13.17 3.24 35.46
C GLY A 1 13.36 3.58 33.99
N SER A 2 12.49 3.04 33.14
CA SER A 2 12.57 3.29 31.71
C SER A 2 11.21 3.67 31.15
N SER A 3 11.22 4.49 30.10
CA SER A 3 9.98 4.93 29.47
C SER A 3 10.18 5.15 27.97
N GLY A 4 9.07 5.27 27.24
CA GLY A 4 9.15 5.48 25.81
C GLY A 4 7.78 5.71 25.19
N SER A 5 7.36 6.96 25.14
CA SER A 5 6.06 7.31 24.57
C SER A 5 6.23 7.95 23.20
N SER A 6 5.17 7.91 22.40
CA SER A 6 5.20 8.49 21.06
C SER A 6 5.61 9.96 21.11
N GLY A 7 6.50 10.35 20.21
CA GLY A 7 6.97 11.72 20.17
C GLY A 7 7.67 12.06 18.87
N LYS A 8 8.88 11.54 18.70
CA LYS A 8 9.66 11.79 17.50
C LYS A 8 8.78 11.69 16.25
N SER A 9 8.37 12.83 15.71
CA SER A 9 7.53 12.87 14.53
C SER A 9 7.42 14.29 13.98
N PRO A 10 7.36 14.40 12.64
CA PRO A 10 7.26 15.70 11.97
C PRO A 10 5.90 16.36 12.18
N SER A 11 5.83 17.66 11.93
CA SER A 11 4.58 18.40 12.10
C SER A 11 3.50 17.86 11.18
N GLY A 12 3.85 17.62 9.93
CA GLY A 12 2.89 17.10 8.97
C GLY A 12 2.82 17.95 7.72
N GLN A 13 3.56 17.54 6.68
CA GLN A 13 3.57 18.26 5.42
C GLN A 13 3.78 17.32 4.25
N LYS A 14 2.83 17.32 3.31
CA LYS A 14 2.91 16.46 2.13
C LYS A 14 3.87 17.05 1.10
N ARG A 15 4.62 16.16 0.44
CA ARG A 15 5.57 16.59 -0.58
C ARG A 15 4.97 16.46 -1.98
N SER A 16 4.37 15.30 -2.25
CA SER A 16 3.75 15.04 -3.54
C SER A 16 2.25 15.29 -3.50
N ARG A 17 1.80 16.29 -4.24
CA ARG A 17 0.38 16.62 -4.29
C ARG A 17 -0.42 15.53 -4.98
N SER A 18 -0.12 15.29 -6.25
CA SER A 18 -0.82 14.27 -7.02
C SER A 18 0.13 13.62 -8.03
N ARG A 19 -0.03 12.31 -8.23
CA ARG A 19 0.80 11.57 -9.17
C ARG A 19 0.36 11.82 -10.60
N SER A 20 -0.89 11.47 -10.90
CA SER A 20 -1.44 11.65 -12.24
C SER A 20 -2.81 12.33 -12.18
N PRO A 21 -3.07 13.18 -13.18
CA PRO A 21 -4.35 13.91 -13.27
C PRO A 21 -5.52 13.00 -13.59
N HIS A 22 -5.32 12.11 -14.56
CA HIS A 22 -6.37 11.18 -14.97
C HIS A 22 -6.37 9.94 -14.06
N GLU A 23 -6.94 10.09 -12.87
CA GLU A 23 -7.01 9.00 -11.92
C GLU A 23 -7.34 7.69 -12.62
N ALA A 24 -6.58 6.64 -12.32
CA ALA A 24 -6.79 5.34 -12.92
C ALA A 24 -6.90 4.26 -11.86
N GLY A 25 -8.01 3.52 -11.87
CA GLY A 25 -8.22 2.46 -10.90
C GLY A 25 -8.12 2.96 -9.47
N PHE A 26 -8.62 2.15 -8.53
CA PHE A 26 -8.59 2.52 -7.12
C PHE A 26 -7.68 1.59 -6.33
N CYS A 27 -6.50 2.09 -5.97
CA CYS A 27 -5.53 1.30 -5.22
C CYS A 27 -4.98 2.09 -4.04
N VAL A 28 -4.28 1.41 -3.15
CA VAL A 28 -3.69 2.05 -1.97
C VAL A 28 -2.29 1.51 -1.70
N TYR A 29 -1.37 2.42 -1.37
CA TYR A 29 0.01 2.04 -1.07
C TYR A 29 0.25 2.00 0.43
N LEU A 30 0.59 0.82 0.94
CA LEU A 30 0.86 0.65 2.36
C LEU A 30 2.35 0.48 2.63
N LYS A 31 2.88 1.29 3.53
CA LYS A 31 4.30 1.22 3.88
C LYS A 31 4.49 1.08 5.38
N GLY A 32 5.03 -0.06 5.80
CA GLY A 32 5.24 -0.31 7.22
C GLY A 32 4.99 -1.75 7.60
N LEU A 33 4.29 -2.48 6.74
CA LEU A 33 3.97 -3.88 6.99
C LEU A 33 5.13 -4.58 7.71
N PRO A 34 4.79 -5.60 8.51
CA PRO A 34 5.78 -6.37 9.26
C PRO A 34 6.64 -7.24 8.36
N PHE A 35 7.73 -7.78 8.92
CA PHE A 35 8.64 -8.63 8.16
C PHE A 35 7.97 -9.96 7.80
N GLU A 36 7.14 -10.45 8.71
CA GLU A 36 6.44 -11.71 8.48
C GLU A 36 4.98 -11.47 8.09
N ALA A 37 4.73 -10.32 7.46
CA ALA A 37 3.38 -9.97 7.03
C ALA A 37 2.82 -11.00 6.06
N GLU A 38 1.53 -10.89 5.76
CA GLU A 38 0.88 -11.80 4.83
C GLU A 38 -0.43 -11.22 4.31
N ASN A 39 -0.87 -11.70 3.15
CA ASN A 39 -2.10 -11.22 2.56
C ASN A 39 -3.18 -10.99 3.61
N LYS A 40 -3.29 -11.93 4.55
CA LYS A 40 -4.28 -11.84 5.62
C LYS A 40 -4.09 -10.55 6.41
N HIS A 41 -2.85 -10.25 6.76
CA HIS A 41 -2.54 -9.04 7.52
C HIS A 41 -3.08 -7.81 6.80
N VAL A 42 -2.79 -7.70 5.51
CA VAL A 42 -3.24 -6.57 4.71
C VAL A 42 -4.76 -6.49 4.67
N ILE A 43 -5.41 -7.66 4.59
CA ILE A 43 -6.86 -7.72 4.55
C ILE A 43 -7.47 -7.05 5.77
N ASP A 44 -6.98 -7.41 6.95
CA ASP A 44 -7.48 -6.83 8.19
C ASP A 44 -7.31 -5.32 8.21
N PHE A 45 -6.12 -4.86 7.86
CA PHE A 45 -5.82 -3.43 7.83
C PHE A 45 -6.99 -2.65 7.25
N PHE A 46 -7.59 -3.18 6.18
CA PHE A 46 -8.72 -2.52 5.54
C PHE A 46 -9.98 -3.38 5.67
N LYS A 47 -10.28 -3.80 6.89
CA LYS A 47 -11.46 -4.62 7.15
C LYS A 47 -12.73 -3.91 6.69
N LYS A 48 -13.79 -4.68 6.50
CA LYS A 48 -15.07 -4.13 6.05
C LYS A 48 -14.93 -3.48 4.68
N LEU A 49 -14.10 -4.06 3.83
CA LEU A 49 -13.88 -3.54 2.49
C LEU A 49 -13.62 -4.66 1.50
N ASP A 50 -13.70 -4.35 0.22
CA ASP A 50 -13.47 -5.34 -0.83
C ASP A 50 -12.02 -5.31 -1.30
N ILE A 51 -11.22 -6.23 -0.80
CA ILE A 51 -9.81 -6.31 -1.18
C ILE A 51 -9.54 -7.55 -2.03
N VAL A 52 -9.58 -7.37 -3.35
CA VAL A 52 -9.32 -8.47 -4.27
C VAL A 52 -8.06 -9.24 -3.88
N GLU A 53 -8.24 -10.29 -3.09
CA GLU A 53 -7.11 -11.10 -2.64
C GLU A 53 -6.05 -11.21 -3.74
N ASP A 54 -6.49 -11.53 -4.95
CA ASP A 54 -5.58 -11.66 -6.08
C ASP A 54 -4.77 -10.38 -6.28
N SER A 55 -5.44 -9.24 -6.22
CA SER A 55 -4.78 -7.96 -6.40
C SER A 55 -3.74 -7.73 -5.31
N ILE A 56 -4.12 -8.00 -4.07
CA ILE A 56 -3.22 -7.83 -2.93
C ILE A 56 -1.79 -8.22 -3.30
N TYR A 57 -0.89 -7.24 -3.30
CA TYR A 57 0.50 -7.48 -3.63
C TYR A 57 1.43 -6.93 -2.54
N ILE A 58 2.40 -7.75 -2.14
CA ILE A 58 3.35 -7.35 -1.11
C ILE A 58 4.78 -7.59 -1.56
N ALA A 59 5.65 -6.60 -1.32
CA ALA A 59 7.05 -6.71 -1.69
C ALA A 59 7.85 -7.50 -0.65
N TYR A 60 8.51 -8.56 -1.11
CA TYR A 60 9.30 -9.40 -0.22
C TYR A 60 10.78 -9.30 -0.56
N GLY A 61 11.61 -9.12 0.46
CA GLY A 61 13.05 -9.02 0.26
C GLY A 61 13.66 -10.31 -0.24
N PRO A 62 14.95 -10.26 -0.60
CA PRO A 62 15.68 -11.43 -1.10
C PRO A 62 15.92 -12.47 -0.01
N ASN A 63 15.59 -12.12 1.23
CA ASN A 63 15.77 -13.02 2.35
C ASN A 63 14.44 -13.61 2.81
N GLY A 64 13.43 -13.49 1.95
CA GLY A 64 12.12 -14.02 2.27
C GLY A 64 11.29 -13.05 3.11
N LYS A 65 11.97 -12.25 3.91
CA LYS A 65 11.30 -11.27 4.77
C LYS A 65 10.55 -10.24 3.93
N ALA A 66 9.71 -9.45 4.59
CA ALA A 66 8.94 -8.41 3.91
C ALA A 66 9.73 -7.10 3.86
N THR A 67 9.72 -6.46 2.69
CA THR A 67 10.42 -5.19 2.51
C THR A 67 9.73 -4.07 3.26
N GLY A 68 8.39 -4.13 3.31
CA GLY A 68 7.63 -3.11 4.01
C GLY A 68 6.79 -2.28 3.06
N GLU A 69 6.51 -2.83 1.88
CA GLU A 69 5.71 -2.12 0.88
C GLU A 69 4.64 -3.04 0.31
N GLY A 70 3.38 -2.65 0.46
CA GLY A 70 2.29 -3.45 -0.05
C GLY A 70 1.35 -2.65 -0.94
N PHE A 71 0.44 -3.34 -1.62
CA PHE A 71 -0.51 -2.69 -2.51
C PHE A 71 -1.86 -3.40 -2.47
N VAL A 72 -2.93 -2.61 -2.46
CA VAL A 72 -4.29 -3.16 -2.43
C VAL A 72 -5.21 -2.41 -3.38
N GLU A 73 -6.15 -3.12 -3.97
CA GLU A 73 -7.10 -2.52 -4.91
C GLU A 73 -8.53 -2.82 -4.49
N PHE A 74 -9.32 -1.76 -4.31
CA PHE A 74 -10.72 -1.91 -3.91
C PHE A 74 -11.63 -1.99 -5.13
N ARG A 75 -12.40 -3.06 -5.22
CA ARG A 75 -13.33 -3.26 -6.34
C ARG A 75 -14.23 -2.05 -6.51
N ASN A 76 -14.93 -1.68 -5.44
CA ASN A 76 -15.83 -0.53 -5.48
C ASN A 76 -15.07 0.78 -5.30
N GLU A 77 -15.71 1.89 -5.65
CA GLU A 77 -15.09 3.20 -5.52
C GLU A 77 -15.49 3.86 -4.20
N ALA A 78 -16.54 3.35 -3.58
CA ALA A 78 -17.03 3.88 -2.32
C ALA A 78 -16.12 3.49 -1.16
N ASP A 79 -15.69 2.24 -1.16
CA ASP A 79 -14.82 1.72 -0.11
C ASP A 79 -13.43 2.33 -0.23
N TYR A 80 -12.93 2.42 -1.45
CA TYR A 80 -11.60 2.97 -1.71
C TYR A 80 -11.42 4.31 -0.98
N LYS A 81 -12.45 5.14 -1.03
CA LYS A 81 -12.41 6.44 -0.37
C LYS A 81 -12.29 6.28 1.14
N ALA A 82 -12.96 5.26 1.68
CA ALA A 82 -12.91 5.00 3.11
C ALA A 82 -11.53 4.55 3.55
N ALA A 83 -10.86 3.80 2.68
CA ALA A 83 -9.52 3.30 2.99
C ALA A 83 -8.58 4.44 3.37
N LEU A 84 -8.61 5.50 2.59
CA LEU A 84 -7.76 6.66 2.85
C LEU A 84 -7.96 7.18 4.27
N CYS A 85 -9.20 7.15 4.74
CA CYS A 85 -9.51 7.61 6.09
C CYS A 85 -8.85 6.73 7.14
N ARG A 86 -8.25 5.63 6.69
CA ARG A 86 -7.57 4.70 7.59
C ARG A 86 -6.08 4.97 7.61
N HIS A 87 -5.71 6.25 7.67
CA HIS A 87 -4.31 6.64 7.70
C HIS A 87 -3.78 6.66 9.14
N LYS A 88 -2.46 6.57 9.28
CA LYS A 88 -1.83 6.57 10.59
C LYS A 88 -2.35 5.42 11.45
N GLN A 89 -2.45 4.24 10.84
CA GLN A 89 -2.95 3.07 11.55
C GLN A 89 -1.78 2.19 12.00
N TYR A 90 -1.99 1.47 13.11
CA TYR A 90 -0.96 0.59 13.65
C TYR A 90 -1.39 -0.87 13.55
N MET A 91 -0.66 -1.64 12.74
CA MET A 91 -0.95 -3.06 12.56
C MET A 91 -0.57 -3.85 13.80
N GLY A 92 -1.45 -3.82 14.80
CA GLY A 92 -1.20 -4.56 16.03
C GLY A 92 -0.10 -3.91 16.87
N ASN A 93 1.14 -4.14 16.47
CA ASN A 93 2.29 -3.58 17.19
C ASN A 93 3.14 -2.72 16.28
N ARG A 94 2.96 -2.90 14.97
CA ARG A 94 3.72 -2.14 13.99
C ARG A 94 2.89 -0.98 13.44
N PHE A 95 3.54 -0.11 12.67
CA PHE A 95 2.86 1.04 12.09
C PHE A 95 2.96 1.03 10.56
N ILE A 96 1.86 1.37 9.91
CA ILE A 96 1.82 1.38 8.44
C ILE A 96 1.25 2.71 7.93
N GLN A 97 1.80 3.18 6.81
CA GLN A 97 1.36 4.43 6.22
C GLN A 97 0.40 4.17 5.05
N VAL A 98 -0.65 4.98 4.96
CA VAL A 98 -1.63 4.84 3.90
C VAL A 98 -1.57 6.01 2.93
N HIS A 99 -1.31 5.72 1.66
CA HIS A 99 -1.22 6.75 0.63
C HIS A 99 -1.87 6.28 -0.67
N PRO A 100 -2.65 7.17 -1.29
CA PRO A 100 -3.34 6.86 -2.54
C PRO A 100 -2.38 6.73 -3.72
N ILE A 101 -2.59 5.72 -4.56
CA ILE A 101 -1.75 5.50 -5.71
C ILE A 101 -2.55 4.94 -6.88
N THR A 102 -2.33 5.49 -8.07
CA THR A 102 -3.03 5.05 -9.27
C THR A 102 -2.62 3.63 -9.65
N LYS A 103 -3.52 2.93 -10.34
CA LYS A 103 -3.25 1.56 -10.78
C LYS A 103 -1.87 1.46 -11.42
N LYS A 104 -1.63 2.30 -12.42
CA LYS A 104 -0.36 2.29 -13.13
C LYS A 104 0.80 2.46 -12.15
N GLY A 105 0.83 3.59 -11.46
CA GLY A 105 1.89 3.86 -10.50
C GLY A 105 2.11 2.70 -9.56
N MET A 106 1.04 1.95 -9.27
CA MET A 106 1.13 0.81 -8.37
C MET A 106 1.89 -0.34 -9.02
N LEU A 107 1.59 -0.61 -10.28
CA LEU A 107 2.25 -1.68 -11.02
C LEU A 107 3.72 -1.35 -11.26
N GLU A 108 3.99 -0.08 -11.56
CA GLU A 108 5.36 0.36 -11.81
C GLU A 108 6.32 -0.21 -10.77
N LYS A 109 5.96 -0.09 -9.51
CA LYS A 109 6.78 -0.61 -8.42
C LYS A 109 6.81 -2.13 -8.43
N ILE A 110 5.64 -2.74 -8.52
CA ILE A 110 5.53 -4.20 -8.55
C ILE A 110 6.49 -4.80 -9.56
N ASP A 111 6.96 -3.98 -10.49
CA ASP A 111 7.88 -4.43 -11.52
C ASP A 111 9.32 -4.37 -11.02
N MET A 112 9.75 -3.18 -10.60
CA MET A 112 11.11 -2.99 -10.11
C MET A 112 11.40 -3.95 -8.95
N ILE A 113 10.41 -4.13 -8.08
CA ILE A 113 10.57 -5.04 -6.94
C ILE A 113 10.83 -6.46 -7.39
N ARG A 114 10.15 -6.88 -8.46
CA ARG A 114 10.31 -8.22 -8.99
C ARG A 114 11.76 -8.49 -9.37
N LYS A 115 12.26 -7.75 -10.35
CA LYS A 115 13.63 -7.90 -10.80
C LYS A 115 14.58 -8.08 -9.63
N ARG A 116 14.54 -7.13 -8.69
CA ARG A 116 15.40 -7.18 -7.51
C ARG A 116 15.53 -8.62 -7.00
N LEU A 117 14.42 -9.36 -7.02
CA LEU A 117 14.42 -10.74 -6.56
C LEU A 117 15.00 -11.67 -7.62
N GLN A 118 14.41 -11.65 -8.81
CA GLN A 118 14.88 -12.49 -9.91
C GLN A 118 16.40 -12.46 -10.01
N SER A 119 16.97 -11.26 -9.88
CA SER A 119 18.42 -11.11 -9.96
C SER A 119 19.06 -11.24 -8.58
N GLY A 120 20.18 -11.95 -8.51
CA GLY A 120 20.88 -12.14 -7.26
C GLY A 120 21.67 -10.92 -6.84
N PRO A 121 22.12 -10.90 -5.58
CA PRO A 121 22.90 -9.79 -5.03
C PRO A 121 24.30 -9.72 -5.64
N SER A 122 24.79 -10.85 -6.12
CA SER A 122 26.12 -10.91 -6.73
C SER A 122 26.04 -11.41 -8.17
N SER A 123 26.68 -10.68 -9.08
CA SER A 123 26.67 -11.05 -10.49
C SER A 123 28.09 -11.35 -10.98
N GLY A 124 28.20 -11.88 -12.18
CA GLY A 124 29.50 -12.21 -12.74
C GLY A 124 30.36 -10.98 -12.95
N GLY A 1 -18.14 11.50 15.53
CA GLY A 1 -17.90 11.67 16.95
C GLY A 1 -17.46 10.39 17.61
N SER A 2 -16.46 10.48 18.49
CA SER A 2 -15.95 9.32 19.19
C SER A 2 -15.89 9.57 20.69
N SER A 3 -15.68 8.51 21.46
CA SER A 3 -15.60 8.60 22.92
C SER A 3 -14.44 7.78 23.46
N GLY A 4 -14.13 7.98 24.74
CA GLY A 4 -13.03 7.25 25.36
C GLY A 4 -11.68 7.85 25.03
N SER A 5 -10.68 7.51 25.84
CA SER A 5 -9.34 8.03 25.63
C SER A 5 -8.71 7.43 24.38
N SER A 6 -9.02 8.04 23.23
CA SER A 6 -8.49 7.56 21.95
C SER A 6 -6.97 7.63 21.94
N GLY A 7 -6.35 6.76 21.14
CA GLY A 7 -4.90 6.75 21.04
C GLY A 7 -4.33 8.06 20.55
N LYS A 8 -4.10 8.98 21.48
CA LYS A 8 -3.55 10.29 21.14
C LYS A 8 -2.30 10.15 20.29
N SER A 9 -1.96 11.20 19.56
CA SER A 9 -0.78 11.20 18.70
C SER A 9 0.19 12.30 19.11
N PRO A 10 1.09 11.98 20.06
CA PRO A 10 2.09 12.92 20.55
C PRO A 10 3.16 13.22 19.52
N SER A 11 3.09 12.54 18.38
CA SER A 11 4.06 12.74 17.31
C SER A 11 4.07 14.19 16.85
N GLY A 12 2.97 14.62 16.24
CA GLY A 12 2.87 15.98 15.75
C GLY A 12 1.94 16.11 14.56
N GLN A 13 1.77 17.34 14.07
CA GLN A 13 0.89 17.59 12.94
C GLN A 13 1.62 17.32 11.62
N LYS A 14 0.87 17.23 10.54
CA LYS A 14 1.43 16.98 9.22
C LYS A 14 0.40 17.23 8.12
N ARG A 15 0.75 18.07 7.17
CA ARG A 15 -0.15 18.40 6.06
C ARG A 15 0.55 19.28 5.04
N SER A 16 0.20 19.08 3.76
CA SER A 16 0.79 19.87 2.69
C SER A 16 -0.13 19.91 1.47
N ARG A 17 0.21 20.75 0.50
CA ARG A 17 -0.59 20.88 -0.71
C ARG A 17 -0.16 19.87 -1.76
N SER A 18 -1.08 19.52 -2.65
CA SER A 18 -0.79 18.55 -3.70
C SER A 18 -1.63 18.83 -4.94
N ARG A 19 -1.34 18.11 -6.02
CA ARG A 19 -2.07 18.29 -7.28
C ARG A 19 -2.98 17.10 -7.55
N SER A 20 -3.74 17.18 -8.63
CA SER A 20 -4.68 16.13 -9.00
C SER A 20 -4.43 15.64 -10.41
N PRO A 21 -3.46 14.73 -10.57
CA PRO A 21 -3.09 14.17 -11.88
C PRO A 21 -4.18 13.25 -12.43
N HIS A 22 -3.95 12.74 -13.64
CA HIS A 22 -4.90 11.85 -14.28
C HIS A 22 -5.10 10.58 -13.45
N GLU A 23 -6.17 10.57 -12.65
CA GLU A 23 -6.47 9.42 -11.81
C GLU A 23 -6.75 8.18 -12.66
N ALA A 24 -6.52 7.00 -12.08
CA ALA A 24 -6.75 5.75 -12.78
C ALA A 24 -6.97 4.61 -11.79
N GLY A 25 -8.07 3.89 -11.97
CA GLY A 25 -8.38 2.78 -11.08
C GLY A 25 -8.43 3.19 -9.62
N PHE A 26 -8.59 2.21 -8.74
CA PHE A 26 -8.66 2.48 -7.30
C PHE A 26 -7.76 1.53 -6.53
N CYS A 27 -6.59 2.01 -6.15
CA CYS A 27 -5.63 1.20 -5.40
C CYS A 27 -5.08 1.97 -4.20
N VAL A 28 -4.39 1.27 -3.32
CA VAL A 28 -3.82 1.89 -2.13
C VAL A 28 -2.39 1.42 -1.90
N TYR A 29 -1.53 2.34 -1.48
CA TYR A 29 -0.12 2.03 -1.23
C TYR A 29 0.18 2.04 0.27
N LEU A 30 0.47 0.88 0.82
CA LEU A 30 0.78 0.75 2.24
C LEU A 30 2.29 0.63 2.46
N LYS A 31 2.79 1.35 3.46
CA LYS A 31 4.22 1.32 3.77
C LYS A 31 4.44 1.21 5.28
N GLY A 32 5.08 0.13 5.70
CA GLY A 32 5.33 -0.07 7.11
C GLY A 32 5.07 -1.50 7.55
N LEU A 33 4.42 -2.27 6.70
CA LEU A 33 4.11 -3.66 7.01
C LEU A 33 5.27 -4.33 7.73
N PRO A 34 4.94 -5.27 8.64
CA PRO A 34 5.93 -6.01 9.41
C PRO A 34 6.74 -6.98 8.56
N PHE A 35 7.94 -7.32 9.02
CA PHE A 35 8.81 -8.24 8.29
C PHE A 35 8.13 -9.60 8.11
N GLU A 36 7.24 -9.93 9.03
CA GLU A 36 6.52 -11.20 8.97
C GLU A 36 5.06 -10.99 8.59
N ALA A 37 4.81 -9.94 7.80
CA ALA A 37 3.45 -9.63 7.36
C ALA A 37 2.90 -10.71 6.45
N GLU A 38 1.59 -10.73 6.27
CA GLU A 38 0.94 -11.71 5.42
C GLU A 38 -0.33 -11.14 4.79
N ASN A 39 -0.75 -11.74 3.68
CA ASN A 39 -1.96 -11.29 2.98
C ASN A 39 -3.08 -10.99 3.97
N LYS A 40 -3.14 -11.77 5.03
CA LYS A 40 -4.16 -11.60 6.06
C LYS A 40 -4.03 -10.24 6.74
N HIS A 41 -2.79 -9.86 7.06
CA HIS A 41 -2.53 -8.58 7.71
C HIS A 41 -3.06 -7.43 6.87
N VAL A 42 -2.77 -7.47 5.56
CA VAL A 42 -3.22 -6.42 4.66
C VAL A 42 -4.74 -6.28 4.68
N ILE A 43 -5.43 -7.40 4.90
CA ILE A 43 -6.89 -7.40 4.95
C ILE A 43 -7.39 -6.81 6.26
N ASP A 44 -6.86 -7.32 7.38
CA ASP A 44 -7.25 -6.84 8.70
C ASP A 44 -7.15 -5.32 8.77
N PHE A 45 -6.31 -4.74 7.93
CA PHE A 45 -6.11 -3.29 7.91
C PHE A 45 -7.27 -2.61 7.19
N PHE A 46 -7.61 -3.10 6.01
CA PHE A 46 -8.70 -2.54 5.22
C PHE A 46 -9.96 -3.38 5.35
N LYS A 47 -10.29 -3.76 6.59
CA LYS A 47 -11.47 -4.57 6.85
C LYS A 47 -12.74 -3.80 6.52
N LYS A 48 -13.88 -4.48 6.59
CA LYS A 48 -15.16 -3.85 6.31
C LYS A 48 -15.18 -3.24 4.91
N LEU A 49 -14.38 -3.80 4.02
CA LEU A 49 -14.30 -3.31 2.64
C LEU A 49 -14.15 -4.46 1.65
N ASP A 50 -14.21 -4.14 0.36
CA ASP A 50 -14.09 -5.15 -0.68
C ASP A 50 -12.71 -5.08 -1.33
N ILE A 51 -11.89 -6.08 -1.06
CA ILE A 51 -10.54 -6.14 -1.62
C ILE A 51 -10.33 -7.43 -2.39
N VAL A 52 -9.69 -7.32 -3.55
CA VAL A 52 -9.40 -8.49 -4.39
C VAL A 52 -8.22 -9.28 -3.86
N GLU A 53 -8.50 -10.32 -3.09
CA GLU A 53 -7.46 -11.16 -2.52
C GLU A 53 -6.30 -11.32 -3.50
N ASP A 54 -6.62 -11.29 -4.78
CA ASP A 54 -5.61 -11.45 -5.83
C ASP A 54 -4.76 -10.19 -5.95
N SER A 55 -5.41 -9.04 -5.97
CA SER A 55 -4.72 -7.76 -6.08
C SER A 55 -3.69 -7.60 -4.96
N ILE A 56 -4.13 -7.80 -3.72
CA ILE A 56 -3.26 -7.68 -2.57
C ILE A 56 -1.85 -8.17 -2.89
N TYR A 57 -0.92 -7.24 -3.03
CA TYR A 57 0.47 -7.57 -3.35
C TYR A 57 1.40 -7.15 -2.21
N ILE A 58 2.43 -7.95 -1.97
CA ILE A 58 3.39 -7.65 -0.92
C ILE A 58 4.81 -7.94 -1.38
N ALA A 59 5.71 -6.99 -1.14
CA ALA A 59 7.11 -7.14 -1.53
C ALA A 59 7.89 -7.93 -0.49
N TYR A 60 8.61 -8.95 -0.94
CA TYR A 60 9.40 -9.79 -0.04
C TYR A 60 10.88 -9.72 -0.40
N GLY A 61 11.71 -9.39 0.59
CA GLY A 61 13.14 -9.30 0.37
C GLY A 61 13.76 -10.64 0.06
N PRO A 62 15.09 -10.64 -0.18
CA PRO A 62 15.83 -11.86 -0.49
C PRO A 62 15.97 -12.78 0.72
N ASN A 63 15.78 -12.21 1.91
CA ASN A 63 15.88 -12.98 3.14
C ASN A 63 14.56 -13.66 3.48
N GLY A 64 13.75 -13.89 2.44
CA GLY A 64 12.46 -14.53 2.64
C GLY A 64 11.61 -13.81 3.67
N LYS A 65 11.68 -12.48 3.67
CA LYS A 65 10.91 -11.68 4.61
C LYS A 65 10.16 -10.56 3.89
N ALA A 66 9.34 -9.82 4.63
CA ALA A 66 8.58 -8.72 4.06
C ALA A 66 9.36 -7.42 4.14
N THR A 67 9.58 -6.80 2.98
CA THR A 67 10.32 -5.54 2.91
C THR A 67 9.62 -4.45 3.73
N GLY A 68 8.34 -4.27 3.49
CA GLY A 68 7.59 -3.25 4.21
C GLY A 68 6.72 -2.41 3.30
N GLU A 69 6.29 -2.99 2.18
CA GLU A 69 5.44 -2.28 1.22
C GLU A 69 4.40 -3.21 0.62
N GLY A 70 3.18 -2.70 0.46
CA GLY A 70 2.11 -3.50 -0.09
C GLY A 70 1.18 -2.68 -0.97
N PHE A 71 0.25 -3.36 -1.64
CA PHE A 71 -0.70 -2.70 -2.52
C PHE A 71 -2.04 -3.43 -2.53
N VAL A 72 -3.12 -2.66 -2.57
CA VAL A 72 -4.46 -3.22 -2.58
C VAL A 72 -5.38 -2.45 -3.51
N GLU A 73 -6.22 -3.17 -4.25
CA GLU A 73 -7.15 -2.55 -5.19
C GLU A 73 -8.59 -2.84 -4.79
N PHE A 74 -9.34 -1.78 -4.48
CA PHE A 74 -10.73 -1.91 -4.08
C PHE A 74 -11.65 -1.93 -5.30
N ARG A 75 -12.45 -2.99 -5.41
CA ARG A 75 -13.38 -3.13 -6.53
C ARG A 75 -14.09 -1.81 -6.83
N ASN A 76 -14.98 -1.41 -5.92
CA ASN A 76 -15.73 -0.18 -6.09
C ASN A 76 -14.89 1.03 -5.69
N GLU A 77 -15.40 2.22 -5.97
CA GLU A 77 -14.69 3.45 -5.63
C GLU A 77 -15.15 3.99 -4.28
N ALA A 78 -16.41 3.76 -3.94
CA ALA A 78 -16.96 4.22 -2.68
C ALA A 78 -16.16 3.68 -1.50
N ASP A 79 -15.69 2.45 -1.63
CA ASP A 79 -14.90 1.81 -0.58
C ASP A 79 -13.43 2.17 -0.70
N TYR A 80 -13.06 2.74 -1.84
CA TYR A 80 -11.67 3.13 -2.09
C TYR A 80 -11.31 4.38 -1.31
N LYS A 81 -12.22 5.36 -1.33
CA LYS A 81 -12.00 6.62 -0.62
C LYS A 81 -11.94 6.39 0.88
N ALA A 82 -12.79 5.51 1.38
CA ALA A 82 -12.83 5.19 2.80
C ALA A 82 -11.49 4.65 3.29
N ALA A 83 -10.88 3.80 2.47
CA ALA A 83 -9.59 3.20 2.80
C ALA A 83 -8.62 4.26 3.31
N LEU A 84 -8.55 5.38 2.61
CA LEU A 84 -7.65 6.47 2.97
C LEU A 84 -7.91 6.92 4.40
N CYS A 85 -9.18 7.06 4.76
CA CYS A 85 -9.56 7.49 6.10
C CYS A 85 -8.92 6.60 7.16
N ARG A 86 -8.45 5.43 6.73
CA ARG A 86 -7.82 4.49 7.64
C ARG A 86 -6.30 4.72 7.70
N HIS A 87 -5.92 5.96 7.95
CA HIS A 87 -4.51 6.31 8.04
C HIS A 87 -4.06 6.44 9.49
N LYS A 88 -2.76 6.46 9.71
CA LYS A 88 -2.20 6.58 11.05
C LYS A 88 -2.63 5.39 11.92
N GLN A 89 -2.53 4.19 11.37
CA GLN A 89 -2.91 2.98 12.09
C GLN A 89 -1.70 2.07 12.27
N TYR A 90 -1.75 1.24 13.30
CA TYR A 90 -0.66 0.31 13.59
C TYR A 90 -1.10 -1.14 13.36
N MET A 91 -0.27 -1.89 12.65
CA MET A 91 -0.58 -3.29 12.36
C MET A 91 -0.06 -4.20 13.46
N GLY A 92 -0.94 -4.51 14.42
CA GLY A 92 -0.55 -5.37 15.52
C GLY A 92 0.42 -4.70 16.47
N ASN A 93 1.71 -4.74 16.11
CA ASN A 93 2.75 -4.14 16.93
C ASN A 93 3.57 -3.15 16.12
N ARG A 94 3.44 -3.21 14.80
CA ARG A 94 4.16 -2.31 13.91
C ARG A 94 3.27 -1.17 13.44
N PHE A 95 3.85 -0.27 12.65
CA PHE A 95 3.11 0.87 12.12
C PHE A 95 3.06 0.84 10.59
N ILE A 96 1.89 1.13 10.04
CA ILE A 96 1.71 1.14 8.59
C ILE A 96 1.14 2.47 8.11
N GLN A 97 1.64 2.95 6.98
CA GLN A 97 1.18 4.21 6.41
C GLN A 97 0.28 3.97 5.20
N VAL A 98 -0.63 4.90 4.94
CA VAL A 98 -1.54 4.79 3.81
C VAL A 98 -1.35 5.93 2.83
N HIS A 99 -1.22 5.59 1.55
CA HIS A 99 -1.03 6.59 0.50
C HIS A 99 -1.71 6.15 -0.80
N PRO A 100 -2.49 7.06 -1.39
CA PRO A 100 -3.21 6.79 -2.64
C PRO A 100 -2.26 6.68 -3.83
N ILE A 101 -2.55 5.74 -4.73
CA ILE A 101 -1.73 5.53 -5.91
C ILE A 101 -2.55 4.98 -7.06
N THR A 102 -2.31 5.49 -8.27
CA THR A 102 -3.04 5.05 -9.45
C THR A 102 -2.69 3.60 -9.79
N LYS A 103 -3.64 2.91 -10.41
CA LYS A 103 -3.43 1.51 -10.79
C LYS A 103 -2.14 1.35 -11.58
N LYS A 104 -1.85 2.32 -12.43
CA LYS A 104 -0.64 2.30 -13.25
C LYS A 104 0.61 2.48 -12.39
N GLY A 105 0.49 3.35 -11.38
CA GLY A 105 1.61 3.60 -10.50
C GLY A 105 1.78 2.52 -9.44
N MET A 106 0.83 1.60 -9.39
CA MET A 106 0.87 0.51 -8.42
C MET A 106 1.60 -0.70 -8.99
N LEU A 107 1.45 -0.91 -10.30
CA LEU A 107 2.09 -2.03 -10.97
C LEU A 107 3.55 -1.71 -11.31
N GLU A 108 3.79 -0.45 -11.65
CA GLU A 108 5.14 0.00 -12.00
C GLU A 108 6.15 -0.46 -10.94
N LYS A 109 5.88 -0.13 -9.69
CA LYS A 109 6.75 -0.49 -8.58
C LYS A 109 6.88 -2.01 -8.48
N ILE A 110 5.74 -2.69 -8.43
CA ILE A 110 5.72 -4.15 -8.32
C ILE A 110 6.73 -4.77 -9.27
N ASP A 111 6.85 -4.21 -10.47
CA ASP A 111 7.80 -4.72 -11.46
C ASP A 111 9.23 -4.53 -10.99
N MET A 112 9.55 -3.32 -10.53
CA MET A 112 10.90 -3.02 -10.06
C MET A 112 11.32 -4.00 -8.97
N ILE A 113 10.37 -4.40 -8.13
CA ILE A 113 10.64 -5.34 -7.05
C ILE A 113 11.07 -6.69 -7.59
N ARG A 114 10.28 -7.23 -8.51
CA ARG A 114 10.57 -8.52 -9.12
C ARG A 114 11.94 -8.52 -9.79
N LYS A 115 12.10 -7.66 -10.79
CA LYS A 115 13.36 -7.54 -11.51
C LYS A 115 14.53 -7.36 -10.55
N ARG A 116 14.30 -6.61 -9.48
CA ARG A 116 15.32 -6.35 -8.48
C ARG A 116 15.76 -7.65 -7.80
N LEU A 117 14.79 -8.55 -7.58
CA LEU A 117 15.07 -9.82 -6.93
C LEU A 117 15.74 -10.79 -7.91
N GLN A 118 15.01 -11.15 -8.96
CA GLN A 118 15.52 -12.07 -9.97
C GLN A 118 17.01 -11.82 -10.22
N SER A 119 17.35 -10.55 -10.45
CA SER A 119 18.74 -10.17 -10.71
C SER A 119 19.64 -10.58 -9.56
N GLY A 120 20.53 -11.54 -9.81
CA GLY A 120 21.44 -12.00 -8.78
C GLY A 120 22.11 -13.33 -9.14
N PRO A 121 21.48 -14.43 -8.74
CA PRO A 121 21.99 -15.78 -9.01
C PRO A 121 21.90 -16.14 -10.49
N SER A 122 22.67 -17.15 -10.89
CA SER A 122 22.67 -17.60 -12.29
C SER A 122 22.52 -19.11 -12.37
N SER A 123 23.38 -19.82 -11.65
CA SER A 123 23.34 -21.29 -11.65
C SER A 123 22.68 -21.81 -10.37
N GLY A 124 22.46 -23.12 -10.31
CA GLY A 124 21.84 -23.72 -9.16
C GLY A 124 22.65 -24.87 -8.59
N GLY A 1 5.33 -10.88 28.36
CA GLY A 1 4.39 -10.04 27.63
C GLY A 1 4.89 -8.61 27.49
N SER A 2 4.59 -8.00 26.35
CA SER A 2 5.02 -6.62 26.09
C SER A 2 3.99 -5.88 25.25
N SER A 3 3.90 -4.58 25.45
CA SER A 3 2.94 -3.75 24.72
C SER A 3 3.42 -2.30 24.66
N GLY A 4 3.22 -1.67 23.51
CA GLY A 4 3.63 -0.28 23.34
C GLY A 4 3.68 0.13 21.88
N SER A 5 3.76 1.44 21.64
CA SER A 5 3.82 1.97 20.29
C SER A 5 5.05 2.83 20.08
N SER A 6 5.94 2.38 19.21
CA SER A 6 7.17 3.12 18.93
C SER A 6 6.97 4.10 17.79
N GLY A 7 6.82 5.38 18.14
CA GLY A 7 6.62 6.40 17.12
C GLY A 7 6.01 7.67 17.70
N LYS A 8 6.69 8.78 17.51
CA LYS A 8 6.21 10.07 18.01
C LYS A 8 6.27 11.14 16.91
N SER A 9 7.40 11.22 16.24
CA SER A 9 7.58 12.19 15.16
C SER A 9 7.92 11.50 13.85
N PRO A 10 7.22 11.88 12.77
CA PRO A 10 7.42 11.31 11.44
C PRO A 10 8.76 11.74 10.83
N SER A 11 9.55 10.76 10.40
CA SER A 11 10.85 11.03 9.80
C SER A 11 10.99 10.31 8.46
N GLY A 12 10.60 10.99 7.39
CA GLY A 12 10.70 10.40 6.07
C GLY A 12 10.05 11.25 5.00
N GLN A 13 8.82 11.66 5.24
CA GLN A 13 8.08 12.49 4.28
C GLN A 13 7.21 13.51 5.01
N LYS A 14 7.09 14.70 4.44
CA LYS A 14 6.29 15.76 5.03
C LYS A 14 5.82 16.74 3.96
N ARG A 15 4.51 16.99 3.92
CA ARG A 15 3.94 17.92 2.95
C ARG A 15 4.42 17.58 1.54
N SER A 16 4.44 16.29 1.21
CA SER A 16 4.88 15.84 -0.10
C SER A 16 3.83 14.92 -0.73
N ARG A 17 3.31 15.34 -1.88
CA ARG A 17 2.30 14.56 -2.58
C ARG A 17 2.58 14.53 -4.08
N SER A 18 1.95 13.61 -4.79
CA SER A 18 2.13 13.46 -6.23
C SER A 18 0.92 12.80 -6.87
N ARG A 19 0.42 13.41 -7.93
CA ARG A 19 -0.74 12.88 -8.65
C ARG A 19 -0.52 12.92 -10.16
N SER A 20 -1.39 12.23 -10.90
CA SER A 20 -1.28 12.20 -12.35
C SER A 20 -2.67 12.03 -12.99
N PRO A 21 -2.86 12.68 -14.14
CA PRO A 21 -4.13 12.63 -14.87
C PRO A 21 -4.38 11.26 -15.50
N HIS A 22 -3.33 10.44 -15.55
CA HIS A 22 -3.44 9.10 -16.12
C HIS A 22 -4.61 8.34 -15.51
N GLU A 23 -5.47 7.78 -16.36
CA GLU A 23 -6.62 7.04 -15.89
C GLU A 23 -6.20 5.68 -15.32
N ALA A 24 -6.87 5.26 -14.25
CA ALA A 24 -6.57 3.98 -13.62
C ALA A 24 -7.61 3.64 -12.57
N GLY A 25 -7.56 2.40 -12.08
CA GLY A 25 -8.51 1.96 -11.06
C GLY A 25 -8.31 2.67 -9.73
N PHE A 26 -8.28 1.89 -8.65
CA PHE A 26 -8.09 2.45 -7.32
C PHE A 26 -7.24 1.53 -6.46
N CYS A 27 -6.04 2.00 -6.09
CA CYS A 27 -5.13 1.22 -5.27
C CYS A 27 -4.58 2.07 -4.13
N VAL A 28 -4.21 1.40 -3.03
CA VAL A 28 -3.66 2.09 -1.87
C VAL A 28 -2.28 1.55 -1.53
N TYR A 29 -1.34 2.47 -1.28
CA TYR A 29 0.03 2.09 -0.94
C TYR A 29 0.22 2.07 0.58
N LEU A 30 0.68 0.94 1.08
CA LEU A 30 0.90 0.78 2.52
C LEU A 30 2.39 0.61 2.81
N LYS A 31 2.90 1.39 3.76
CA LYS A 31 4.31 1.31 4.15
C LYS A 31 4.45 1.12 5.65
N GLY A 32 5.04 0.00 6.05
CA GLY A 32 5.24 -0.28 7.46
C GLY A 32 4.99 -1.73 7.80
N LEU A 33 4.26 -2.44 6.94
CA LEU A 33 3.96 -3.84 7.16
C LEU A 33 5.13 -4.54 7.84
N PRO A 34 4.81 -5.59 8.63
CA PRO A 34 5.83 -6.37 9.35
C PRO A 34 6.68 -7.22 8.41
N PHE A 35 7.70 -7.87 8.96
CA PHE A 35 8.59 -8.71 8.18
C PHE A 35 7.87 -9.96 7.70
N GLU A 36 7.14 -10.61 8.60
CA GLU A 36 6.41 -11.83 8.27
C GLU A 36 4.95 -11.51 7.93
N ALA A 37 4.73 -10.32 7.37
CA ALA A 37 3.39 -9.90 7.00
C ALA A 37 2.78 -10.82 5.95
N GLU A 38 1.46 -10.95 5.98
CA GLU A 38 0.75 -11.81 5.03
C GLU A 38 -0.52 -11.14 4.54
N ASN A 39 -1.01 -11.60 3.39
CA ASN A 39 -2.22 -11.03 2.79
C ASN A 39 -3.30 -10.84 3.85
N LYS A 40 -3.38 -11.79 4.78
CA LYS A 40 -4.37 -11.73 5.85
C LYS A 40 -4.20 -10.45 6.68
N HIS A 41 -2.95 -10.09 6.95
CA HIS A 41 -2.65 -8.89 7.73
C HIS A 41 -3.18 -7.65 7.03
N VAL A 42 -2.92 -7.54 5.72
CA VAL A 42 -3.37 -6.40 4.94
C VAL A 42 -4.89 -6.36 4.86
N ILE A 43 -5.49 -7.52 4.69
CA ILE A 43 -6.95 -7.63 4.60
C ILE A 43 -7.62 -6.96 5.79
N ASP A 44 -7.16 -7.29 6.99
CA ASP A 44 -7.71 -6.73 8.22
C ASP A 44 -7.53 -5.21 8.24
N PHE A 45 -6.31 -4.77 7.94
CA PHE A 45 -6.01 -3.33 7.94
C PHE A 45 -7.17 -2.53 7.35
N PHE A 46 -7.71 -3.01 6.24
CA PHE A 46 -8.83 -2.34 5.58
C PHE A 46 -10.11 -3.16 5.71
N LYS A 47 -10.43 -3.56 6.94
CA LYS A 47 -11.62 -4.36 7.19
C LYS A 47 -12.88 -3.60 6.77
N LYS A 48 -13.95 -4.33 6.52
CA LYS A 48 -15.22 -3.73 6.11
C LYS A 48 -15.11 -3.16 4.70
N LEU A 49 -14.22 -3.72 3.91
CA LEU A 49 -14.01 -3.27 2.53
C LEU A 49 -13.85 -4.45 1.58
N ASP A 50 -13.93 -4.17 0.28
CA ASP A 50 -13.79 -5.21 -0.73
C ASP A 50 -12.39 -5.21 -1.32
N ILE A 51 -11.52 -6.08 -0.78
CA ILE A 51 -10.15 -6.18 -1.25
C ILE A 51 -9.91 -7.50 -1.98
N VAL A 52 -9.56 -7.41 -3.25
CA VAL A 52 -9.30 -8.59 -4.06
C VAL A 52 -8.04 -9.32 -3.59
N GLU A 53 -8.24 -10.46 -2.95
CA GLU A 53 -7.12 -11.25 -2.45
C GLU A 53 -5.99 -11.31 -3.47
N ASP A 54 -6.36 -11.30 -4.75
CA ASP A 54 -5.38 -11.35 -5.83
C ASP A 54 -4.60 -10.04 -5.92
N SER A 55 -5.33 -8.94 -6.05
CA SER A 55 -4.70 -7.62 -6.16
C SER A 55 -3.65 -7.42 -5.06
N ILE A 56 -4.04 -7.71 -3.83
CA ILE A 56 -3.12 -7.57 -2.69
C ILE A 56 -1.71 -8.01 -3.06
N TYR A 57 -0.80 -7.05 -3.15
CA TYR A 57 0.58 -7.34 -3.49
C TYR A 57 1.54 -6.79 -2.43
N ILE A 58 2.46 -7.64 -1.97
CA ILE A 58 3.42 -7.25 -0.96
C ILE A 58 4.85 -7.51 -1.43
N ALA A 59 5.71 -6.51 -1.26
CA ALA A 59 7.10 -6.62 -1.67
C ALA A 59 7.93 -7.36 -0.61
N TYR A 60 8.69 -8.36 -1.05
CA TYR A 60 9.52 -9.14 -0.14
C TYR A 60 11.00 -8.98 -0.48
N GLY A 61 11.84 -9.02 0.55
CA GLY A 61 13.27 -8.88 0.34
C GLY A 61 13.93 -10.20 -0.02
N PRO A 62 15.22 -10.13 -0.38
CA PRO A 62 16.00 -11.32 -0.75
C PRO A 62 16.27 -12.23 0.44
N ASN A 63 16.04 -11.72 1.64
CA ASN A 63 16.27 -12.48 2.86
C ASN A 63 14.93 -12.93 3.47
N GLY A 64 13.96 -13.21 2.61
CA GLY A 64 12.66 -13.64 3.08
C GLY A 64 12.09 -12.70 4.13
N LYS A 65 12.38 -11.41 4.01
CA LYS A 65 11.89 -10.42 4.94
C LYS A 65 11.15 -9.31 4.22
N ALA A 66 9.85 -9.18 4.48
CA ALA A 66 9.02 -8.17 3.85
C ALA A 66 9.67 -6.78 3.99
N THR A 67 9.99 -6.17 2.85
CA THR A 67 10.62 -4.86 2.85
C THR A 67 9.75 -3.84 3.57
N GLY A 68 8.43 -4.05 3.53
CA GLY A 68 7.51 -3.14 4.19
C GLY A 68 6.72 -2.31 3.19
N GLU A 69 6.48 -2.87 2.01
CA GLU A 69 5.73 -2.17 0.98
C GLU A 69 4.62 -3.05 0.42
N GLY A 70 3.38 -2.66 0.68
CA GLY A 70 2.24 -3.43 0.20
C GLY A 70 1.29 -2.59 -0.64
N PHE A 71 0.44 -3.26 -1.41
CA PHE A 71 -0.53 -2.57 -2.26
C PHE A 71 -1.86 -3.30 -2.27
N VAL A 72 -2.95 -2.55 -2.24
CA VAL A 72 -4.29 -3.13 -2.25
C VAL A 72 -5.21 -2.37 -3.21
N GLU A 73 -6.15 -3.10 -3.81
CA GLU A 73 -7.08 -2.50 -4.75
C GLU A 73 -8.52 -2.82 -4.36
N PHE A 74 -9.35 -1.78 -4.28
CA PHE A 74 -10.75 -1.94 -3.91
C PHE A 74 -11.64 -1.98 -5.16
N ARG A 75 -12.21 -3.15 -5.43
CA ARG A 75 -13.08 -3.31 -6.59
C ARG A 75 -13.97 -2.09 -6.79
N ASN A 76 -14.69 -1.71 -5.74
CA ASN A 76 -15.58 -0.56 -5.81
C ASN A 76 -14.81 0.74 -5.57
N GLU A 77 -15.38 1.85 -6.00
CA GLU A 77 -14.75 3.16 -5.82
C GLU A 77 -15.20 3.82 -4.53
N ALA A 78 -16.39 3.45 -4.07
CA ALA A 78 -16.93 4.01 -2.83
C ALA A 78 -16.10 3.59 -1.62
N ASP A 79 -15.79 2.29 -1.55
CA ASP A 79 -15.00 1.77 -0.45
C ASP A 79 -13.55 2.23 -0.55
N TYR A 80 -13.10 2.49 -1.76
CA TYR A 80 -11.73 2.94 -1.99
C TYR A 80 -11.44 4.23 -1.22
N LYS A 81 -12.35 5.19 -1.34
CA LYS A 81 -12.20 6.47 -0.67
C LYS A 81 -12.16 6.28 0.86
N ALA A 82 -12.98 5.37 1.35
CA ALA A 82 -13.02 5.08 2.78
C ALA A 82 -11.66 4.65 3.30
N ALA A 83 -11.02 3.74 2.59
CA ALA A 83 -9.70 3.24 2.98
C ALA A 83 -8.80 4.38 3.43
N LEU A 84 -8.77 5.45 2.63
CA LEU A 84 -7.94 6.61 2.94
C LEU A 84 -8.20 7.11 4.36
N CYS A 85 -9.47 7.16 4.73
CA CYS A 85 -9.85 7.61 6.07
C CYS A 85 -9.09 6.85 7.15
N ARG A 86 -8.68 5.62 6.82
CA ARG A 86 -7.95 4.79 7.75
C ARG A 86 -6.45 5.06 7.65
N HIS A 87 -6.06 6.31 7.84
CA HIS A 87 -4.65 6.70 7.78
C HIS A 87 -4.02 6.72 9.16
N LYS A 88 -2.78 6.27 9.25
CA LYS A 88 -2.05 6.24 10.52
C LYS A 88 -2.59 5.13 11.41
N GLN A 89 -2.63 3.90 10.88
CA GLN A 89 -3.13 2.76 11.62
C GLN A 89 -1.98 1.87 12.08
N TYR A 90 -2.22 1.07 13.10
CA TYR A 90 -1.20 0.17 13.63
C TYR A 90 -1.61 -1.29 13.45
N MET A 91 -0.69 -2.08 12.90
CA MET A 91 -0.95 -3.50 12.66
C MET A 91 -0.52 -4.34 13.86
N GLY A 92 -1.39 -4.43 14.86
CA GLY A 92 -1.08 -5.20 16.04
C GLY A 92 -0.03 -4.53 16.93
N ASN A 93 1.23 -4.63 16.53
CA ASN A 93 2.32 -4.03 17.27
C ASN A 93 3.14 -3.09 16.40
N ARG A 94 2.99 -3.25 15.08
CA ARG A 94 3.72 -2.42 14.13
C ARG A 94 2.85 -1.27 13.63
N PHE A 95 3.45 -0.36 12.87
CA PHE A 95 2.73 0.78 12.33
C PHE A 95 2.86 0.84 10.81
N ILE A 96 1.77 1.21 10.14
CA ILE A 96 1.77 1.30 8.68
C ILE A 96 1.18 2.64 8.22
N GLN A 97 1.68 3.13 7.09
CA GLN A 97 1.21 4.39 6.54
C GLN A 97 0.29 4.16 5.35
N VAL A 98 -0.73 5.00 5.22
CA VAL A 98 -1.69 4.89 4.13
C VAL A 98 -1.53 6.04 3.14
N HIS A 99 -1.38 5.72 1.86
CA HIS A 99 -1.22 6.74 0.83
C HIS A 99 -1.91 6.29 -0.46
N PRO A 100 -2.69 7.20 -1.05
CA PRO A 100 -3.41 6.93 -2.30
C PRO A 100 -2.48 6.83 -3.50
N ILE A 101 -2.66 5.78 -4.29
CA ILE A 101 -1.83 5.55 -5.48
C ILE A 101 -2.65 4.97 -6.62
N THR A 102 -2.38 5.43 -7.83
CA THR A 102 -3.08 4.96 -9.01
C THR A 102 -2.68 3.53 -9.36
N LYS A 103 -3.57 2.81 -10.04
CA LYS A 103 -3.29 1.44 -10.44
C LYS A 103 -2.05 1.35 -11.31
N LYS A 104 -1.95 2.24 -12.29
CA LYS A 104 -0.81 2.26 -13.19
C LYS A 104 0.50 2.45 -12.41
N GLY A 105 0.60 3.55 -11.68
CA GLY A 105 1.79 3.81 -10.90
C GLY A 105 2.14 2.67 -9.96
N MET A 106 1.12 2.07 -9.36
CA MET A 106 1.32 0.95 -8.45
C MET A 106 2.07 -0.18 -9.13
N LEU A 107 1.71 -0.46 -10.36
CA LEU A 107 2.34 -1.53 -11.13
C LEU A 107 3.81 -1.20 -11.41
N GLU A 108 4.08 0.06 -11.72
CA GLU A 108 5.43 0.52 -12.01
C GLU A 108 6.42 -0.09 -11.04
N LYS A 109 6.19 0.13 -9.75
CA LYS A 109 7.06 -0.40 -8.71
C LYS A 109 7.11 -1.92 -8.76
N ILE A 110 5.95 -2.55 -8.62
CA ILE A 110 5.85 -4.01 -8.65
C ILE A 110 6.84 -4.60 -9.66
N ASP A 111 7.02 -3.89 -10.78
CA ASP A 111 7.94 -4.36 -11.82
C ASP A 111 9.37 -4.38 -11.30
N MET A 112 9.82 -3.27 -10.74
CA MET A 112 11.17 -3.16 -10.20
C MET A 112 11.38 -4.15 -9.06
N ILE A 113 10.31 -4.47 -8.35
CA ILE A 113 10.37 -5.41 -7.24
C ILE A 113 10.77 -6.80 -7.72
N ARG A 114 10.16 -7.24 -8.81
CA ARG A 114 10.45 -8.56 -9.37
C ARG A 114 11.87 -8.60 -9.93
N LYS A 115 12.12 -7.77 -10.95
CA LYS A 115 13.44 -7.73 -11.58
C LYS A 115 14.55 -7.90 -10.55
N ARG A 116 14.48 -7.12 -9.48
CA ARG A 116 15.47 -7.19 -8.41
C ARG A 116 15.64 -8.63 -7.93
N LEU A 117 14.53 -9.31 -7.71
CA LEU A 117 14.56 -10.70 -7.23
C LEU A 117 15.04 -11.63 -8.33
N GLN A 118 14.40 -11.56 -9.50
CA GLN A 118 14.75 -12.41 -10.63
C GLN A 118 16.27 -12.59 -10.71
N SER A 119 16.71 -13.84 -10.72
CA SER A 119 18.13 -14.16 -10.79
C SER A 119 18.70 -13.79 -12.15
N GLY A 120 18.08 -14.29 -13.21
CA GLY A 120 18.54 -14.01 -14.55
C GLY A 120 17.77 -14.78 -15.60
N PRO A 121 17.58 -14.16 -16.78
CA PRO A 121 16.84 -14.78 -17.89
C PRO A 121 17.61 -15.94 -18.52
N SER A 122 17.11 -17.15 -18.32
CA SER A 122 17.75 -18.34 -18.86
C SER A 122 19.26 -18.28 -18.67
N SER A 123 19.69 -17.87 -17.49
CA SER A 123 21.12 -17.76 -17.18
C SER A 123 21.74 -19.14 -17.00
N GLY A 124 21.12 -19.96 -16.15
CA GLY A 124 21.63 -21.29 -15.90
C GLY A 124 21.24 -21.83 -14.55
N GLY A 1 -4.20 12.71 33.42
CA GLY A 1 -3.82 13.95 32.77
C GLY A 1 -3.81 13.83 31.26
N SER A 2 -3.31 14.87 30.59
CA SER A 2 -3.25 14.87 29.13
C SER A 2 -1.82 14.75 28.65
N SER A 3 -1.65 14.25 27.43
CA SER A 3 -0.33 14.07 26.84
C SER A 3 -0.21 14.83 25.52
N GLY A 4 0.16 16.10 25.60
CA GLY A 4 0.30 16.90 24.40
C GLY A 4 0.68 18.34 24.71
N SER A 5 1.97 18.58 24.94
CA SER A 5 2.46 19.91 25.25
C SER A 5 2.51 20.79 24.00
N SER A 6 3.18 20.29 22.97
CA SER A 6 3.30 21.02 21.71
C SER A 6 2.02 20.91 20.89
N GLY A 7 1.13 21.88 21.05
CA GLY A 7 -0.12 21.87 20.31
C GLY A 7 0.07 21.52 18.85
N LYS A 8 -0.85 20.70 18.32
CA LYS A 8 -0.78 20.28 16.93
C LYS A 8 -0.89 21.48 16.00
N SER A 9 0.18 21.75 15.25
CA SER A 9 0.20 22.88 14.32
C SER A 9 -0.46 22.50 13.01
N PRO A 10 -1.28 23.42 12.47
CA PRO A 10 -2.00 23.21 11.21
C PRO A 10 -1.06 23.20 10.01
N SER A 11 -0.97 22.05 9.34
CA SER A 11 -0.10 21.91 8.18
C SER A 11 -0.68 20.90 7.20
N GLY A 12 -0.30 21.03 5.93
CA GLY A 12 -0.79 20.12 4.91
C GLY A 12 -1.52 20.84 3.79
N GLN A 13 -0.77 21.40 2.86
CA GLN A 13 -1.36 22.13 1.73
C GLN A 13 -0.66 21.78 0.43
N LYS A 14 -1.34 21.04 -0.43
CA LYS A 14 -0.78 20.65 -1.72
C LYS A 14 -0.46 21.87 -2.58
N ARG A 15 0.67 21.81 -3.27
CA ARG A 15 1.10 22.92 -4.12
C ARG A 15 0.66 22.68 -5.57
N SER A 16 -0.51 22.05 -5.73
CA SER A 16 -1.04 21.77 -7.06
C SER A 16 -2.04 22.84 -7.48
N ARG A 17 -2.22 22.97 -8.79
CA ARG A 17 -3.15 23.96 -9.33
C ARG A 17 -4.47 23.31 -9.72
N SER A 18 -4.39 22.10 -10.27
CA SER A 18 -5.58 21.37 -10.69
C SER A 18 -5.33 19.87 -10.69
N ARG A 19 -6.14 19.14 -9.94
CA ARG A 19 -6.00 17.69 -9.85
C ARG A 19 -7.01 16.99 -10.76
N SER A 20 -6.63 16.81 -12.02
CA SER A 20 -7.50 16.15 -13.00
C SER A 20 -6.82 14.93 -13.60
N PRO A 21 -7.01 13.78 -12.96
CA PRO A 21 -6.41 12.51 -13.42
C PRO A 21 -7.05 12.01 -14.71
N HIS A 22 -6.21 11.63 -15.67
CA HIS A 22 -6.69 11.13 -16.95
C HIS A 22 -7.56 9.89 -16.76
N GLU A 23 -6.94 8.80 -16.34
CA GLU A 23 -7.66 7.54 -16.12
C GLU A 23 -6.88 6.63 -15.20
N ALA A 24 -7.57 6.05 -14.23
CA ALA A 24 -6.93 5.14 -13.27
C ALA A 24 -7.98 4.44 -12.40
N GLY A 25 -7.55 3.38 -11.72
CA GLY A 25 -8.46 2.64 -10.86
C GLY A 25 -8.43 3.12 -9.43
N PHE A 26 -8.69 2.20 -8.50
CA PHE A 26 -8.69 2.54 -7.08
C PHE A 26 -7.78 1.59 -6.30
N CYS A 27 -6.60 2.09 -5.94
CA CYS A 27 -5.64 1.29 -5.19
C CYS A 27 -5.09 2.08 -4.01
N VAL A 28 -4.35 1.39 -3.13
CA VAL A 28 -3.77 2.02 -1.95
C VAL A 28 -2.35 1.51 -1.70
N TYR A 29 -1.44 2.44 -1.46
CA TYR A 29 -0.05 2.08 -1.20
C TYR A 29 0.25 2.06 0.30
N LEU A 30 0.52 0.87 0.82
CA LEU A 30 0.81 0.71 2.24
C LEU A 30 2.32 0.60 2.47
N LYS A 31 2.80 1.25 3.52
CA LYS A 31 4.22 1.23 3.86
C LYS A 31 4.42 1.03 5.36
N GLY A 32 5.16 -0.01 5.72
CA GLY A 32 5.42 -0.28 7.13
C GLY A 32 5.14 -1.72 7.49
N LEU A 33 4.49 -2.45 6.59
CA LEU A 33 4.15 -3.85 6.82
C LEU A 33 5.30 -4.57 7.52
N PRO A 34 4.96 -5.52 8.39
CA PRO A 34 5.95 -6.31 9.13
C PRO A 34 6.72 -7.28 8.24
N PHE A 35 7.84 -7.77 8.74
CA PHE A 35 8.67 -8.72 7.98
C PHE A 35 7.96 -10.05 7.80
N GLU A 36 7.06 -10.37 8.74
CA GLU A 36 6.31 -11.61 8.68
C GLU A 36 4.86 -11.36 8.28
N ALA A 37 4.64 -10.27 7.55
CA ALA A 37 3.29 -9.92 7.09
C ALA A 37 2.70 -11.02 6.22
N GLU A 38 1.42 -10.90 5.90
CA GLU A 38 0.73 -11.88 5.07
C GLU A 38 -0.57 -11.33 4.53
N ASN A 39 -1.03 -11.87 3.40
CA ASN A 39 -2.25 -11.42 2.77
C ASN A 39 -3.33 -11.13 3.82
N LYS A 40 -3.31 -11.90 4.90
CA LYS A 40 -4.28 -11.73 5.98
C LYS A 40 -4.08 -10.39 6.67
N HIS A 41 -2.83 -10.04 6.96
CA HIS A 41 -2.51 -8.78 7.62
C HIS A 41 -3.09 -7.60 6.83
N VAL A 42 -2.85 -7.59 5.53
CA VAL A 42 -3.36 -6.52 4.68
C VAL A 42 -4.88 -6.41 4.76
N ILE A 43 -5.55 -7.55 4.69
CA ILE A 43 -7.00 -7.58 4.76
C ILE A 43 -7.50 -6.97 6.07
N ASP A 44 -7.03 -7.50 7.19
CA ASP A 44 -7.42 -7.01 8.50
C ASP A 44 -7.28 -5.50 8.58
N PHE A 45 -6.31 -4.96 7.84
CA PHE A 45 -6.07 -3.52 7.82
C PHE A 45 -7.21 -2.78 7.12
N PHE A 46 -7.68 -3.36 6.01
CA PHE A 46 -8.76 -2.76 5.24
C PHE A 46 -10.02 -3.61 5.31
N LYS A 47 -10.39 -4.02 6.53
CA LYS A 47 -11.57 -4.84 6.73
C LYS A 47 -12.84 -4.06 6.43
N LYS A 48 -13.96 -4.77 6.33
CA LYS A 48 -15.25 -4.14 6.05
C LYS A 48 -15.23 -3.49 4.66
N LEU A 49 -14.50 -4.10 3.73
CA LEU A 49 -14.41 -3.57 2.37
C LEU A 49 -14.32 -4.71 1.37
N ASP A 50 -14.12 -4.35 0.09
CA ASP A 50 -14.02 -5.35 -0.97
C ASP A 50 -12.64 -5.28 -1.63
N ILE A 51 -11.76 -6.19 -1.25
CA ILE A 51 -10.42 -6.23 -1.80
C ILE A 51 -10.17 -7.54 -2.55
N VAL A 52 -9.63 -7.44 -3.76
CA VAL A 52 -9.34 -8.61 -4.58
C VAL A 52 -8.14 -9.37 -4.03
N GLU A 53 -8.42 -10.46 -3.31
CA GLU A 53 -7.38 -11.28 -2.73
C GLU A 53 -6.18 -11.38 -3.67
N ASP A 54 -6.46 -11.33 -4.97
CA ASP A 54 -5.41 -11.41 -5.98
C ASP A 54 -4.62 -10.11 -6.07
N SER A 55 -5.35 -8.99 -6.18
CA SER A 55 -4.72 -7.69 -6.27
C SER A 55 -3.69 -7.50 -5.15
N ILE A 56 -4.09 -7.85 -3.94
CA ILE A 56 -3.21 -7.72 -2.79
C ILE A 56 -1.78 -8.16 -3.13
N TYR A 57 -0.86 -7.20 -3.13
CA TYR A 57 0.53 -7.49 -3.43
C TYR A 57 1.45 -7.04 -2.30
N ILE A 58 2.48 -7.84 -2.03
CA ILE A 58 3.43 -7.53 -0.98
C ILE A 58 4.87 -7.83 -1.41
N ALA A 59 5.74 -6.84 -1.25
CA ALA A 59 7.14 -7.01 -1.64
C ALA A 59 7.93 -7.69 -0.52
N TYR A 60 8.53 -8.83 -0.85
CA TYR A 60 9.32 -9.58 0.12
C TYR A 60 10.79 -9.64 -0.29
N GLY A 61 11.65 -9.09 0.57
CA GLY A 61 13.07 -9.08 0.28
C GLY A 61 13.59 -10.45 -0.13
N PRO A 62 14.82 -10.48 -0.65
CA PRO A 62 15.46 -11.73 -1.09
C PRO A 62 15.82 -12.65 0.08
N ASN A 63 15.80 -12.09 1.28
CA ASN A 63 16.13 -12.86 2.48
C ASN A 63 14.87 -13.46 3.10
N GLY A 64 13.74 -13.26 2.42
CA GLY A 64 12.48 -13.78 2.94
C GLY A 64 11.86 -12.88 3.98
N LYS A 65 12.28 -11.63 4.00
CA LYS A 65 11.76 -10.66 4.97
C LYS A 65 10.99 -9.54 4.26
N ALA A 66 9.72 -9.39 4.60
CA ALA A 66 8.89 -8.36 4.00
C ALA A 66 9.65 -7.05 3.86
N THR A 67 9.69 -6.52 2.64
CA THR A 67 10.39 -5.27 2.37
C THR A 67 9.72 -4.10 3.07
N GLY A 68 8.46 -4.29 3.45
CA GLY A 68 7.71 -3.23 4.12
C GLY A 68 6.93 -2.37 3.15
N GLU A 69 6.40 -2.99 2.09
CA GLU A 69 5.63 -2.26 1.09
C GLU A 69 4.57 -3.16 0.48
N GLY A 70 3.31 -2.73 0.57
CA GLY A 70 2.22 -3.51 0.01
C GLY A 70 1.27 -2.66 -0.82
N PHE A 71 0.38 -3.33 -1.54
CA PHE A 71 -0.59 -2.63 -2.39
C PHE A 71 -1.93 -3.36 -2.39
N VAL A 72 -3.01 -2.60 -2.42
CA VAL A 72 -4.36 -3.17 -2.42
C VAL A 72 -5.28 -2.39 -3.35
N GLU A 73 -6.16 -3.10 -4.04
CA GLU A 73 -7.10 -2.47 -4.97
C GLU A 73 -8.53 -2.88 -4.64
N PHE A 74 -9.37 -1.88 -4.36
CA PHE A 74 -10.77 -2.13 -4.03
C PHE A 74 -11.63 -2.13 -5.28
N ARG A 75 -12.52 -3.12 -5.37
CA ARG A 75 -13.41 -3.25 -6.52
C ARG A 75 -14.19 -1.95 -6.76
N ASN A 76 -14.91 -1.51 -5.73
CA ASN A 76 -15.68 -0.28 -5.83
C ASN A 76 -14.84 0.93 -5.44
N GLU A 77 -15.43 2.12 -5.59
CA GLU A 77 -14.73 3.35 -5.26
C GLU A 77 -15.19 3.88 -3.90
N ALA A 78 -16.48 3.74 -3.61
CA ALA A 78 -17.03 4.19 -2.35
C ALA A 78 -16.24 3.63 -1.17
N ASP A 79 -15.91 2.34 -1.25
CA ASP A 79 -15.16 1.69 -0.18
C ASP A 79 -13.69 2.07 -0.23
N TYR A 80 -13.20 2.39 -1.44
CA TYR A 80 -11.81 2.78 -1.62
C TYR A 80 -11.51 4.07 -0.88
N LYS A 81 -12.39 5.05 -1.01
CA LYS A 81 -12.21 6.34 -0.34
C LYS A 81 -12.10 6.16 1.17
N ALA A 82 -12.81 5.17 1.71
CA ALA A 82 -12.78 4.89 3.14
C ALA A 82 -11.39 4.44 3.57
N ALA A 83 -10.73 3.67 2.72
CA ALA A 83 -9.39 3.18 3.02
C ALA A 83 -8.47 4.31 3.48
N LEU A 84 -8.48 5.40 2.74
CA LEU A 84 -7.65 6.55 3.07
C LEU A 84 -7.85 6.98 4.52
N CYS A 85 -9.11 6.97 4.95
CA CYS A 85 -9.44 7.35 6.33
C CYS A 85 -8.63 6.54 7.33
N ARG A 86 -8.15 5.38 6.90
CA ARG A 86 -7.37 4.51 7.76
C ARG A 86 -5.87 4.76 7.57
N HIS A 87 -5.46 6.01 7.73
CA HIS A 87 -4.05 6.39 7.58
C HIS A 87 -3.34 6.41 8.93
N LYS A 88 -2.02 6.52 8.90
CA LYS A 88 -1.23 6.55 10.12
C LYS A 88 -1.76 5.56 11.15
N GLN A 89 -2.18 4.39 10.67
CA GLN A 89 -2.72 3.35 11.54
C GLN A 89 -1.63 2.34 11.92
N TYR A 90 -1.78 1.72 13.07
CA TYR A 90 -0.81 0.74 13.54
C TYR A 90 -1.30 -0.68 13.28
N MET A 91 -0.54 -1.43 12.48
CA MET A 91 -0.90 -2.80 12.15
C MET A 91 -0.53 -3.75 13.29
N GLY A 92 -1.45 -3.89 14.25
CA GLY A 92 -1.20 -4.77 15.37
C GLY A 92 -0.19 -4.20 16.35
N ASN A 93 1.08 -4.36 16.02
CA ASN A 93 2.16 -3.85 16.88
C ASN A 93 3.11 -2.95 16.09
N ARG A 94 2.90 -2.90 14.77
CA ARG A 94 3.74 -2.09 13.90
C ARG A 94 2.97 -0.87 13.38
N PHE A 95 3.67 0.01 12.68
CA PHE A 95 3.05 1.21 12.13
C PHE A 95 3.10 1.20 10.61
N ILE A 96 1.97 1.49 9.98
CA ILE A 96 1.89 1.52 8.53
C ILE A 96 1.18 2.78 8.04
N GLN A 97 1.70 3.37 6.97
CA GLN A 97 1.11 4.58 6.41
C GLN A 97 0.33 4.27 5.14
N VAL A 98 -0.74 5.01 4.91
CA VAL A 98 -1.58 4.81 3.73
C VAL A 98 -1.46 5.98 2.77
N HIS A 99 -1.27 5.67 1.49
CA HIS A 99 -1.15 6.69 0.46
C HIS A 99 -1.87 6.28 -0.81
N PRO A 100 -2.69 7.20 -1.35
CA PRO A 100 -3.46 6.95 -2.58
C PRO A 100 -2.57 6.88 -3.81
N ILE A 101 -2.69 5.80 -4.56
CA ILE A 101 -1.89 5.61 -5.77
C ILE A 101 -2.76 5.10 -6.91
N THR A 102 -2.35 5.43 -8.14
CA THR A 102 -3.09 5.00 -9.33
C THR A 102 -2.69 3.59 -9.75
N LYS A 103 -3.68 2.78 -10.09
CA LYS A 103 -3.44 1.40 -10.52
C LYS A 103 -2.12 1.29 -11.29
N LYS A 104 -1.97 2.15 -12.29
CA LYS A 104 -0.75 2.15 -13.10
C LYS A 104 0.49 2.33 -12.24
N GLY A 105 0.53 3.43 -11.48
CA GLY A 105 1.66 3.70 -10.62
C GLY A 105 1.94 2.57 -9.66
N MET A 106 0.88 1.89 -9.23
CA MET A 106 1.01 0.77 -8.29
C MET A 106 1.86 -0.34 -8.89
N LEU A 107 1.55 -0.73 -10.13
CA LEU A 107 2.29 -1.78 -10.82
C LEU A 107 3.73 -1.36 -11.05
N GLU A 108 3.92 -0.11 -11.46
CA GLU A 108 5.26 0.42 -11.74
C GLU A 108 6.25 -0.08 -10.68
N LYS A 109 5.94 0.16 -9.42
CA LYS A 109 6.80 -0.26 -8.32
C LYS A 109 6.97 -1.78 -8.31
N ILE A 110 5.84 -2.49 -8.27
CA ILE A 110 5.86 -3.95 -8.26
C ILE A 110 6.91 -4.50 -9.23
N ASP A 111 7.22 -3.71 -10.25
CA ASP A 111 8.19 -4.11 -11.26
C ASP A 111 9.61 -3.98 -10.71
N MET A 112 9.93 -2.80 -10.18
CA MET A 112 11.25 -2.56 -9.61
C MET A 112 11.55 -3.52 -8.47
N ILE A 113 10.50 -3.96 -7.79
CA ILE A 113 10.66 -4.88 -6.67
C ILE A 113 11.01 -6.29 -7.16
N ARG A 114 10.24 -6.77 -8.13
CA ARG A 114 10.47 -8.10 -8.68
C ARG A 114 11.91 -8.23 -9.19
N LYS A 115 12.28 -7.39 -10.13
CA LYS A 115 13.62 -7.41 -10.71
C LYS A 115 14.66 -7.70 -9.63
N ARG A 116 14.66 -6.90 -8.57
CA ARG A 116 15.60 -7.08 -7.47
C ARG A 116 15.76 -8.56 -7.13
N LEU A 117 14.64 -9.24 -6.93
CA LEU A 117 14.66 -10.67 -6.59
C LEU A 117 15.08 -11.49 -7.79
N GLN A 118 14.43 -11.28 -8.93
CA GLN A 118 14.74 -12.01 -10.15
C GLN A 118 16.20 -11.85 -10.52
N SER A 119 16.96 -12.94 -10.42
CA SER A 119 18.38 -12.92 -10.74
C SER A 119 18.69 -13.84 -11.91
N GLY A 120 18.67 -13.28 -13.12
CA GLY A 120 18.95 -14.07 -14.31
C GLY A 120 17.69 -14.47 -15.04
N PRO A 121 17.24 -13.62 -15.97
CA PRO A 121 16.02 -13.88 -16.75
C PRO A 121 16.21 -15.01 -17.75
N SER A 122 15.66 -16.18 -17.44
CA SER A 122 15.78 -17.34 -18.30
C SER A 122 15.03 -17.11 -19.62
N SER A 123 15.59 -17.66 -20.69
CA SER A 123 14.98 -17.51 -22.01
C SER A 123 14.84 -18.86 -22.71
N GLY A 124 15.97 -19.55 -22.88
CA GLY A 124 15.95 -20.85 -23.53
C GLY A 124 15.21 -20.83 -24.85
N GLY A 1 -10.64 30.03 35.72
CA GLY A 1 -10.79 29.15 34.57
C GLY A 1 -9.49 28.98 33.81
N SER A 2 -9.58 29.00 32.49
CA SER A 2 -8.40 28.83 31.64
C SER A 2 -8.72 29.20 30.19
N SER A 3 -8.15 30.32 29.73
CA SER A 3 -8.38 30.77 28.37
C SER A 3 -7.27 30.29 27.44
N GLY A 4 -7.60 30.13 26.17
CA GLY A 4 -6.62 29.68 25.20
C GLY A 4 -5.93 30.82 24.48
N SER A 5 -4.86 30.51 23.76
CA SER A 5 -4.12 31.52 23.02
C SER A 5 -3.16 30.88 22.02
N SER A 6 -3.37 31.17 20.74
CA SER A 6 -2.52 30.62 19.69
C SER A 6 -2.78 31.34 18.36
N GLY A 7 -1.70 31.64 17.65
CA GLY A 7 -1.82 32.33 16.37
C GLY A 7 -2.21 31.39 15.25
N LYS A 8 -3.23 31.77 14.49
CA LYS A 8 -3.70 30.95 13.37
C LYS A 8 -2.58 30.73 12.35
N SER A 9 -2.27 29.47 12.08
CA SER A 9 -1.22 29.13 11.13
C SER A 9 -1.78 28.28 10.00
N PRO A 10 -1.48 28.67 8.75
CA PRO A 10 -1.93 27.95 7.56
C PRO A 10 -1.25 26.60 7.40
N SER A 11 -1.73 25.80 6.45
CA SER A 11 -1.16 24.48 6.20
C SER A 11 -0.86 24.30 4.72
N GLY A 12 -1.80 24.71 3.87
CA GLY A 12 -1.61 24.57 2.44
C GLY A 12 -1.90 23.17 1.94
N GLN A 13 -2.64 23.08 0.83
CA GLN A 13 -2.99 21.79 0.25
C GLN A 13 -3.07 21.88 -1.26
N LYS A 14 -2.53 20.88 -1.94
CA LYS A 14 -2.55 20.84 -3.40
C LYS A 14 -3.63 19.89 -3.91
N ARG A 15 -4.53 20.42 -4.74
CA ARG A 15 -5.62 19.61 -5.30
C ARG A 15 -5.20 18.97 -6.61
N SER A 16 -6.03 18.07 -7.12
CA SER A 16 -5.74 17.38 -8.37
C SER A 16 -6.53 18.01 -9.53
N ARG A 17 -6.01 17.85 -10.74
CA ARG A 17 -6.66 18.40 -11.93
C ARG A 17 -7.59 17.37 -12.56
N SER A 18 -7.13 16.13 -12.63
CA SER A 18 -7.92 15.06 -13.21
C SER A 18 -8.43 15.45 -14.60
N ARG A 19 -7.51 15.86 -15.47
CA ARG A 19 -7.87 16.28 -16.82
C ARG A 19 -7.30 15.31 -17.85
N SER A 20 -5.97 15.20 -17.89
CA SER A 20 -5.31 14.31 -18.83
C SER A 20 -5.81 12.89 -18.67
N PRO A 21 -5.64 12.32 -17.47
CA PRO A 21 -6.07 10.95 -17.17
C PRO A 21 -7.59 10.82 -17.12
N HIS A 22 -8.12 9.77 -17.75
CA HIS A 22 -9.55 9.53 -17.77
C HIS A 22 -9.90 8.22 -17.06
N GLU A 23 -9.12 7.18 -17.33
CA GLU A 23 -9.35 5.87 -16.72
C GLU A 23 -8.21 5.51 -15.79
N ALA A 24 -8.55 5.10 -14.57
CA ALA A 24 -7.55 4.71 -13.59
C ALA A 24 -8.19 3.98 -12.41
N GLY A 25 -7.79 2.73 -12.22
CA GLY A 25 -8.34 1.94 -11.12
C GLY A 25 -8.09 2.57 -9.77
N PHE A 26 -8.61 1.95 -8.72
CA PHE A 26 -8.44 2.45 -7.37
C PHE A 26 -7.58 1.52 -6.53
N CYS A 27 -6.38 1.98 -6.19
CA CYS A 27 -5.45 1.19 -5.40
C CYS A 27 -4.95 1.98 -4.19
N VAL A 28 -4.25 1.30 -3.29
CA VAL A 28 -3.71 1.93 -2.09
C VAL A 28 -2.31 1.43 -1.79
N TYR A 29 -1.40 2.36 -1.50
CA TYR A 29 -0.02 2.02 -1.18
C TYR A 29 0.21 2.04 0.32
N LEU A 30 0.69 0.91 0.85
CA LEU A 30 0.96 0.79 2.28
C LEU A 30 2.46 0.66 2.54
N LYS A 31 2.95 1.43 3.50
CA LYS A 31 4.37 1.40 3.86
C LYS A 31 4.55 1.23 5.36
N GLY A 32 5.16 0.12 5.76
CA GLY A 32 5.38 -0.14 7.17
C GLY A 32 5.07 -1.56 7.56
N LEU A 33 4.42 -2.28 6.66
CA LEU A 33 4.06 -3.68 6.91
C LEU A 33 5.18 -4.41 7.65
N PRO A 34 4.81 -5.40 8.47
CA PRO A 34 5.78 -6.19 9.24
C PRO A 34 6.60 -7.12 8.35
N PHE A 35 7.61 -7.74 8.94
CA PHE A 35 8.48 -8.67 8.21
C PHE A 35 7.72 -9.93 7.82
N GLU A 36 7.09 -10.55 8.80
CA GLU A 36 6.33 -11.77 8.57
C GLU A 36 4.89 -11.46 8.14
N ALA A 37 4.72 -10.31 7.49
CA ALA A 37 3.39 -9.89 7.04
C ALA A 37 2.79 -10.93 6.09
N GLU A 38 1.49 -10.80 5.83
CA GLU A 38 0.78 -11.72 4.96
C GLU A 38 -0.52 -11.11 4.45
N ASN A 39 -1.08 -11.71 3.41
CA ASN A 39 -2.32 -11.22 2.82
C ASN A 39 -3.38 -11.00 3.90
N LYS A 40 -3.35 -11.84 4.93
CA LYS A 40 -4.31 -11.73 6.03
C LYS A 40 -4.12 -10.41 6.78
N HIS A 41 -2.88 -9.99 6.92
CA HIS A 41 -2.56 -8.75 7.61
C HIS A 41 -3.08 -7.54 6.84
N VAL A 42 -2.86 -7.55 5.52
CA VAL A 42 -3.31 -6.46 4.67
C VAL A 42 -4.82 -6.32 4.70
N ILE A 43 -5.52 -7.45 4.75
CA ILE A 43 -6.98 -7.45 4.79
C ILE A 43 -7.49 -6.89 6.10
N ASP A 44 -6.84 -7.28 7.20
CA ASP A 44 -7.23 -6.81 8.53
C ASP A 44 -7.15 -5.28 8.61
N PHE A 45 -6.18 -4.71 7.91
CA PHE A 45 -6.00 -3.26 7.91
C PHE A 45 -7.14 -2.57 7.17
N PHE A 46 -7.62 -3.20 6.11
CA PHE A 46 -8.71 -2.64 5.31
C PHE A 46 -9.94 -3.54 5.37
N LYS A 47 -10.30 -3.97 6.58
CA LYS A 47 -11.45 -4.84 6.77
C LYS A 47 -12.75 -4.10 6.47
N LYS A 48 -13.87 -4.80 6.59
CA LYS A 48 -15.17 -4.20 6.33
C LYS A 48 -15.20 -3.52 4.97
N LEU A 49 -14.40 -4.04 4.04
CA LEU A 49 -14.33 -3.47 2.69
C LEU A 49 -14.18 -4.57 1.65
N ASP A 50 -14.12 -4.17 0.38
CA ASP A 50 -13.97 -5.13 -0.72
C ASP A 50 -12.57 -5.06 -1.31
N ILE A 51 -11.76 -6.08 -1.03
CA ILE A 51 -10.40 -6.13 -1.54
C ILE A 51 -10.15 -7.42 -2.31
N VAL A 52 -9.69 -7.28 -3.54
CA VAL A 52 -9.40 -8.45 -4.38
C VAL A 52 -8.22 -9.24 -3.84
N GLU A 53 -8.52 -10.32 -3.11
CA GLU A 53 -7.47 -11.16 -2.54
C GLU A 53 -6.31 -11.33 -3.51
N ASP A 54 -6.63 -11.37 -4.81
CA ASP A 54 -5.61 -11.52 -5.83
C ASP A 54 -4.74 -10.27 -5.93
N SER A 55 -5.39 -9.13 -6.14
CA SER A 55 -4.68 -7.86 -6.26
C SER A 55 -3.66 -7.70 -5.13
N ILE A 56 -4.12 -7.91 -3.90
CA ILE A 56 -3.24 -7.79 -2.74
C ILE A 56 -1.82 -8.24 -3.06
N TYR A 57 -0.95 -7.28 -3.28
CA TYR A 57 0.45 -7.57 -3.60
C TYR A 57 1.37 -7.05 -2.51
N ILE A 58 2.28 -7.92 -2.06
CA ILE A 58 3.23 -7.54 -1.02
C ILE A 58 4.67 -7.80 -1.46
N ALA A 59 5.52 -6.79 -1.31
CA ALA A 59 6.93 -6.92 -1.68
C ALA A 59 7.74 -7.60 -0.59
N TYR A 60 8.56 -8.57 -0.98
CA TYR A 60 9.39 -9.29 -0.03
C TYR A 60 10.85 -9.31 -0.47
N GLY A 61 11.74 -8.89 0.43
CA GLY A 61 13.15 -8.86 0.12
C GLY A 61 13.67 -10.20 -0.34
N PRO A 62 14.92 -10.23 -0.83
CA PRO A 62 15.56 -11.46 -1.31
C PRO A 62 15.89 -12.42 -0.17
N ASN A 63 15.94 -11.89 1.05
CA ASN A 63 16.25 -12.70 2.22
C ASN A 63 14.99 -13.39 2.75
N GLY A 64 13.92 -13.35 1.95
CA GLY A 64 12.67 -13.97 2.36
C GLY A 64 11.99 -13.22 3.48
N LYS A 65 12.19 -11.90 3.52
CA LYS A 65 11.60 -11.07 4.55
C LYS A 65 10.81 -9.91 3.93
N ALA A 66 9.55 -9.76 4.35
CA ALA A 66 8.71 -8.69 3.83
C ALA A 66 9.39 -7.34 3.96
N THR A 67 9.70 -6.73 2.82
CA THR A 67 10.37 -5.43 2.80
C THR A 67 9.55 -4.39 3.56
N GLY A 68 8.25 -4.63 3.67
CA GLY A 68 7.38 -3.69 4.37
C GLY A 68 6.55 -2.84 3.43
N GLU A 69 6.40 -3.31 2.19
CA GLU A 69 5.63 -2.57 1.19
C GLU A 69 4.53 -3.45 0.61
N GLY A 70 3.32 -2.92 0.56
CA GLY A 70 2.19 -3.67 0.02
C GLY A 70 1.25 -2.80 -0.78
N PHE A 71 0.35 -3.43 -1.52
CA PHE A 71 -0.61 -2.71 -2.34
C PHE A 71 -1.96 -3.44 -2.38
N VAL A 72 -3.05 -2.67 -2.38
CA VAL A 72 -4.38 -3.25 -2.42
C VAL A 72 -5.29 -2.48 -3.37
N GLU A 73 -6.04 -3.21 -4.18
CA GLU A 73 -6.95 -2.60 -5.15
C GLU A 73 -8.41 -2.82 -4.74
N PHE A 74 -9.11 -1.73 -4.44
CA PHE A 74 -10.50 -1.80 -4.04
C PHE A 74 -11.42 -1.80 -5.26
N ARG A 75 -12.11 -2.92 -5.48
CA ARG A 75 -13.02 -3.04 -6.62
C ARG A 75 -13.87 -1.79 -6.76
N ASN A 76 -14.70 -1.52 -5.76
CA ASN A 76 -15.57 -0.35 -5.78
C ASN A 76 -14.79 0.92 -5.46
N GLU A 77 -15.41 2.07 -5.72
CA GLU A 77 -14.77 3.35 -5.45
C GLU A 77 -15.25 3.94 -4.12
N ALA A 78 -16.51 3.67 -3.79
CA ALA A 78 -17.10 4.16 -2.55
C ALA A 78 -16.28 3.72 -1.35
N ASP A 79 -15.77 2.49 -1.40
CA ASP A 79 -14.98 1.95 -0.31
C ASP A 79 -13.55 2.50 -0.35
N TYR A 80 -13.00 2.62 -1.55
CA TYR A 80 -11.65 3.14 -1.72
C TYR A 80 -11.46 4.43 -0.93
N LYS A 81 -12.37 5.36 -1.10
CA LYS A 81 -12.31 6.64 -0.40
C LYS A 81 -12.22 6.43 1.10
N ALA A 82 -13.06 5.54 1.62
CA ALA A 82 -13.08 5.25 3.05
C ALA A 82 -11.73 4.70 3.52
N ALA A 83 -11.12 3.84 2.70
CA ALA A 83 -9.84 3.25 3.03
C ALA A 83 -8.85 4.32 3.48
N LEU A 84 -8.83 5.44 2.77
CA LEU A 84 -7.92 6.54 3.09
C LEU A 84 -8.18 7.05 4.51
N CYS A 85 -9.41 6.91 4.96
CA CYS A 85 -9.79 7.35 6.30
C CYS A 85 -9.04 6.57 7.37
N ARG A 86 -8.44 5.45 6.96
CA ARG A 86 -7.69 4.60 7.88
C ARG A 86 -6.20 4.92 7.82
N HIS A 87 -5.88 6.20 7.71
CA HIS A 87 -4.48 6.63 7.65
C HIS A 87 -3.87 6.70 9.05
N LYS A 88 -2.54 6.66 9.11
CA LYS A 88 -1.83 6.71 10.39
C LYS A 88 -2.34 5.63 11.33
N GLN A 89 -2.43 4.40 10.83
CA GLN A 89 -2.91 3.29 11.64
C GLN A 89 -1.76 2.34 11.98
N TYR A 90 -1.97 1.53 13.01
CA TYR A 90 -0.95 0.59 13.45
C TYR A 90 -1.40 -0.85 13.25
N MET A 91 -0.54 -1.66 12.64
CA MET A 91 -0.86 -3.06 12.39
C MET A 91 -0.48 -3.94 13.59
N GLY A 92 -1.36 -3.98 14.58
CA GLY A 92 -1.09 -4.77 15.77
C GLY A 92 -0.04 -4.15 16.66
N ASN A 93 1.23 -4.30 16.28
CA ASN A 93 2.33 -3.75 17.06
C ASN A 93 3.23 -2.87 16.19
N ARG A 94 2.97 -2.88 14.89
CA ARG A 94 3.75 -2.09 13.95
C ARG A 94 2.95 -0.90 13.44
N PHE A 95 3.58 -0.08 12.61
CA PHE A 95 2.93 1.11 12.06
C PHE A 95 3.04 1.14 10.53
N ILE A 96 1.94 1.44 9.87
CA ILE A 96 1.93 1.51 8.41
C ILE A 96 1.35 2.84 7.92
N GLN A 97 1.80 3.28 6.75
CA GLN A 97 1.34 4.54 6.18
C GLN A 97 0.40 4.27 5.00
N VAL A 98 -0.75 4.96 5.00
CA VAL A 98 -1.73 4.80 3.94
C VAL A 98 -1.69 5.98 2.98
N HIS A 99 -1.44 5.70 1.70
CA HIS A 99 -1.38 6.74 0.68
C HIS A 99 -2.10 6.29 -0.59
N PRO A 100 -2.87 7.22 -1.17
CA PRO A 100 -3.64 6.96 -2.40
C PRO A 100 -2.73 6.80 -3.61
N ILE A 101 -2.82 5.65 -4.26
CA ILE A 101 -2.00 5.38 -5.45
C ILE A 101 -2.85 4.82 -6.59
N THR A 102 -2.48 5.15 -7.81
CA THR A 102 -3.20 4.68 -8.99
C THR A 102 -2.64 3.37 -9.50
N LYS A 103 -3.51 2.53 -10.04
CA LYS A 103 -3.10 1.23 -10.57
C LYS A 103 -1.73 1.32 -11.22
N LYS A 104 -1.58 2.25 -12.16
CA LYS A 104 -0.31 2.43 -12.85
C LYS A 104 0.85 2.55 -11.86
N GLY A 105 0.88 3.65 -11.12
CA GLY A 105 1.93 3.85 -10.14
C GLY A 105 2.16 2.62 -9.27
N MET A 106 1.08 1.95 -8.89
CA MET A 106 1.18 0.75 -8.07
C MET A 106 1.93 -0.35 -8.78
N LEU A 107 1.55 -0.61 -10.03
CA LEU A 107 2.20 -1.65 -10.83
C LEU A 107 3.65 -1.28 -11.12
N GLU A 108 3.90 0.01 -11.34
CA GLU A 108 5.24 0.49 -11.64
C GLU A 108 6.25 -0.08 -10.64
N LYS A 109 5.90 -0.01 -9.35
CA LYS A 109 6.78 -0.52 -8.31
C LYS A 109 6.85 -2.05 -8.35
N ILE A 110 5.69 -2.68 -8.27
CA ILE A 110 5.61 -4.14 -8.29
C ILE A 110 6.60 -4.73 -9.30
N ASP A 111 6.92 -3.94 -10.32
CA ASP A 111 7.86 -4.37 -11.35
C ASP A 111 9.29 -4.32 -10.85
N MET A 112 9.72 -3.13 -10.43
CA MET A 112 11.07 -2.94 -9.93
C MET A 112 11.38 -3.93 -8.81
N ILE A 113 10.35 -4.32 -8.07
CA ILE A 113 10.51 -5.27 -6.97
C ILE A 113 11.01 -6.61 -7.48
N ARG A 114 10.34 -7.14 -8.49
CA ARG A 114 10.72 -8.43 -9.07
C ARG A 114 12.13 -8.38 -9.63
N LYS A 115 12.35 -7.46 -10.56
CA LYS A 115 13.68 -7.30 -11.17
C LYS A 115 14.79 -7.52 -10.15
N ARG A 116 14.73 -6.78 -9.06
CA ARG A 116 15.73 -6.89 -8.00
C ARG A 116 15.97 -8.35 -7.64
N LEU A 117 14.90 -9.06 -7.34
CA LEU A 117 14.99 -10.48 -6.97
C LEU A 117 15.55 -11.30 -8.12
N GLN A 118 15.04 -11.05 -9.33
CA GLN A 118 15.49 -11.77 -10.51
C GLN A 118 17.01 -11.77 -10.61
N SER A 119 17.62 -12.90 -10.32
CA SER A 119 19.08 -13.04 -10.37
C SER A 119 19.48 -14.50 -10.46
N GLY A 120 20.63 -14.75 -11.11
CA GLY A 120 21.11 -16.11 -11.26
C GLY A 120 22.53 -16.16 -11.80
N PRO A 121 22.90 -17.31 -12.37
CA PRO A 121 24.24 -17.51 -12.93
C PRO A 121 24.47 -16.71 -14.19
N SER A 122 23.41 -16.57 -14.99
CA SER A 122 23.49 -15.81 -16.24
C SER A 122 22.10 -15.51 -16.78
N SER A 123 21.81 -14.23 -17.00
CA SER A 123 20.52 -13.81 -17.51
C SER A 123 20.69 -12.84 -18.68
N GLY A 124 20.36 -13.31 -19.89
CA GLY A 124 20.48 -12.48 -21.07
C GLY A 124 20.44 -13.30 -22.35
N GLY A 1 10.16 8.62 47.37
CA GLY A 1 11.33 9.11 46.68
C GLY A 1 10.99 9.99 45.50
N SER A 2 11.60 11.17 45.45
CA SER A 2 11.34 12.12 44.36
C SER A 2 11.72 11.50 43.01
N SER A 3 10.72 11.37 42.13
CA SER A 3 10.95 10.80 40.81
C SER A 3 11.29 11.88 39.79
N GLY A 4 12.25 11.59 38.93
CA GLY A 4 12.66 12.55 37.91
C GLY A 4 12.96 11.90 36.57
N SER A 5 12.30 12.38 35.52
CA SER A 5 12.51 11.83 34.19
C SER A 5 12.16 12.86 33.12
N SER A 6 13.08 13.06 32.19
CA SER A 6 12.88 14.03 31.12
C SER A 6 13.76 13.71 29.91
N GLY A 7 13.12 13.32 28.80
CA GLY A 7 13.86 12.99 27.60
C GLY A 7 12.96 12.58 26.46
N LYS A 8 12.60 13.55 25.61
CA LYS A 8 11.73 13.28 24.48
C LYS A 8 12.56 12.99 23.22
N SER A 9 12.71 11.72 22.89
CA SER A 9 13.47 11.31 21.72
C SER A 9 12.98 12.05 20.48
N PRO A 10 13.92 12.39 19.58
CA PRO A 10 13.61 13.09 18.33
C PRO A 10 12.85 12.21 17.35
N SER A 11 11.70 12.69 16.89
CA SER A 11 10.88 11.94 15.95
C SER A 11 11.03 12.51 14.53
N GLY A 12 12.11 12.12 13.87
CA GLY A 12 12.35 12.59 12.51
C GLY A 12 11.15 12.42 11.61
N GLN A 13 10.66 13.52 11.05
CA GLN A 13 9.51 13.48 10.16
C GLN A 13 9.94 13.42 8.70
N LYS A 14 9.66 12.29 8.05
CA LYS A 14 10.02 12.11 6.65
C LYS A 14 8.84 11.54 5.86
N ARG A 15 8.44 12.28 4.83
CA ARG A 15 7.33 11.85 3.98
C ARG A 15 7.35 12.57 2.64
N SER A 16 6.72 11.97 1.64
CA SER A 16 6.69 12.54 0.30
C SER A 16 5.31 12.36 -0.33
N ARG A 17 4.70 13.47 -0.75
CA ARG A 17 3.38 13.43 -1.37
C ARG A 17 3.45 13.80 -2.85
N SER A 18 2.72 13.07 -3.68
CA SER A 18 2.71 13.32 -5.11
C SER A 18 1.28 13.48 -5.63
N ARG A 19 1.16 14.03 -6.83
CA ARG A 19 -0.16 14.25 -7.44
C ARG A 19 -0.10 14.01 -8.94
N SER A 20 -1.24 13.62 -9.51
CA SER A 20 -1.32 13.36 -10.95
C SER A 20 -2.75 13.52 -11.44
N PRO A 21 -2.90 14.05 -12.67
CA PRO A 21 -4.20 14.26 -13.29
C PRO A 21 -4.89 12.95 -13.67
N HIS A 22 -4.13 12.04 -14.26
CA HIS A 22 -4.67 10.74 -14.67
C HIS A 22 -5.24 9.99 -13.47
N GLU A 23 -6.09 9.01 -13.75
CA GLU A 23 -6.71 8.21 -12.69
C GLU A 23 -6.94 6.77 -13.15
N ALA A 24 -6.34 5.83 -12.43
CA ALA A 24 -6.48 4.42 -12.77
C ALA A 24 -7.07 3.63 -11.59
N GLY A 25 -8.26 3.08 -11.78
CA GLY A 25 -8.90 2.31 -10.74
C GLY A 25 -8.69 2.92 -9.36
N PHE A 26 -8.85 2.11 -8.33
CA PHE A 26 -8.68 2.56 -6.96
C PHE A 26 -7.77 1.62 -6.17
N CYS A 27 -6.55 2.08 -5.90
CA CYS A 27 -5.59 1.27 -5.16
C CYS A 27 -5.02 2.05 -3.98
N VAL A 28 -4.21 1.38 -3.17
CA VAL A 28 -3.61 2.01 -2.00
C VAL A 28 -2.19 1.52 -1.78
N TYR A 29 -1.30 2.42 -1.35
CA TYR A 29 0.09 2.06 -1.11
C TYR A 29 0.37 1.99 0.39
N LEU A 30 0.59 0.77 0.89
CA LEU A 30 0.87 0.57 2.30
C LEU A 30 2.38 0.41 2.54
N LYS A 31 2.93 1.30 3.35
CA LYS A 31 4.36 1.26 3.66
C LYS A 31 4.58 1.18 5.16
N GLY A 32 5.08 0.03 5.63
CA GLY A 32 5.34 -0.14 7.05
C GLY A 32 5.05 -1.55 7.51
N LEU A 33 4.44 -2.36 6.64
CA LEU A 33 4.11 -3.73 6.97
C LEU A 33 5.27 -4.43 7.68
N PRO A 34 4.94 -5.41 8.54
CA PRO A 34 5.95 -6.16 9.29
C PRO A 34 6.77 -7.08 8.40
N PHE A 35 7.66 -7.85 9.02
CA PHE A 35 8.51 -8.78 8.28
C PHE A 35 7.75 -10.05 7.93
N GLU A 36 6.95 -10.53 8.87
CA GLU A 36 6.17 -11.75 8.66
C GLU A 36 4.77 -11.41 8.15
N ALA A 37 4.63 -10.23 7.56
CA ALA A 37 3.36 -9.79 7.01
C ALA A 37 2.80 -10.81 6.03
N GLU A 38 1.48 -10.81 5.86
CA GLU A 38 0.83 -11.74 4.96
C GLU A 38 -0.48 -11.15 4.42
N ASN A 39 -0.97 -11.71 3.32
CA ASN A 39 -2.20 -11.24 2.70
C ASN A 39 -3.28 -11.01 3.76
N LYS A 40 -3.28 -11.83 4.79
CA LYS A 40 -4.24 -11.72 5.88
C LYS A 40 -4.09 -10.39 6.61
N HIS A 41 -2.84 -10.02 6.90
CA HIS A 41 -2.56 -8.77 7.60
C HIS A 41 -3.11 -7.58 6.82
N VAL A 42 -2.85 -7.56 5.52
CA VAL A 42 -3.32 -6.47 4.67
C VAL A 42 -4.83 -6.34 4.73
N ILE A 43 -5.52 -7.47 4.84
CA ILE A 43 -6.98 -7.46 4.93
C ILE A 43 -7.46 -6.90 6.26
N ASP A 44 -6.90 -7.42 7.35
CA ASP A 44 -7.28 -6.96 8.68
C ASP A 44 -7.17 -5.44 8.79
N PHE A 45 -6.28 -4.86 7.99
CA PHE A 45 -6.09 -3.41 8.00
C PHE A 45 -7.27 -2.70 7.35
N PHE A 46 -7.68 -3.19 6.18
CA PHE A 46 -8.79 -2.60 5.46
C PHE A 46 -10.02 -3.51 5.51
N LYS A 47 -10.39 -3.90 6.73
CA LYS A 47 -11.55 -4.78 6.93
C LYS A 47 -12.85 -4.03 6.65
N LYS A 48 -13.95 -4.76 6.61
CA LYS A 48 -15.25 -4.17 6.35
C LYS A 48 -15.29 -3.49 4.99
N LEU A 49 -14.53 -4.04 4.04
CA LEU A 49 -14.48 -3.48 2.69
C LEU A 49 -14.37 -4.59 1.66
N ASP A 50 -14.32 -4.21 0.39
CA ASP A 50 -14.21 -5.17 -0.71
C ASP A 50 -12.88 -5.02 -1.43
N ILE A 51 -11.97 -5.95 -1.18
CA ILE A 51 -10.66 -5.93 -1.81
C ILE A 51 -10.40 -7.21 -2.60
N VAL A 52 -9.81 -7.06 -3.78
CA VAL A 52 -9.51 -8.21 -4.63
C VAL A 52 -8.36 -9.03 -4.05
N GLU A 53 -8.72 -10.07 -3.28
CA GLU A 53 -7.71 -10.93 -2.66
C GLU A 53 -6.51 -11.10 -3.59
N ASP A 54 -6.76 -11.20 -4.88
CA ASP A 54 -5.70 -11.37 -5.86
C ASP A 54 -4.81 -10.12 -5.91
N SER A 55 -5.42 -8.97 -6.14
CA SER A 55 -4.69 -7.71 -6.21
C SER A 55 -3.67 -7.60 -5.08
N ILE A 56 -4.15 -7.84 -3.85
CA ILE A 56 -3.28 -7.77 -2.68
C ILE A 56 -1.87 -8.25 -3.00
N TYR A 57 -0.95 -7.31 -3.16
CA TYR A 57 0.43 -7.63 -3.46
C TYR A 57 1.37 -7.11 -2.38
N ILE A 58 2.32 -7.95 -1.98
CA ILE A 58 3.28 -7.58 -0.95
C ILE A 58 4.72 -7.87 -1.40
N ALA A 59 5.62 -6.92 -1.15
CA ALA A 59 7.01 -7.08 -1.53
C ALA A 59 7.77 -7.91 -0.49
N TYR A 60 8.66 -8.77 -0.96
CA TYR A 60 9.45 -9.63 -0.08
C TYR A 60 10.93 -9.51 -0.39
N GLY A 61 11.71 -9.12 0.63
CA GLY A 61 13.15 -8.97 0.44
C GLY A 61 13.81 -10.27 0.01
N PRO A 62 15.11 -10.19 -0.32
CA PRO A 62 15.88 -11.35 -0.76
C PRO A 62 16.13 -12.35 0.37
N ASN A 63 15.81 -11.93 1.60
CA ASN A 63 15.99 -12.79 2.77
C ASN A 63 14.70 -13.52 3.12
N GLY A 64 13.72 -13.42 2.23
CA GLY A 64 12.44 -14.08 2.46
C GLY A 64 11.52 -13.27 3.36
N LYS A 65 12.09 -12.32 4.08
CA LYS A 65 11.32 -11.47 4.98
C LYS A 65 10.59 -10.38 4.20
N ALA A 66 9.53 -9.83 4.80
CA ALA A 66 8.75 -8.78 4.16
C ALA A 66 9.48 -7.44 4.23
N THR A 67 9.75 -6.85 3.06
CA THR A 67 10.44 -5.58 2.99
C THR A 67 9.69 -4.49 3.75
N GLY A 68 8.35 -4.54 3.67
CA GLY A 68 7.54 -3.56 4.36
C GLY A 68 6.76 -2.68 3.40
N GLU A 69 6.45 -3.21 2.23
CA GLU A 69 5.71 -2.46 1.22
C GLU A 69 4.67 -3.35 0.54
N GLY A 70 3.41 -2.89 0.58
CA GLY A 70 2.34 -3.66 -0.04
C GLY A 70 1.41 -2.78 -0.86
N PHE A 71 0.48 -3.42 -1.56
CA PHE A 71 -0.48 -2.70 -2.39
C PHE A 71 -1.84 -3.39 -2.40
N VAL A 72 -2.91 -2.60 -2.43
CA VAL A 72 -4.26 -3.15 -2.44
C VAL A 72 -5.14 -2.40 -3.43
N GLU A 73 -6.07 -3.11 -4.05
CA GLU A 73 -6.98 -2.53 -5.02
C GLU A 73 -8.43 -2.82 -4.66
N PHE A 74 -9.21 -1.76 -4.45
CA PHE A 74 -10.62 -1.91 -4.10
C PHE A 74 -11.49 -1.98 -5.35
N ARG A 75 -12.50 -2.83 -5.31
CA ARG A 75 -13.42 -2.98 -6.45
C ARG A 75 -14.20 -1.71 -6.69
N ASN A 76 -15.10 -1.37 -5.76
CA ASN A 76 -15.92 -0.18 -5.88
C ASN A 76 -15.12 1.07 -5.49
N GLU A 77 -15.76 2.23 -5.59
CA GLU A 77 -15.10 3.48 -5.25
C GLU A 77 -15.47 3.93 -3.84
N ALA A 78 -16.66 3.54 -3.39
CA ALA A 78 -17.13 3.89 -2.05
C ALA A 78 -16.23 3.28 -0.98
N ASP A 79 -15.73 2.08 -1.24
CA ASP A 79 -14.86 1.39 -0.30
C ASP A 79 -13.41 1.87 -0.45
N TYR A 80 -13.16 2.65 -1.49
CA TYR A 80 -11.81 3.17 -1.74
C TYR A 80 -11.55 4.41 -0.89
N LYS A 81 -12.48 5.35 -0.91
CA LYS A 81 -12.35 6.59 -0.14
C LYS A 81 -12.21 6.28 1.35
N ALA A 82 -13.02 5.34 1.83
CA ALA A 82 -12.98 4.95 3.23
C ALA A 82 -11.60 4.45 3.64
N ALA A 83 -10.97 3.70 2.75
CA ALA A 83 -9.64 3.16 3.00
C ALA A 83 -8.66 4.26 3.39
N LEU A 84 -8.70 5.37 2.64
CA LEU A 84 -7.82 6.50 2.90
C LEU A 84 -8.04 7.06 4.31
N CYS A 85 -9.30 7.07 4.74
CA CYS A 85 -9.64 7.56 6.06
C CYS A 85 -8.96 6.74 7.15
N ARG A 86 -8.37 5.63 6.76
CA ARG A 86 -7.68 4.75 7.70
C ARG A 86 -6.18 5.02 7.70
N HIS A 87 -5.82 6.30 7.54
CA HIS A 87 -4.42 6.70 7.54
C HIS A 87 -3.86 6.76 8.95
N LYS A 88 -2.54 6.65 9.06
CA LYS A 88 -1.88 6.69 10.37
C LYS A 88 -2.39 5.58 11.27
N GLN A 89 -2.49 4.38 10.72
CA GLN A 89 -2.96 3.22 11.49
C GLN A 89 -1.81 2.29 11.83
N TYR A 90 -2.03 1.44 12.83
CA TYR A 90 -1.00 0.49 13.26
C TYR A 90 -1.49 -0.95 13.11
N MET A 91 -0.58 -1.84 12.74
CA MET A 91 -0.92 -3.26 12.56
C MET A 91 -0.49 -4.07 13.78
N GLY A 92 -1.34 -4.08 14.81
CA GLY A 92 -1.03 -4.83 16.01
C GLY A 92 0.06 -4.17 16.84
N ASN A 93 1.30 -4.32 16.40
CA ASN A 93 2.44 -3.73 17.11
C ASN A 93 3.32 -2.94 16.17
N ARG A 94 2.91 -2.86 14.91
CA ARG A 94 3.67 -2.13 13.89
C ARG A 94 2.89 -0.92 13.40
N PHE A 95 3.48 -0.17 12.47
CA PHE A 95 2.83 1.02 11.92
C PHE A 95 2.97 1.04 10.40
N ILE A 96 1.88 1.37 9.71
CA ILE A 96 1.88 1.44 8.26
C ILE A 96 1.36 2.79 7.77
N GLN A 97 1.85 3.23 6.61
CA GLN A 97 1.44 4.49 6.03
C GLN A 97 0.52 4.27 4.83
N VAL A 98 -0.60 4.98 4.82
CA VAL A 98 -1.56 4.87 3.72
C VAL A 98 -1.39 6.00 2.72
N HIS A 99 -1.10 5.65 1.47
CA HIS A 99 -0.91 6.65 0.43
C HIS A 99 -1.63 6.22 -0.86
N PRO A 100 -2.51 7.09 -1.37
CA PRO A 100 -3.27 6.84 -2.59
C PRO A 100 -2.40 6.84 -3.83
N ILE A 101 -2.48 5.77 -4.62
CA ILE A 101 -1.70 5.65 -5.84
C ILE A 101 -2.51 5.01 -6.95
N THR A 102 -2.35 5.51 -8.17
CA THR A 102 -3.07 4.98 -9.32
C THR A 102 -2.57 3.58 -9.69
N LYS A 103 -3.50 2.71 -10.05
CA LYS A 103 -3.16 1.35 -10.43
C LYS A 103 -1.91 1.31 -11.29
N LYS A 104 -1.88 2.14 -12.33
CA LYS A 104 -0.74 2.20 -13.23
C LYS A 104 0.56 2.33 -12.46
N GLY A 105 0.62 3.31 -11.56
CA GLY A 105 1.80 3.51 -10.76
C GLY A 105 2.07 2.37 -9.79
N MET A 106 1.00 1.70 -9.37
CA MET A 106 1.12 0.58 -8.46
C MET A 106 1.90 -0.57 -9.09
N LEU A 107 1.65 -0.83 -10.36
CA LEU A 107 2.33 -1.90 -11.07
C LEU A 107 3.77 -1.52 -11.37
N GLU A 108 4.00 -0.24 -11.69
CA GLU A 108 5.34 0.24 -11.99
C GLU A 108 6.33 -0.19 -10.92
N LYS A 109 5.97 0.05 -9.66
CA LYS A 109 6.82 -0.31 -8.53
C LYS A 109 6.99 -1.82 -8.45
N ILE A 110 5.87 -2.54 -8.45
CA ILE A 110 5.91 -4.00 -8.39
C ILE A 110 6.93 -4.58 -9.35
N ASP A 111 6.93 -4.07 -10.58
CA ASP A 111 7.86 -4.53 -11.60
C ASP A 111 9.31 -4.40 -11.12
N MET A 112 9.61 -3.27 -10.49
CA MET A 112 10.96 -3.02 -9.98
C MET A 112 11.30 -4.00 -8.87
N ILE A 113 10.42 -4.13 -7.89
CA ILE A 113 10.64 -5.02 -6.76
C ILE A 113 11.10 -6.40 -7.24
N ARG A 114 10.54 -6.85 -8.36
CA ARG A 114 10.90 -8.14 -8.93
C ARG A 114 12.33 -8.13 -9.44
N LYS A 115 12.61 -7.29 -10.43
CA LYS A 115 13.94 -7.19 -11.00
C LYS A 115 15.01 -7.36 -9.94
N ARG A 116 14.93 -6.54 -8.89
CA ARG A 116 15.89 -6.60 -7.80
C ARG A 116 16.19 -8.05 -7.42
N LEU A 117 15.13 -8.82 -7.19
CA LEU A 117 15.27 -10.23 -6.82
C LEU A 117 15.80 -11.06 -7.99
N GLN A 118 15.16 -10.94 -9.13
CA GLN A 118 15.57 -11.67 -10.33
C GLN A 118 17.07 -11.58 -10.53
N SER A 119 17.71 -12.73 -10.73
CA SER A 119 19.15 -12.78 -10.93
C SER A 119 19.50 -13.43 -12.27
N GLY A 120 19.81 -12.60 -13.26
CA GLY A 120 20.16 -13.11 -14.57
C GLY A 120 20.63 -12.02 -15.51
N PRO A 121 20.83 -12.37 -16.80
CA PRO A 121 21.29 -11.43 -17.81
C PRO A 121 20.24 -10.37 -18.16
N SER A 122 20.64 -9.38 -18.95
CA SER A 122 19.73 -8.32 -19.35
C SER A 122 19.24 -8.52 -20.77
N SER A 123 17.93 -8.43 -20.97
CA SER A 123 17.35 -8.61 -22.30
C SER A 123 17.24 -7.28 -23.03
N GLY A 124 18.26 -6.97 -23.81
CA GLY A 124 18.27 -5.72 -24.56
C GLY A 124 19.38 -4.78 -24.12
N GLY A 1 -18.57 5.15 11.41
CA GLY A 1 -17.29 4.59 11.01
C GLY A 1 -16.24 4.73 12.10
N SER A 2 -14.98 4.86 11.69
CA SER A 2 -13.88 4.99 12.64
C SER A 2 -13.29 6.39 12.60
N SER A 3 -13.50 7.14 13.68
CA SER A 3 -12.99 8.50 13.76
C SER A 3 -11.46 8.52 13.69
N GLY A 4 -10.83 7.76 14.59
CA GLY A 4 -9.38 7.70 14.61
C GLY A 4 -8.80 8.22 15.91
N SER A 5 -7.61 8.81 15.85
CA SER A 5 -6.94 9.33 17.03
C SER A 5 -7.74 10.48 17.63
N SER A 6 -7.73 10.57 18.96
CA SER A 6 -8.45 11.63 19.66
C SER A 6 -7.50 12.48 20.49
N GLY A 7 -7.38 13.75 20.12
CA GLY A 7 -6.50 14.65 20.84
C GLY A 7 -5.31 15.09 20.02
N LYS A 8 -5.55 16.05 19.13
CA LYS A 8 -4.49 16.57 18.26
C LYS A 8 -4.77 18.02 17.87
N SER A 9 -3.70 18.81 17.77
CA SER A 9 -3.83 20.22 17.40
C SER A 9 -3.29 20.47 16.00
N PRO A 10 -4.00 21.33 15.25
CA PRO A 10 -3.62 21.67 13.88
C PRO A 10 -2.35 22.52 13.82
N SER A 11 -1.99 22.96 12.62
CA SER A 11 -0.79 23.77 12.44
C SER A 11 -1.11 25.02 11.61
N GLY A 12 -1.76 24.82 10.47
CA GLY A 12 -2.10 25.93 9.60
C GLY A 12 -1.18 26.05 8.40
N GLN A 13 -1.33 25.14 7.45
CA GLN A 13 -0.51 25.13 6.25
C GLN A 13 -1.36 25.07 4.99
N LYS A 14 -0.76 25.37 3.85
CA LYS A 14 -1.47 25.34 2.58
C LYS A 14 -1.04 24.13 1.75
N ARG A 15 -2.03 23.40 1.23
CA ARG A 15 -1.76 22.22 0.42
C ARG A 15 -2.63 22.21 -0.83
N SER A 16 -2.08 21.68 -1.92
CA SER A 16 -2.81 21.61 -3.19
C SER A 16 -3.24 20.18 -3.49
N ARG A 17 -4.24 20.05 -4.36
CA ARG A 17 -4.75 18.73 -4.73
C ARG A 17 -5.81 18.85 -5.82
N SER A 18 -6.01 17.77 -6.57
CA SER A 18 -6.98 17.76 -7.65
C SER A 18 -6.59 18.72 -8.75
N ARG A 19 -5.29 18.83 -9.01
CA ARG A 19 -4.78 19.72 -10.04
C ARG A 19 -5.22 19.25 -11.42
N SER A 20 -5.52 17.96 -11.55
CA SER A 20 -5.96 17.40 -12.81
C SER A 20 -6.38 15.94 -12.64
N PRO A 21 -7.54 15.60 -13.23
CA PRO A 21 -8.10 14.24 -13.15
C PRO A 21 -7.28 13.24 -13.95
N HIS A 22 -7.14 12.03 -13.43
CA HIS A 22 -6.39 10.97 -14.10
C HIS A 22 -7.28 9.77 -14.40
N GLU A 23 -6.78 8.86 -15.24
CA GLU A 23 -7.54 7.68 -15.61
C GLU A 23 -6.87 6.42 -15.04
N ALA A 24 -7.50 5.84 -14.03
CA ALA A 24 -6.97 4.63 -13.39
C ALA A 24 -7.97 4.06 -12.39
N GLY A 25 -7.78 2.79 -12.04
CA GLY A 25 -8.67 2.14 -11.09
C GLY A 25 -8.59 2.76 -9.71
N PHE A 26 -8.61 1.90 -8.69
CA PHE A 26 -8.53 2.36 -7.31
C PHE A 26 -7.65 1.44 -6.48
N CYS A 27 -6.46 1.92 -6.15
CA CYS A 27 -5.50 1.14 -5.36
C CYS A 27 -4.96 1.97 -4.20
N VAL A 28 -4.34 1.29 -3.23
CA VAL A 28 -3.78 1.96 -2.07
C VAL A 28 -2.37 1.45 -1.77
N TYR A 29 -1.46 2.37 -1.47
CA TYR A 29 -0.08 2.00 -1.17
C TYR A 29 0.16 2.01 0.34
N LEU A 30 0.53 0.85 0.87
CA LEU A 30 0.79 0.71 2.30
C LEU A 30 2.28 0.56 2.56
N LYS A 31 2.79 1.31 3.54
CA LYS A 31 4.19 1.26 3.90
C LYS A 31 4.36 1.10 5.40
N GLY A 32 4.97 -0.01 5.82
CA GLY A 32 5.18 -0.25 7.23
C GLY A 32 4.96 -1.72 7.60
N LEU A 33 4.22 -2.43 6.77
CA LEU A 33 3.93 -3.85 7.02
C LEU A 33 5.12 -4.52 7.70
N PRO A 34 4.83 -5.54 8.51
CA PRO A 34 5.86 -6.30 9.24
C PRO A 34 6.70 -7.16 8.29
N PHE A 35 7.77 -7.74 8.83
CA PHE A 35 8.66 -8.59 8.04
C PHE A 35 7.95 -9.89 7.65
N GLU A 36 7.18 -10.44 8.57
CA GLU A 36 6.45 -11.68 8.32
C GLU A 36 4.99 -11.39 7.99
N ALA A 37 4.74 -10.25 7.35
CA ALA A 37 3.39 -9.87 6.98
C ALA A 37 2.82 -10.80 5.93
N GLU A 38 1.50 -10.90 5.88
CA GLU A 38 0.82 -11.77 4.92
C GLU A 38 -0.45 -11.12 4.39
N ASN A 39 -0.90 -11.55 3.21
CA ASN A 39 -2.10 -11.01 2.60
C ASN A 39 -3.20 -10.80 3.64
N LYS A 40 -3.31 -11.76 4.56
CA LYS A 40 -4.33 -11.68 5.61
C LYS A 40 -4.18 -10.40 6.42
N HIS A 41 -2.94 -10.07 6.77
CA HIS A 41 -2.65 -8.86 7.54
C HIS A 41 -3.21 -7.62 6.84
N VAL A 42 -2.92 -7.50 5.54
CA VAL A 42 -3.40 -6.38 4.75
C VAL A 42 -4.92 -6.29 4.77
N ILE A 43 -5.57 -7.45 4.65
CA ILE A 43 -7.03 -7.51 4.65
C ILE A 43 -7.61 -6.81 5.88
N ASP A 44 -7.12 -7.20 7.06
CA ASP A 44 -7.58 -6.62 8.31
C ASP A 44 -7.41 -5.09 8.30
N PHE A 45 -6.21 -4.65 7.92
CA PHE A 45 -5.91 -3.23 7.88
C PHE A 45 -7.11 -2.43 7.35
N PHE A 46 -7.68 -2.92 6.26
CA PHE A 46 -8.83 -2.26 5.64
C PHE A 46 -10.09 -3.10 5.80
N LYS A 47 -10.37 -3.52 7.03
CA LYS A 47 -11.54 -4.33 7.32
C LYS A 47 -12.81 -3.63 6.87
N LYS A 48 -13.89 -4.39 6.71
CA LYS A 48 -15.17 -3.84 6.29
C LYS A 48 -15.07 -3.25 4.88
N LEU A 49 -14.29 -3.88 4.03
CA LEU A 49 -14.11 -3.43 2.66
C LEU A 49 -13.85 -4.60 1.72
N ASP A 50 -14.01 -4.36 0.42
CA ASP A 50 -13.80 -5.40 -0.58
C ASP A 50 -12.38 -5.32 -1.13
N ILE A 51 -11.51 -6.22 -0.67
CA ILE A 51 -10.12 -6.25 -1.12
C ILE A 51 -9.83 -7.52 -1.89
N VAL A 52 -9.57 -7.37 -3.19
CA VAL A 52 -9.27 -8.51 -4.05
C VAL A 52 -8.03 -9.27 -3.55
N GLU A 53 -8.25 -10.30 -2.75
CA GLU A 53 -7.17 -11.09 -2.21
C GLU A 53 -6.06 -11.26 -3.24
N ASP A 54 -6.43 -11.28 -4.52
CA ASP A 54 -5.47 -11.44 -5.60
C ASP A 54 -4.67 -10.15 -5.80
N SER A 55 -5.38 -9.05 -6.06
CA SER A 55 -4.73 -7.77 -6.27
C SER A 55 -3.71 -7.48 -5.19
N ILE A 56 -3.99 -7.96 -3.98
CA ILE A 56 -3.08 -7.75 -2.85
C ILE A 56 -1.66 -8.18 -3.20
N TYR A 57 -0.74 -7.21 -3.20
CA TYR A 57 0.65 -7.48 -3.51
C TYR A 57 1.57 -6.93 -2.43
N ILE A 58 2.57 -7.72 -2.05
CA ILE A 58 3.52 -7.31 -1.03
C ILE A 58 4.96 -7.60 -1.46
N ALA A 59 5.85 -6.65 -1.20
CA ALA A 59 7.26 -6.81 -1.56
C ALA A 59 8.01 -7.62 -0.51
N TYR A 60 8.88 -8.51 -0.97
CA TYR A 60 9.66 -9.35 -0.07
C TYR A 60 11.14 -9.31 -0.44
N GLY A 61 11.96 -8.85 0.50
CA GLY A 61 13.39 -8.77 0.27
C GLY A 61 13.97 -10.08 -0.21
N PRO A 62 15.29 -10.09 -0.50
CA PRO A 62 15.98 -11.28 -0.97
C PRO A 62 16.12 -12.35 0.10
N ASN A 63 16.58 -11.93 1.28
CA ASN A 63 16.76 -12.86 2.40
C ASN A 63 15.51 -13.71 2.59
N GLY A 64 14.35 -13.11 2.39
CA GLY A 64 13.09 -13.83 2.55
C GLY A 64 12.16 -13.16 3.54
N LYS A 65 12.20 -11.83 3.58
CA LYS A 65 11.35 -11.07 4.48
C LYS A 65 10.58 -9.98 3.73
N ALA A 66 9.64 -9.34 4.41
CA ALA A 66 8.84 -8.28 3.81
C ALA A 66 9.53 -6.92 3.97
N THR A 67 9.88 -6.31 2.84
CA THR A 67 10.53 -5.01 2.86
C THR A 67 9.71 -3.98 3.62
N GLY A 68 8.39 -4.08 3.51
CA GLY A 68 7.51 -3.16 4.20
C GLY A 68 6.68 -2.33 3.24
N GLU A 69 6.45 -2.86 2.04
CA GLU A 69 5.67 -2.15 1.03
C GLU A 69 4.61 -3.08 0.43
N GLY A 70 3.35 -2.68 0.58
CA GLY A 70 2.25 -3.47 0.05
C GLY A 70 1.35 -2.67 -0.87
N PHE A 71 0.45 -3.38 -1.57
CA PHE A 71 -0.47 -2.72 -2.49
C PHE A 71 -1.82 -3.44 -2.50
N VAL A 72 -2.89 -2.66 -2.54
CA VAL A 72 -4.24 -3.21 -2.55
C VAL A 72 -5.13 -2.49 -3.56
N GLU A 73 -6.16 -3.18 -4.04
CA GLU A 73 -7.08 -2.59 -5.00
C GLU A 73 -8.53 -2.84 -4.59
N PHE A 74 -9.26 -1.77 -4.31
CA PHE A 74 -10.65 -1.86 -3.90
C PHE A 74 -11.57 -1.91 -5.12
N ARG A 75 -12.13 -3.07 -5.40
CA ARG A 75 -13.02 -3.24 -6.54
C ARG A 75 -13.90 -2.00 -6.73
N ASN A 76 -14.76 -1.73 -5.75
CA ASN A 76 -15.65 -0.58 -5.80
C ASN A 76 -14.89 0.71 -5.47
N GLU A 77 -15.55 1.84 -5.70
CA GLU A 77 -14.94 3.14 -5.41
C GLU A 77 -15.40 3.67 -4.06
N ALA A 78 -16.68 3.49 -3.76
CA ALA A 78 -17.24 3.95 -2.50
C ALA A 78 -16.41 3.46 -1.32
N ASP A 79 -15.95 2.22 -1.39
CA ASP A 79 -15.14 1.63 -0.32
C ASP A 79 -13.70 2.13 -0.41
N TYR A 80 -13.22 2.35 -1.62
CA TYR A 80 -11.86 2.82 -1.84
C TYR A 80 -11.59 4.08 -1.00
N LYS A 81 -12.56 4.98 -0.97
CA LYS A 81 -12.42 6.23 -0.22
C LYS A 81 -12.23 5.94 1.26
N ALA A 82 -13.09 5.08 1.81
CA ALA A 82 -13.01 4.72 3.23
C ALA A 82 -11.60 4.31 3.61
N ALA A 83 -10.94 3.54 2.75
CA ALA A 83 -9.59 3.08 3.00
C ALA A 83 -8.68 4.25 3.39
N LEU A 84 -8.76 5.33 2.62
CA LEU A 84 -7.95 6.51 2.88
C LEU A 84 -8.22 7.06 4.28
N CYS A 85 -9.48 7.11 4.65
CA CYS A 85 -9.88 7.61 5.97
C CYS A 85 -9.19 6.83 7.08
N ARG A 86 -8.60 5.70 6.71
CA ARG A 86 -7.90 4.86 7.68
C ARG A 86 -6.40 5.12 7.66
N HIS A 87 -6.03 6.40 7.68
CA HIS A 87 -4.63 6.79 7.66
C HIS A 87 -4.05 6.79 9.07
N LYS A 88 -2.75 6.52 9.16
CA LYS A 88 -2.07 6.48 10.46
C LYS A 88 -2.62 5.35 11.33
N GLN A 89 -2.68 4.15 10.77
CA GLN A 89 -3.18 2.99 11.49
C GLN A 89 -2.04 2.09 11.93
N TYR A 90 -2.28 1.32 12.99
CA TYR A 90 -1.26 0.41 13.52
C TYR A 90 -1.71 -1.04 13.41
N MET A 91 -0.83 -1.90 12.91
CA MET A 91 -1.14 -3.31 12.76
C MET A 91 -0.74 -4.10 14.01
N GLY A 92 -1.61 -4.07 15.02
CA GLY A 92 -1.33 -4.78 16.25
C GLY A 92 -0.22 -4.14 17.06
N ASN A 93 1.01 -4.30 16.60
CA ASN A 93 2.17 -3.74 17.29
C ASN A 93 2.98 -2.86 16.34
N ARG A 94 2.82 -3.08 15.03
CA ARG A 94 3.53 -2.31 14.03
C ARG A 94 2.70 -1.11 13.55
N PHE A 95 3.29 -0.29 12.71
CA PHE A 95 2.60 0.89 12.19
C PHE A 95 2.78 0.99 10.68
N ILE A 96 1.67 1.19 9.97
CA ILE A 96 1.70 1.30 8.52
C ILE A 96 1.18 2.66 8.07
N GLN A 97 1.63 3.10 6.89
CA GLN A 97 1.20 4.38 6.35
C GLN A 97 0.28 4.18 5.15
N VAL A 98 -0.77 5.00 5.07
CA VAL A 98 -1.73 4.92 3.98
C VAL A 98 -1.52 6.05 2.98
N HIS A 99 -1.30 5.68 1.72
CA HIS A 99 -1.10 6.67 0.66
C HIS A 99 -1.70 6.20 -0.65
N PRO A 100 -2.61 7.01 -1.21
CA PRO A 100 -3.28 6.70 -2.48
C PRO A 100 -2.33 6.76 -3.67
N ILE A 101 -2.43 5.77 -4.55
CA ILE A 101 -1.59 5.71 -5.73
C ILE A 101 -2.37 5.23 -6.95
N THR A 102 -1.98 5.70 -8.13
CA THR A 102 -2.64 5.33 -9.37
C THR A 102 -2.28 3.90 -9.77
N LYS A 103 -3.28 3.15 -10.23
CA LYS A 103 -3.06 1.77 -10.64
C LYS A 103 -1.71 1.62 -11.35
N LYS A 104 -1.41 2.55 -12.24
CA LYS A 104 -0.15 2.52 -12.97
C LYS A 104 1.04 2.69 -12.03
N GLY A 105 1.00 3.74 -11.22
CA GLY A 105 2.07 4.00 -10.28
C GLY A 105 2.35 2.81 -9.37
N MET A 106 1.31 2.06 -9.05
CA MET A 106 1.44 0.89 -8.19
C MET A 106 2.20 -0.23 -8.90
N LEU A 107 1.92 -0.40 -10.19
CA LEU A 107 2.58 -1.42 -10.98
C LEU A 107 4.05 -1.10 -11.18
N GLU A 108 4.35 0.17 -11.47
CA GLU A 108 5.71 0.61 -11.68
C GLU A 108 6.66 -0.03 -10.67
N LYS A 109 6.24 -0.02 -9.40
CA LYS A 109 7.04 -0.59 -8.33
C LYS A 109 7.03 -2.12 -8.40
N ILE A 110 5.82 -2.69 -8.40
CA ILE A 110 5.66 -4.13 -8.45
C ILE A 110 6.62 -4.75 -9.46
N ASP A 111 7.05 -3.95 -10.43
CA ASP A 111 7.98 -4.41 -11.46
C ASP A 111 9.42 -4.39 -10.95
N MET A 112 9.91 -3.21 -10.62
CA MET A 112 11.27 -3.05 -10.12
C MET A 112 11.54 -4.05 -9.00
N ILE A 113 10.57 -4.21 -8.11
CA ILE A 113 10.72 -5.12 -6.99
C ILE A 113 11.04 -6.54 -7.47
N ARG A 114 10.24 -7.04 -8.40
CA ARG A 114 10.44 -8.38 -8.94
C ARG A 114 11.83 -8.51 -9.55
N LYS A 115 12.16 -7.60 -10.47
CA LYS A 115 13.45 -7.62 -11.14
C LYS A 115 14.56 -7.93 -10.15
N ARG A 116 14.59 -7.21 -9.03
CA ARG A 116 15.61 -7.41 -8.00
C ARG A 116 15.70 -8.88 -7.63
N LEU A 117 14.55 -9.53 -7.49
CA LEU A 117 14.51 -10.94 -7.12
C LEU A 117 14.84 -11.83 -8.32
N GLN A 118 14.04 -11.71 -9.37
CA GLN A 118 14.25 -12.50 -10.58
C GLN A 118 15.72 -12.50 -10.98
N SER A 119 16.30 -13.69 -11.14
CA SER A 119 17.69 -13.83 -11.52
C SER A 119 18.55 -12.79 -10.80
N GLY A 120 18.19 -12.49 -9.55
CA GLY A 120 18.94 -11.52 -8.78
C GLY A 120 20.05 -12.15 -7.97
N PRO A 121 20.49 -11.44 -6.90
CA PRO A 121 21.55 -11.93 -6.03
C PRO A 121 21.13 -13.12 -5.18
N SER A 122 19.82 -13.38 -5.17
CA SER A 122 19.28 -14.50 -4.39
C SER A 122 19.15 -15.75 -5.26
N SER A 123 19.58 -16.88 -4.71
CA SER A 123 19.52 -18.14 -5.43
C SER A 123 18.12 -18.73 -5.40
N GLY A 124 17.53 -18.92 -6.57
CA GLY A 124 16.19 -19.47 -6.65
C GLY A 124 15.94 -20.23 -7.94
N GLY A 1 -19.69 11.86 29.91
CA GLY A 1 -18.50 12.50 29.39
C GLY A 1 -18.81 13.81 28.70
N SER A 2 -18.52 14.91 29.38
CA SER A 2 -18.77 16.24 28.83
C SER A 2 -17.50 17.08 28.83
N SER A 3 -17.49 18.12 28.00
CA SER A 3 -16.32 19.00 27.90
C SER A 3 -16.72 20.34 27.27
N GLY A 4 -15.73 21.23 27.13
CA GLY A 4 -15.99 22.53 26.55
C GLY A 4 -16.08 22.48 25.03
N SER A 5 -16.96 21.62 24.53
CA SER A 5 -17.15 21.47 23.09
C SER A 5 -18.26 22.40 22.60
N SER A 6 -18.25 22.66 21.29
CA SER A 6 -19.26 23.54 20.69
C SER A 6 -19.83 22.90 19.42
N GLY A 7 -21.06 23.29 19.08
CA GLY A 7 -21.70 22.76 17.89
C GLY A 7 -20.76 22.68 16.71
N LYS A 8 -21.04 21.74 15.81
CA LYS A 8 -20.20 21.56 14.62
C LYS A 8 -21.06 21.49 13.36
N SER A 9 -20.47 21.84 12.22
CA SER A 9 -21.18 21.81 10.95
C SER A 9 -20.72 20.63 10.09
N PRO A 10 -21.67 20.03 9.36
CA PRO A 10 -21.38 18.89 8.48
C PRO A 10 -20.54 19.27 7.27
N SER A 11 -20.51 20.56 6.96
CA SER A 11 -19.74 21.07 5.82
C SER A 11 -19.00 22.35 6.20
N GLY A 12 -17.84 22.55 5.58
CA GLY A 12 -17.05 23.74 5.85
C GLY A 12 -16.54 24.40 4.59
N GLN A 13 -15.49 25.21 4.72
CA GLN A 13 -14.91 25.90 3.58
C GLN A 13 -14.04 24.96 2.75
N LYS A 14 -14.40 24.79 1.49
CA LYS A 14 -13.65 23.91 0.59
C LYS A 14 -12.52 24.67 -0.09
N ARG A 15 -11.32 24.13 0.01
CA ARG A 15 -10.15 24.76 -0.59
C ARG A 15 -9.69 23.98 -1.82
N SER A 16 -8.84 24.61 -2.64
CA SER A 16 -8.34 23.97 -3.85
C SER A 16 -7.92 22.53 -3.57
N ARG A 17 -8.62 21.60 -4.20
CA ARG A 17 -8.32 20.17 -4.03
C ARG A 17 -7.59 19.62 -5.25
N SER A 18 -6.27 19.51 -5.14
CA SER A 18 -5.45 18.99 -6.23
C SER A 18 -5.88 17.58 -6.61
N ARG A 19 -6.10 17.37 -7.91
CA ARG A 19 -6.52 16.05 -8.40
C ARG A 19 -6.11 15.88 -9.86
N SER A 20 -6.26 14.65 -10.36
CA SER A 20 -5.90 14.34 -11.74
C SER A 20 -7.14 14.36 -12.64
N PRO A 21 -6.95 14.76 -13.90
CA PRO A 21 -8.02 14.84 -14.89
C PRO A 21 -8.53 13.46 -15.29
N HIS A 22 -7.87 12.43 -14.82
CA HIS A 22 -8.25 11.05 -15.13
C HIS A 22 -7.70 10.08 -14.09
N GLU A 23 -8.61 9.41 -13.38
CA GLU A 23 -8.21 8.45 -12.35
C GLU A 23 -7.99 7.07 -12.95
N ALA A 24 -6.91 6.41 -12.53
CA ALA A 24 -6.59 5.09 -13.02
C ALA A 24 -6.84 4.02 -11.96
N GLY A 25 -8.04 3.46 -11.97
CA GLY A 25 -8.40 2.44 -11.00
C GLY A 25 -8.28 2.93 -9.57
N PHE A 26 -8.67 2.08 -8.63
CA PHE A 26 -8.62 2.43 -7.21
C PHE A 26 -7.68 1.51 -6.46
N CYS A 27 -6.49 2.01 -6.13
CA CYS A 27 -5.50 1.22 -5.41
C CYS A 27 -4.89 2.04 -4.27
N VAL A 28 -4.42 1.34 -3.25
CA VAL A 28 -3.80 2.00 -2.09
C VAL A 28 -2.41 1.44 -1.81
N TYR A 29 -1.47 2.33 -1.53
CA TYR A 29 -0.10 1.93 -1.25
C TYR A 29 0.18 1.93 0.25
N LEU A 30 0.61 0.79 0.77
CA LEU A 30 0.91 0.65 2.19
C LEU A 30 2.41 0.45 2.41
N LYS A 31 2.99 1.28 3.29
CA LYS A 31 4.41 1.19 3.61
C LYS A 31 4.63 1.05 5.10
N GLY A 32 5.32 -0.01 5.51
CA GLY A 32 5.59 -0.23 6.92
C GLY A 32 5.21 -1.62 7.37
N LEU A 33 4.54 -2.37 6.49
CA LEU A 33 4.12 -3.73 6.81
C LEU A 33 5.22 -4.49 7.54
N PRO A 34 4.83 -5.50 8.33
CA PRO A 34 5.77 -6.33 9.09
C PRO A 34 6.61 -7.22 8.18
N PHE A 35 7.61 -7.87 8.77
CA PHE A 35 8.49 -8.76 8.02
C PHE A 35 7.74 -10.01 7.56
N GLU A 36 7.06 -10.66 8.51
CA GLU A 36 6.30 -11.87 8.20
C GLU A 36 4.87 -11.52 7.80
N ALA A 37 4.68 -10.33 7.26
CA ALA A 37 3.36 -9.87 6.85
C ALA A 37 2.68 -10.91 5.96
N GLU A 38 1.35 -10.94 5.99
CA GLU A 38 0.59 -11.89 5.20
C GLU A 38 -0.70 -11.24 4.67
N ASN A 39 -1.16 -11.72 3.52
CA ASN A 39 -2.37 -11.18 2.91
C ASN A 39 -3.43 -10.88 3.97
N LYS A 40 -3.49 -11.71 5.00
CA LYS A 40 -4.44 -11.54 6.08
C LYS A 40 -4.26 -10.18 6.76
N HIS A 41 -3.00 -9.85 7.05
CA HIS A 41 -2.69 -8.58 7.71
C HIS A 41 -3.22 -7.40 6.90
N VAL A 42 -2.97 -7.43 5.59
CA VAL A 42 -3.44 -6.36 4.70
C VAL A 42 -4.95 -6.26 4.71
N ILE A 43 -5.62 -7.42 4.70
CA ILE A 43 -7.07 -7.46 4.71
C ILE A 43 -7.63 -6.80 5.95
N ASP A 44 -7.18 -7.24 7.12
CA ASP A 44 -7.63 -6.69 8.38
C ASP A 44 -7.44 -5.17 8.42
N PHE A 45 -6.24 -4.74 8.07
CA PHE A 45 -5.93 -3.31 8.06
C PHE A 45 -7.09 -2.50 7.50
N PHE A 46 -7.70 -3.01 6.44
CA PHE A 46 -8.83 -2.33 5.81
C PHE A 46 -10.10 -3.18 5.90
N LYS A 47 -10.48 -3.54 7.12
CA LYS A 47 -11.66 -4.35 7.35
C LYS A 47 -12.92 -3.59 6.94
N LYS A 48 -13.99 -4.34 6.67
CA LYS A 48 -15.26 -3.73 6.28
C LYS A 48 -15.16 -3.13 4.88
N LEU A 49 -14.33 -3.73 4.04
CA LEU A 49 -14.15 -3.25 2.67
C LEU A 49 -14.00 -4.42 1.70
N ASP A 50 -14.25 -4.15 0.42
CA ASP A 50 -14.15 -5.18 -0.61
C ASP A 50 -12.77 -5.13 -1.28
N ILE A 51 -11.92 -6.09 -0.93
CA ILE A 51 -10.57 -6.15 -1.50
C ILE A 51 -10.37 -7.45 -2.27
N VAL A 52 -9.81 -7.33 -3.48
CA VAL A 52 -9.56 -8.49 -4.32
C VAL A 52 -8.35 -9.27 -3.82
N GLU A 53 -8.61 -10.41 -3.17
CA GLU A 53 -7.55 -11.25 -2.65
C GLU A 53 -6.38 -11.34 -3.62
N ASP A 54 -6.70 -11.20 -4.91
CA ASP A 54 -5.67 -11.27 -5.95
C ASP A 54 -4.86 -9.97 -5.99
N SER A 55 -5.55 -8.85 -6.12
CA SER A 55 -4.90 -7.55 -6.18
C SER A 55 -3.84 -7.42 -5.09
N ILE A 56 -4.23 -7.71 -3.86
CA ILE A 56 -3.32 -7.63 -2.72
C ILE A 56 -1.92 -8.11 -3.10
N TYR A 57 -1.00 -7.17 -3.25
CA TYR A 57 0.37 -7.51 -3.62
C TYR A 57 1.36 -6.98 -2.58
N ILE A 58 2.20 -7.86 -2.07
CA ILE A 58 3.20 -7.49 -1.08
C ILE A 58 4.62 -7.78 -1.57
N ALA A 59 5.50 -6.80 -1.43
CA ALA A 59 6.88 -6.95 -1.86
C ALA A 59 7.73 -7.59 -0.77
N TYR A 60 8.55 -8.56 -1.15
CA TYR A 60 9.41 -9.25 -0.20
C TYR A 60 10.88 -9.04 -0.53
N GLY A 61 11.71 -8.92 0.51
CA GLY A 61 13.13 -8.72 0.30
C GLY A 61 13.85 -9.98 -0.08
N PRO A 62 15.11 -9.85 -0.52
CA PRO A 62 15.94 -10.99 -0.92
C PRO A 62 16.34 -11.87 0.26
N ASN A 63 16.07 -11.39 1.47
CA ASN A 63 16.39 -12.13 2.68
C ASN A 63 15.14 -12.77 3.28
N GLY A 64 14.09 -12.87 2.48
CA GLY A 64 12.85 -13.45 2.95
C GLY A 64 12.00 -12.47 3.72
N LYS A 65 12.64 -11.48 4.33
CA LYS A 65 11.94 -10.47 5.11
C LYS A 65 11.16 -9.53 4.19
N ALA A 66 9.91 -9.25 4.55
CA ALA A 66 9.06 -8.36 3.77
C ALA A 66 9.66 -6.96 3.69
N THR A 67 9.90 -6.48 2.47
CA THR A 67 10.46 -5.16 2.28
C THR A 67 9.68 -4.09 3.02
N GLY A 68 8.39 -4.37 3.27
CA GLY A 68 7.56 -3.44 3.98
C GLY A 68 6.69 -2.61 3.05
N GLU A 69 6.39 -3.16 1.88
CA GLU A 69 5.57 -2.46 0.90
C GLU A 69 4.42 -3.35 0.42
N GLY A 70 3.21 -2.79 0.43
CA GLY A 70 2.05 -3.55 0.00
C GLY A 70 1.14 -2.74 -0.91
N PHE A 71 0.27 -3.44 -1.63
CA PHE A 71 -0.66 -2.78 -2.54
C PHE A 71 -2.02 -3.48 -2.54
N VAL A 72 -3.08 -2.68 -2.56
CA VAL A 72 -4.44 -3.24 -2.56
C VAL A 72 -5.33 -2.48 -3.54
N GLU A 73 -6.34 -3.17 -4.07
CA GLU A 73 -7.26 -2.58 -5.03
C GLU A 73 -8.70 -2.87 -4.64
N PHE A 74 -9.46 -1.82 -4.33
CA PHE A 74 -10.86 -1.97 -3.94
C PHE A 74 -11.76 -1.98 -5.17
N ARG A 75 -12.53 -3.05 -5.32
CA ARG A 75 -13.44 -3.18 -6.45
C ARG A 75 -14.26 -1.91 -6.65
N ASN A 76 -14.98 -1.50 -5.60
CA ASN A 76 -15.79 -0.31 -5.67
C ASN A 76 -14.98 0.93 -5.30
N GLU A 77 -15.55 2.11 -5.55
CA GLU A 77 -14.87 3.36 -5.25
C GLU A 77 -15.28 3.88 -3.87
N ALA A 78 -16.58 3.85 -3.59
CA ALA A 78 -17.11 4.32 -2.31
C ALA A 78 -16.26 3.80 -1.15
N ASP A 79 -15.91 2.52 -1.21
CA ASP A 79 -15.10 1.90 -0.17
C ASP A 79 -13.63 2.33 -0.29
N TYR A 80 -13.18 2.53 -1.53
CA TYR A 80 -11.81 2.92 -1.78
C TYR A 80 -11.46 4.21 -1.04
N LYS A 81 -12.35 5.20 -1.15
CA LYS A 81 -12.15 6.48 -0.48
C LYS A 81 -12.05 6.31 1.02
N ALA A 82 -12.90 5.46 1.58
CA ALA A 82 -12.90 5.18 3.01
C ALA A 82 -11.52 4.75 3.49
N ALA A 83 -10.93 3.78 2.79
CA ALA A 83 -9.61 3.28 3.14
C ALA A 83 -8.69 4.41 3.57
N LEU A 84 -8.63 5.47 2.75
CA LEU A 84 -7.79 6.62 3.04
C LEU A 84 -8.01 7.12 4.46
N CYS A 85 -9.27 7.13 4.88
CA CYS A 85 -9.62 7.59 6.23
C CYS A 85 -8.84 6.80 7.29
N ARG A 86 -8.45 5.59 6.93
CA ARG A 86 -7.70 4.72 7.85
C ARG A 86 -6.20 4.96 7.72
N HIS A 87 -5.78 6.21 7.87
CA HIS A 87 -4.38 6.57 7.76
C HIS A 87 -3.71 6.56 9.13
N LYS A 88 -2.42 6.26 9.15
CA LYS A 88 -1.66 6.23 10.40
C LYS A 88 -2.17 5.11 11.31
N GLN A 89 -2.33 3.92 10.75
CA GLN A 89 -2.81 2.78 11.51
C GLN A 89 -1.67 1.83 11.86
N TYR A 90 -1.88 1.02 12.88
CA TYR A 90 -0.85 0.07 13.32
C TYR A 90 -1.33 -1.37 13.12
N MET A 91 -0.47 -2.18 12.51
CA MET A 91 -0.80 -3.58 12.26
C MET A 91 -0.39 -4.46 13.44
N GLY A 92 -1.25 -4.53 14.45
CA GLY A 92 -0.95 -5.32 15.62
C GLY A 92 0.11 -4.69 16.51
N ASN A 93 1.37 -4.82 16.11
CA ASN A 93 2.47 -4.26 16.87
C ASN A 93 3.35 -3.37 15.99
N ARG A 94 3.06 -3.36 14.70
CA ARG A 94 3.82 -2.56 13.74
C ARG A 94 3.01 -1.34 13.30
N PHE A 95 3.63 -0.50 12.47
CA PHE A 95 2.97 0.70 11.97
C PHE A 95 3.09 0.79 10.46
N ILE A 96 1.96 1.01 9.80
CA ILE A 96 1.93 1.11 8.34
C ILE A 96 1.37 2.47 7.90
N GLN A 97 1.85 2.95 6.76
CA GLN A 97 1.39 4.23 6.23
C GLN A 97 0.44 4.02 5.05
N VAL A 98 -0.59 4.87 4.97
CA VAL A 98 -1.56 4.78 3.89
C VAL A 98 -1.40 5.94 2.90
N HIS A 99 -1.29 5.61 1.62
CA HIS A 99 -1.13 6.62 0.58
C HIS A 99 -1.85 6.19 -0.70
N PRO A 100 -2.64 7.12 -1.26
CA PRO A 100 -3.39 6.86 -2.50
C PRO A 100 -2.48 6.74 -3.72
N ILE A 101 -2.77 5.76 -4.57
CA ILE A 101 -1.99 5.54 -5.78
C ILE A 101 -2.84 4.95 -6.90
N THR A 102 -2.42 5.17 -8.14
CA THR A 102 -3.14 4.65 -9.29
C THR A 102 -2.66 3.25 -9.66
N LYS A 103 -3.55 2.46 -10.23
CA LYS A 103 -3.21 1.10 -10.64
C LYS A 103 -1.92 1.07 -11.45
N LYS A 104 -1.83 1.96 -12.44
CA LYS A 104 -0.64 2.04 -13.28
C LYS A 104 0.62 2.21 -12.43
N GLY A 105 0.65 3.29 -11.65
CA GLY A 105 1.81 3.54 -10.80
C GLY A 105 2.04 2.43 -9.79
N MET A 106 0.97 1.77 -9.38
CA MET A 106 1.06 0.67 -8.42
C MET A 106 1.91 -0.46 -8.96
N LEU A 107 1.77 -0.73 -10.26
CA LEU A 107 2.52 -1.80 -10.90
C LEU A 107 3.96 -1.36 -11.18
N GLU A 108 4.12 -0.11 -11.59
CA GLU A 108 5.44 0.43 -11.89
C GLU A 108 6.47 -0.07 -10.87
N LYS A 109 6.10 -0.04 -9.61
CA LYS A 109 6.98 -0.49 -8.53
C LYS A 109 7.18 -1.99 -8.59
N ILE A 110 6.08 -2.73 -8.47
CA ILE A 110 6.13 -4.19 -8.50
C ILE A 110 7.18 -4.68 -9.49
N ASP A 111 7.40 -3.91 -10.54
CA ASP A 111 8.38 -4.26 -11.56
C ASP A 111 9.80 -4.18 -11.01
N MET A 112 10.10 -3.08 -10.33
CA MET A 112 11.42 -2.88 -9.75
C MET A 112 11.67 -3.88 -8.62
N ILE A 113 10.60 -4.34 -7.99
CA ILE A 113 10.71 -5.30 -6.90
C ILE A 113 11.05 -6.69 -7.43
N ARG A 114 10.44 -7.06 -8.55
CA ARG A 114 10.68 -8.36 -9.16
C ARG A 114 12.17 -8.59 -9.39
N LYS A 115 12.80 -7.66 -10.12
CA LYS A 115 14.23 -7.77 -10.42
C LYS A 115 15.02 -8.02 -9.14
N ARG A 116 14.70 -7.29 -8.08
CA ARG A 116 15.39 -7.44 -6.81
C ARG A 116 15.42 -8.90 -6.38
N LEU A 117 14.48 -9.68 -6.89
CA LEU A 117 14.41 -11.10 -6.57
C LEU A 117 14.96 -11.96 -7.70
N GLN A 118 14.59 -11.61 -8.93
CA GLN A 118 15.04 -12.35 -10.10
C GLN A 118 16.36 -11.80 -10.62
N SER A 119 17.21 -11.34 -9.69
CA SER A 119 18.51 -10.78 -10.06
C SER A 119 19.53 -11.89 -10.32
N GLY A 120 19.72 -12.23 -11.58
CA GLY A 120 20.67 -13.26 -11.94
C GLY A 120 20.71 -13.53 -13.43
N PRO A 121 21.90 -13.87 -13.94
CA PRO A 121 22.10 -14.15 -15.37
C PRO A 121 21.42 -15.45 -15.81
N SER A 122 20.55 -15.35 -16.81
CA SER A 122 19.84 -16.51 -17.32
C SER A 122 19.96 -16.61 -18.83
N SER A 123 19.73 -15.49 -19.51
CA SER A 123 19.81 -15.45 -20.96
C SER A 123 21.25 -15.23 -21.43
N GLY A 124 21.61 -15.85 -22.54
CA GLY A 124 22.96 -15.70 -23.07
C GLY A 124 23.94 -16.63 -22.38
N GLY A 1 23.46 16.60 19.87
CA GLY A 1 22.82 17.26 21.00
C GLY A 1 22.02 16.29 21.84
N SER A 2 21.80 16.65 23.11
CA SER A 2 21.05 15.81 24.03
C SER A 2 19.55 15.92 23.76
N SER A 3 18.89 14.78 23.64
CA SER A 3 17.45 14.75 23.38
C SER A 3 17.09 15.65 22.20
N GLY A 4 17.92 15.61 21.16
CA GLY A 4 17.67 16.43 19.98
C GLY A 4 17.15 15.61 18.82
N SER A 5 16.05 16.05 18.23
CA SER A 5 15.44 15.36 17.09
C SER A 5 15.15 16.33 15.96
N SER A 6 14.78 15.79 14.81
CA SER A 6 14.46 16.61 13.64
C SER A 6 13.42 15.93 12.76
N GLY A 7 12.80 16.70 11.88
CA GLY A 7 11.79 16.15 10.98
C GLY A 7 11.40 17.13 9.89
N LYS A 8 12.28 17.31 8.92
CA LYS A 8 12.01 18.22 7.81
C LYS A 8 10.77 17.79 7.03
N SER A 9 10.26 18.69 6.20
CA SER A 9 9.07 18.40 5.42
C SER A 9 8.97 19.35 4.22
N PRO A 10 8.56 18.80 3.06
CA PRO A 10 8.41 19.58 1.83
C PRO A 10 7.25 20.55 1.89
N SER A 11 7.56 21.85 1.85
CA SER A 11 6.54 22.89 1.91
C SER A 11 6.82 23.98 0.87
N GLY A 12 5.76 24.43 0.21
CA GLY A 12 5.90 25.47 -0.79
C GLY A 12 4.93 25.31 -1.94
N GLN A 13 3.90 26.14 -1.96
CA GLN A 13 2.89 26.08 -3.01
C GLN A 13 2.24 24.71 -3.07
N LYS A 14 1.94 24.15 -1.90
CA LYS A 14 1.31 22.84 -1.82
C LYS A 14 -0.21 22.96 -1.85
N ARG A 15 -0.84 22.13 -2.69
CA ARG A 15 -2.30 22.15 -2.82
C ARG A 15 -2.84 20.74 -3.01
N SER A 16 -3.75 20.33 -2.13
CA SER A 16 -4.34 19.00 -2.21
C SER A 16 -4.52 18.56 -3.65
N ARG A 17 -5.19 19.39 -4.44
CA ARG A 17 -5.43 19.10 -5.84
C ARG A 17 -4.35 19.71 -6.72
N SER A 18 -3.41 18.88 -7.15
CA SER A 18 -2.31 19.34 -8.00
C SER A 18 -2.54 18.94 -9.46
N ARG A 19 -2.86 17.66 -9.66
CA ARG A 19 -3.10 17.14 -11.00
C ARG A 19 -3.91 15.85 -10.94
N SER A 20 -5.05 15.84 -11.63
CA SER A 20 -5.91 14.66 -11.66
C SER A 20 -5.44 13.66 -12.69
N PRO A 21 -5.59 12.36 -12.39
CA PRO A 21 -5.19 11.28 -13.28
C PRO A 21 -6.06 11.19 -14.53
N HIS A 22 -5.52 10.61 -15.60
CA HIS A 22 -6.25 10.46 -16.84
C HIS A 22 -7.18 9.25 -16.79
N GLU A 23 -6.63 8.12 -16.36
CA GLU A 23 -7.41 6.88 -16.26
C GLU A 23 -6.74 5.90 -15.31
N ALA A 24 -7.42 5.59 -14.21
CA ALA A 24 -6.90 4.65 -13.23
C ALA A 24 -8.00 4.19 -12.28
N GLY A 25 -7.94 2.92 -11.88
CA GLY A 25 -8.93 2.37 -10.98
C GLY A 25 -8.81 2.94 -9.57
N PHE A 26 -8.67 2.05 -8.59
CA PHE A 26 -8.55 2.47 -7.19
C PHE A 26 -7.63 1.54 -6.43
N CYS A 27 -6.45 2.04 -6.05
CA CYS A 27 -5.48 1.25 -5.31
C CYS A 27 -4.96 2.03 -4.10
N VAL A 28 -4.30 1.32 -3.19
CA VAL A 28 -3.75 1.94 -1.99
C VAL A 28 -2.35 1.42 -1.70
N TYR A 29 -1.42 2.34 -1.51
CA TYR A 29 -0.03 1.99 -1.22
C TYR A 29 0.24 2.02 0.28
N LEU A 30 0.61 0.87 0.82
CA LEU A 30 0.91 0.75 2.25
C LEU A 30 2.40 0.63 2.49
N LYS A 31 2.91 1.36 3.48
CA LYS A 31 4.33 1.33 3.82
C LYS A 31 4.52 1.19 5.32
N GLY A 32 5.07 0.05 5.75
CA GLY A 32 5.30 -0.19 7.16
C GLY A 32 5.05 -1.63 7.56
N LEU A 33 4.35 -2.36 6.70
CA LEU A 33 4.03 -3.76 6.98
C LEU A 33 5.19 -4.45 7.69
N PRO A 34 4.86 -5.41 8.56
CA PRO A 34 5.86 -6.17 9.32
C PRO A 34 6.67 -7.11 8.44
N PHE A 35 7.88 -7.43 8.88
CA PHE A 35 8.77 -8.32 8.13
C PHE A 35 8.15 -9.71 7.99
N GLU A 36 7.13 -9.98 8.80
CA GLU A 36 6.46 -11.28 8.77
C GLU A 36 4.99 -11.12 8.37
N ALA A 37 4.69 -10.01 7.69
CA ALA A 37 3.33 -9.74 7.24
C ALA A 37 2.83 -10.84 6.31
N GLU A 38 1.61 -10.67 5.82
CA GLU A 38 1.01 -11.65 4.92
C GLU A 38 -0.23 -11.08 4.23
N ASN A 39 -0.76 -11.82 3.26
CA ASN A 39 -1.94 -11.38 2.53
C ASN A 39 -3.12 -11.20 3.46
N LYS A 40 -3.12 -11.94 4.57
CA LYS A 40 -4.21 -11.86 5.54
C LYS A 40 -4.08 -10.60 6.39
N HIS A 41 -2.85 -10.22 6.70
CA HIS A 41 -2.59 -9.03 7.50
C HIS A 41 -3.15 -7.78 6.82
N VAL A 42 -2.85 -7.64 5.53
CA VAL A 42 -3.33 -6.50 4.76
C VAL A 42 -4.86 -6.46 4.73
N ILE A 43 -5.46 -7.62 4.56
CA ILE A 43 -6.93 -7.72 4.51
C ILE A 43 -7.56 -7.11 5.75
N ASP A 44 -7.10 -7.55 6.93
CA ASP A 44 -7.63 -7.05 8.19
C ASP A 44 -7.48 -5.53 8.26
N PHE A 45 -6.30 -5.04 7.91
CA PHE A 45 -6.03 -3.60 7.94
C PHE A 45 -7.22 -2.80 7.41
N PHE A 46 -7.78 -3.26 6.30
CA PHE A 46 -8.93 -2.60 5.69
C PHE A 46 -10.17 -3.48 5.77
N LYS A 47 -10.48 -3.95 6.97
CA LYS A 47 -11.65 -4.80 7.18
C LYS A 47 -12.92 -4.09 6.75
N LYS A 48 -14.02 -4.85 6.66
CA LYS A 48 -15.30 -4.30 6.27
C LYS A 48 -15.20 -3.59 4.92
N LEU A 49 -14.45 -4.19 4.00
CA LEU A 49 -14.27 -3.62 2.67
C LEU A 49 -14.05 -4.72 1.63
N ASP A 50 -14.19 -4.36 0.36
CA ASP A 50 -13.99 -5.31 -0.72
C ASP A 50 -12.60 -5.17 -1.34
N ILE A 51 -11.73 -6.14 -1.07
CA ILE A 51 -10.37 -6.11 -1.59
C ILE A 51 -10.09 -7.34 -2.45
N VAL A 52 -9.68 -7.10 -3.69
CA VAL A 52 -9.38 -8.19 -4.62
C VAL A 52 -8.22 -9.03 -4.11
N GLU A 53 -8.54 -10.14 -3.47
CA GLU A 53 -7.51 -11.04 -2.93
C GLU A 53 -6.32 -11.13 -3.87
N ASP A 54 -6.60 -11.10 -5.16
CA ASP A 54 -5.55 -11.18 -6.17
C ASP A 54 -4.69 -9.91 -6.17
N SER A 55 -5.35 -8.76 -6.16
CA SER A 55 -4.64 -7.48 -6.15
C SER A 55 -3.63 -7.42 -5.00
N ILE A 56 -4.11 -7.70 -3.80
CA ILE A 56 -3.25 -7.67 -2.62
C ILE A 56 -1.84 -8.16 -2.95
N TYR A 57 -0.91 -7.22 -3.09
CA TYR A 57 0.47 -7.55 -3.42
C TYR A 57 1.42 -6.99 -2.35
N ILE A 58 2.44 -7.78 -2.02
CA ILE A 58 3.42 -7.38 -1.02
C ILE A 58 4.84 -7.69 -1.49
N ALA A 59 5.74 -6.72 -1.31
CA ALA A 59 7.13 -6.89 -1.71
C ALA A 59 7.91 -7.65 -0.65
N TYR A 60 8.42 -8.82 -1.02
CA TYR A 60 9.20 -9.64 -0.10
C TYR A 60 10.69 -9.53 -0.38
N GLY A 61 11.48 -9.41 0.67
CA GLY A 61 12.93 -9.30 0.52
C GLY A 61 13.57 -10.60 0.09
N PRO A 62 14.86 -10.54 -0.26
CA PRO A 62 15.61 -11.73 -0.70
C PRO A 62 15.85 -12.72 0.44
N ASN A 63 15.57 -12.28 1.66
CA ASN A 63 15.76 -13.13 2.83
C ASN A 63 14.45 -13.79 3.25
N GLY A 64 13.45 -13.74 2.35
CA GLY A 64 12.16 -14.33 2.65
C GLY A 64 11.27 -13.41 3.46
N LYS A 65 11.90 -12.50 4.19
CA LYS A 65 11.15 -11.55 5.03
C LYS A 65 10.43 -10.52 4.17
N ALA A 66 9.59 -9.70 4.81
CA ALA A 66 8.86 -8.66 4.09
C ALA A 66 9.63 -7.36 4.08
N THR A 67 9.70 -6.74 2.91
CA THR A 67 10.41 -5.47 2.75
C THR A 67 9.68 -4.34 3.47
N GLY A 68 8.35 -4.43 3.49
CA GLY A 68 7.55 -3.40 4.13
C GLY A 68 6.83 -2.52 3.14
N GLU A 69 6.27 -3.14 2.11
CA GLU A 69 5.54 -2.39 1.08
C GLU A 69 4.47 -3.27 0.44
N GLY A 70 3.21 -2.86 0.57
CA GLY A 70 2.11 -3.62 0.00
C GLY A 70 1.17 -2.75 -0.82
N PHE A 71 0.29 -3.38 -1.58
CA PHE A 71 -0.67 -2.66 -2.41
C PHE A 71 -2.01 -3.39 -2.45
N VAL A 72 -3.10 -2.62 -2.47
CA VAL A 72 -4.43 -3.19 -2.51
C VAL A 72 -5.34 -2.40 -3.45
N GLU A 73 -6.22 -3.10 -4.15
CA GLU A 73 -7.15 -2.46 -5.08
C GLU A 73 -8.59 -2.73 -4.68
N PHE A 74 -9.35 -1.67 -4.45
CA PHE A 74 -10.75 -1.80 -4.05
C PHE A 74 -11.65 -1.79 -5.28
N ARG A 75 -12.41 -2.88 -5.46
CA ARG A 75 -13.31 -2.99 -6.59
C ARG A 75 -14.16 -1.73 -6.74
N ASN A 76 -15.03 -1.48 -5.76
CA ASN A 76 -15.89 -0.31 -5.78
C ASN A 76 -15.11 0.97 -5.49
N GLU A 77 -15.76 2.11 -5.65
CA GLU A 77 -15.12 3.40 -5.39
C GLU A 77 -15.47 3.91 -4.00
N ALA A 78 -16.72 3.73 -3.61
CA ALA A 78 -17.19 4.18 -2.30
C ALA A 78 -16.30 3.64 -1.19
N ASP A 79 -15.90 2.38 -1.31
CA ASP A 79 -15.05 1.75 -0.31
C ASP A 79 -13.61 2.23 -0.45
N TYR A 80 -13.20 2.50 -1.69
CA TYR A 80 -11.84 2.97 -1.95
C TYR A 80 -11.52 4.22 -1.13
N LYS A 81 -12.46 5.15 -1.09
CA LYS A 81 -12.29 6.39 -0.35
C LYS A 81 -12.19 6.12 1.14
N ALA A 82 -13.02 5.21 1.64
CA ALA A 82 -13.02 4.85 3.05
C ALA A 82 -11.63 4.40 3.50
N ALA A 83 -10.97 3.61 2.65
CA ALA A 83 -9.63 3.12 2.96
C ALA A 83 -8.72 4.25 3.45
N LEU A 84 -8.64 5.32 2.67
CA LEU A 84 -7.82 6.46 3.03
C LEU A 84 -8.13 6.94 4.44
N CYS A 85 -9.40 6.89 4.82
CA CYS A 85 -9.83 7.31 6.15
C CYS A 85 -9.02 6.60 7.24
N ARG A 86 -8.43 5.46 6.87
CA ARG A 86 -7.63 4.68 7.82
C ARG A 86 -6.15 5.00 7.65
N HIS A 87 -5.80 6.27 7.80
CA HIS A 87 -4.41 6.70 7.68
C HIS A 87 -3.75 6.80 9.05
N LYS A 88 -2.43 6.60 9.08
CA LYS A 88 -1.67 6.68 10.33
C LYS A 88 -2.13 5.60 11.30
N GLN A 89 -2.28 4.37 10.80
CA GLN A 89 -2.71 3.25 11.63
C GLN A 89 -1.53 2.35 11.98
N TYR A 90 -1.74 1.46 12.93
CA TYR A 90 -0.70 0.55 13.37
C TYR A 90 -1.15 -0.91 13.23
N MET A 91 -0.30 -1.73 12.63
CA MET A 91 -0.62 -3.14 12.43
C MET A 91 -0.09 -3.99 13.59
N GLY A 92 -0.90 -4.14 14.63
CA GLY A 92 -0.50 -4.91 15.78
C GLY A 92 0.52 -4.19 16.64
N ASN A 93 1.78 -4.25 16.24
CA ASN A 93 2.84 -3.59 16.99
C ASN A 93 3.69 -2.71 16.08
N ARG A 94 3.40 -2.77 14.78
CA ARG A 94 4.14 -1.97 13.80
C ARG A 94 3.28 -0.81 13.28
N PHE A 95 3.91 0.10 12.56
CA PHE A 95 3.21 1.26 12.01
C PHE A 95 3.20 1.21 10.48
N ILE A 96 2.03 1.48 9.90
CA ILE A 96 1.88 1.47 8.45
C ILE A 96 1.27 2.77 7.95
N GLN A 97 1.84 3.31 6.88
CA GLN A 97 1.36 4.56 6.30
C GLN A 97 0.45 4.29 5.11
N VAL A 98 -0.71 4.94 5.08
CA VAL A 98 -1.66 4.78 3.99
C VAL A 98 -1.61 5.96 3.04
N HIS A 99 -1.33 5.66 1.76
CA HIS A 99 -1.26 6.69 0.74
C HIS A 99 -1.93 6.24 -0.55
N PRO A 100 -2.73 7.13 -1.16
CA PRO A 100 -3.44 6.83 -2.40
C PRO A 100 -2.51 6.73 -3.60
N ILE A 101 -2.64 5.64 -4.35
CA ILE A 101 -1.80 5.41 -5.52
C ILE A 101 -2.64 4.96 -6.71
N THR A 102 -2.17 5.28 -7.92
CA THR A 102 -2.87 4.90 -9.13
C THR A 102 -2.53 3.48 -9.54
N LYS A 103 -3.41 2.87 -10.34
CA LYS A 103 -3.19 1.50 -10.81
C LYS A 103 -1.88 1.38 -11.56
N LYS A 104 -1.64 2.33 -12.47
CA LYS A 104 -0.41 2.34 -13.25
C LYS A 104 0.82 2.55 -12.37
N GLY A 105 0.77 3.59 -11.54
CA GLY A 105 1.88 3.88 -10.66
C GLY A 105 2.15 2.75 -9.69
N MET A 106 1.11 2.05 -9.29
CA MET A 106 1.24 0.93 -8.35
C MET A 106 1.95 -0.24 -9.01
N LEU A 107 1.53 -0.57 -10.23
CA LEU A 107 2.14 -1.68 -10.96
C LEU A 107 3.63 -1.44 -11.20
N GLU A 108 3.96 -0.21 -11.59
CA GLU A 108 5.36 0.15 -11.85
C GLU A 108 6.28 -0.42 -10.77
N LYS A 109 5.92 -0.21 -9.52
CA LYS A 109 6.71 -0.71 -8.40
C LYS A 109 6.73 -2.24 -8.39
N ILE A 110 5.57 -2.85 -8.55
CA ILE A 110 5.47 -4.30 -8.57
C ILE A 110 6.46 -4.91 -9.55
N ASP A 111 6.91 -4.10 -10.50
CA ASP A 111 7.87 -4.56 -11.51
C ASP A 111 9.30 -4.40 -11.01
N MET A 112 9.70 -3.15 -10.77
CA MET A 112 11.04 -2.86 -10.29
C MET A 112 11.39 -3.73 -9.09
N ILE A 113 10.40 -4.00 -8.24
CA ILE A 113 10.61 -4.81 -7.05
C ILE A 113 11.16 -6.19 -7.42
N ARG A 114 10.47 -6.88 -8.33
CA ARG A 114 10.89 -8.19 -8.77
C ARG A 114 12.30 -8.15 -9.35
N LYS A 115 12.49 -7.37 -10.41
CA LYS A 115 13.78 -7.24 -11.05
C LYS A 115 14.90 -7.25 -10.02
N ARG A 116 14.70 -6.53 -8.93
CA ARG A 116 15.70 -6.46 -7.85
C ARG A 116 15.92 -7.84 -7.23
N LEU A 117 14.83 -8.56 -7.02
CA LEU A 117 14.91 -9.90 -6.42
C LEU A 117 15.52 -10.90 -7.39
N GLN A 118 14.84 -11.10 -8.52
CA GLN A 118 15.32 -12.04 -9.54
C GLN A 118 16.80 -11.82 -9.82
N SER A 119 17.51 -12.92 -10.09
CA SER A 119 18.94 -12.86 -10.37
C SER A 119 19.26 -13.57 -11.68
N GLY A 120 19.18 -12.84 -12.79
CA GLY A 120 19.47 -13.42 -14.08
C GLY A 120 19.42 -12.40 -15.20
N PRO A 121 20.57 -11.77 -15.49
CA PRO A 121 20.68 -10.76 -16.54
C PRO A 121 20.54 -11.36 -17.95
N SER A 122 20.02 -10.57 -18.87
CA SER A 122 19.83 -11.02 -20.24
C SER A 122 20.75 -10.26 -21.20
N SER A 123 20.76 -8.94 -21.08
CA SER A 123 21.60 -8.11 -21.93
C SER A 123 23.08 -8.33 -21.62
N GLY A 124 23.73 -9.16 -22.43
CA GLY A 124 25.14 -9.44 -22.22
C GLY A 124 25.40 -10.22 -20.94
N GLY A 1 19.79 48.95 -2.15
CA GLY A 1 18.70 49.09 -1.20
C GLY A 1 17.34 49.04 -1.86
N SER A 2 16.39 49.80 -1.30
CA SER A 2 15.03 49.82 -1.84
C SER A 2 14.49 48.41 -2.03
N SER A 3 14.75 47.55 -1.05
CA SER A 3 14.28 46.17 -1.12
C SER A 3 12.86 46.05 -0.57
N GLY A 4 12.27 44.87 -0.74
CA GLY A 4 10.92 44.64 -0.27
C GLY A 4 10.87 43.70 0.92
N SER A 5 9.92 43.95 1.82
CA SER A 5 9.77 43.13 3.02
C SER A 5 8.72 42.04 2.80
N SER A 6 9.11 40.80 3.08
CA SER A 6 8.21 39.67 2.91
C SER A 6 7.46 39.36 4.21
N GLY A 7 8.21 39.24 5.30
CA GLY A 7 7.61 38.95 6.59
C GLY A 7 7.79 37.51 7.02
N LYS A 8 6.69 36.82 7.25
CA LYS A 8 6.73 35.42 7.66
C LYS A 8 5.39 34.73 7.40
N SER A 9 5.46 33.47 6.96
CA SER A 9 4.26 32.70 6.67
C SER A 9 4.51 31.21 6.87
N PRO A 10 3.48 30.51 7.37
CA PRO A 10 3.57 29.07 7.63
C PRO A 10 3.62 28.25 6.33
N SER A 11 4.56 27.32 6.27
CA SER A 11 4.72 26.47 5.09
C SER A 11 5.24 25.09 5.48
N GLY A 12 4.89 24.08 4.69
CA GLY A 12 5.34 22.73 4.96
C GLY A 12 4.20 21.75 5.06
N GLN A 13 3.35 21.72 4.03
CA GLN A 13 2.20 20.82 4.00
C GLN A 13 2.38 19.75 2.94
N LYS A 14 2.11 18.50 3.32
CA LYS A 14 2.25 17.38 2.40
C LYS A 14 0.94 17.12 1.67
N ARG A 15 0.96 17.23 0.35
CA ARG A 15 -0.22 17.01 -0.47
C ARG A 15 0.16 16.43 -1.83
N SER A 16 -0.55 15.37 -2.24
CA SER A 16 -0.29 14.72 -3.52
C SER A 16 -1.51 14.81 -4.43
N ARG A 17 -1.28 15.30 -5.65
CA ARG A 17 -2.37 15.43 -6.62
C ARG A 17 -2.09 14.61 -7.87
N SER A 18 -3.15 14.05 -8.46
CA SER A 18 -3.00 13.22 -9.65
C SER A 18 -3.74 13.86 -10.82
N ARG A 19 -3.09 14.78 -11.51
CA ARG A 19 -3.68 15.47 -12.65
C ARG A 19 -3.51 14.64 -13.92
N SER A 20 -4.54 13.85 -14.25
CA SER A 20 -4.50 13.01 -15.44
C SER A 20 -5.91 12.60 -15.86
N PRO A 21 -6.25 12.88 -17.13
CA PRO A 21 -7.57 12.55 -17.68
C PRO A 21 -7.77 11.05 -17.84
N HIS A 22 -6.68 10.34 -18.13
CA HIS A 22 -6.74 8.89 -18.32
C HIS A 22 -7.49 8.22 -17.19
N GLU A 23 -8.08 7.06 -17.47
CA GLU A 23 -8.85 6.33 -16.47
C GLU A 23 -7.93 5.47 -15.61
N ALA A 24 -8.11 5.54 -14.30
CA ALA A 24 -7.29 4.77 -13.36
C ALA A 24 -8.16 4.12 -12.29
N GLY A 25 -7.79 2.89 -11.91
CA GLY A 25 -8.56 2.18 -10.90
C GLY A 25 -8.37 2.76 -9.52
N PHE A 26 -8.72 1.99 -8.49
CA PHE A 26 -8.59 2.44 -7.11
C PHE A 26 -7.73 1.48 -6.31
N CYS A 27 -6.54 1.92 -5.94
CA CYS A 27 -5.61 1.11 -5.17
C CYS A 27 -5.00 1.91 -4.03
N VAL A 28 -4.47 1.21 -3.03
CA VAL A 28 -3.86 1.85 -1.88
C VAL A 28 -2.43 1.34 -1.66
N TYR A 29 -1.55 2.25 -1.26
CA TYR A 29 -0.15 1.89 -1.01
C TYR A 29 0.15 1.88 0.48
N LEU A 30 0.51 0.71 0.99
CA LEU A 30 0.83 0.55 2.41
C LEU A 30 2.33 0.38 2.61
N LYS A 31 2.88 1.15 3.55
CA LYS A 31 4.31 1.08 3.85
C LYS A 31 4.54 0.87 5.34
N GLY A 32 5.49 0.00 5.67
CA GLY A 32 5.80 -0.27 7.06
C GLY A 32 5.42 -1.69 7.47
N LEU A 33 4.67 -2.37 6.62
CA LEU A 33 4.24 -3.74 6.90
C LEU A 33 5.34 -4.51 7.64
N PRO A 34 4.93 -5.51 8.42
CA PRO A 34 5.85 -6.33 9.20
C PRO A 34 6.69 -7.26 8.31
N PHE A 35 7.84 -7.66 8.82
CA PHE A 35 8.74 -8.54 8.07
C PHE A 35 8.04 -9.86 7.72
N GLU A 36 7.03 -10.21 8.52
CA GLU A 36 6.29 -11.44 8.29
C GLU A 36 4.84 -11.15 7.88
N ALA A 37 4.64 -10.01 7.21
CA ALA A 37 3.32 -9.61 6.77
C ALA A 37 2.72 -10.65 5.84
N GLU A 38 1.39 -10.72 5.83
CA GLU A 38 0.68 -11.68 4.99
C GLU A 38 -0.63 -11.10 4.47
N ASN A 39 -1.16 -11.69 3.40
CA ASN A 39 -2.41 -11.23 2.81
C ASN A 39 -3.47 -11.02 3.89
N LYS A 40 -3.32 -11.72 5.01
CA LYS A 40 -4.27 -11.61 6.11
C LYS A 40 -4.12 -10.27 6.83
N HIS A 41 -2.86 -9.86 7.05
CA HIS A 41 -2.59 -8.60 7.72
C HIS A 41 -3.16 -7.42 6.93
N VAL A 42 -2.91 -7.42 5.63
CA VAL A 42 -3.40 -6.36 4.75
C VAL A 42 -4.92 -6.26 4.81
N ILE A 43 -5.59 -7.40 4.85
CA ILE A 43 -7.04 -7.44 4.90
C ILE A 43 -7.56 -6.80 6.20
N ASP A 44 -7.00 -7.23 7.32
CA ASP A 44 -7.39 -6.71 8.62
C ASP A 44 -7.20 -5.20 8.68
N PHE A 45 -6.26 -4.70 7.89
CA PHE A 45 -5.97 -3.27 7.87
C PHE A 45 -7.15 -2.48 7.30
N PHE A 46 -7.71 -2.99 6.21
CA PHE A 46 -8.85 -2.34 5.57
C PHE A 46 -10.10 -3.21 5.66
N LYS A 47 -10.42 -3.64 6.88
CA LYS A 47 -11.59 -4.48 7.11
C LYS A 47 -12.87 -3.75 6.69
N LYS A 48 -14.00 -4.46 6.78
CA LYS A 48 -15.28 -3.88 6.42
C LYS A 48 -15.25 -3.32 5.00
N LEU A 49 -14.42 -3.92 4.15
CA LEU A 49 -14.30 -3.48 2.77
C LEU A 49 -14.17 -4.68 1.83
N ASP A 50 -14.32 -4.42 0.54
CA ASP A 50 -14.22 -5.48 -0.46
C ASP A 50 -12.88 -5.40 -1.20
N ILE A 51 -11.93 -6.23 -0.77
CA ILE A 51 -10.61 -6.25 -1.39
C ILE A 51 -10.40 -7.54 -2.18
N VAL A 52 -9.68 -7.43 -3.30
CA VAL A 52 -9.40 -8.58 -4.14
C VAL A 52 -8.13 -9.30 -3.70
N GLU A 53 -8.32 -10.35 -2.90
CA GLU A 53 -7.19 -11.12 -2.40
C GLU A 53 -6.13 -11.31 -3.50
N ASP A 54 -6.58 -11.38 -4.74
CA ASP A 54 -5.68 -11.55 -5.87
C ASP A 54 -4.88 -10.28 -6.14
N SER A 55 -5.56 -9.14 -6.07
CA SER A 55 -4.92 -7.85 -6.30
C SER A 55 -3.89 -7.55 -5.22
N ILE A 56 -4.19 -7.98 -3.99
CA ILE A 56 -3.28 -7.75 -2.87
C ILE A 56 -1.86 -8.20 -3.21
N TYR A 57 -0.94 -7.25 -3.25
CA TYR A 57 0.46 -7.53 -3.56
C TYR A 57 1.38 -6.96 -2.50
N ILE A 58 2.38 -7.75 -2.12
CA ILE A 58 3.34 -7.32 -1.11
C ILE A 58 4.77 -7.58 -1.56
N ALA A 59 5.67 -6.65 -1.23
CA ALA A 59 7.07 -6.78 -1.61
C ALA A 59 7.84 -7.62 -0.59
N TYR A 60 8.54 -8.64 -1.07
CA TYR A 60 9.31 -9.52 -0.20
C TYR A 60 10.79 -9.49 -0.57
N GLY A 61 11.63 -9.21 0.42
CA GLY A 61 13.06 -9.15 0.18
C GLY A 61 13.62 -10.49 -0.25
N PRO A 62 14.93 -10.51 -0.59
CA PRO A 62 15.62 -11.72 -1.02
C PRO A 62 15.81 -12.71 0.12
N ASN A 63 15.71 -12.23 1.35
CA ASN A 63 15.88 -13.07 2.52
C ASN A 63 14.56 -13.75 2.90
N GLY A 64 13.58 -13.67 1.99
CA GLY A 64 12.30 -14.29 2.24
C GLY A 64 11.42 -13.45 3.15
N LYS A 65 12.00 -12.41 3.72
CA LYS A 65 11.27 -11.52 4.62
C LYS A 65 10.58 -10.40 3.84
N ALA A 66 9.66 -9.70 4.49
CA ALA A 66 8.95 -8.61 3.87
C ALA A 66 9.78 -7.33 3.87
N THR A 67 9.72 -6.58 2.78
CA THR A 67 10.46 -5.33 2.66
C THR A 67 9.76 -4.20 3.39
N GLY A 68 8.46 -4.36 3.61
CA GLY A 68 7.69 -3.34 4.29
C GLY A 68 6.85 -2.51 3.34
N GLU A 69 6.31 -3.15 2.31
CA GLU A 69 5.49 -2.46 1.33
C GLU A 69 4.37 -3.37 0.82
N GLY A 70 3.19 -2.80 0.61
CA GLY A 70 2.06 -3.56 0.13
C GLY A 70 1.13 -2.75 -0.73
N PHE A 71 0.24 -3.43 -1.46
CA PHE A 71 -0.71 -2.76 -2.33
C PHE A 71 -2.04 -3.49 -2.35
N VAL A 72 -3.13 -2.73 -2.44
CA VAL A 72 -4.47 -3.31 -2.47
C VAL A 72 -5.37 -2.56 -3.43
N GLU A 73 -6.33 -3.28 -4.02
CA GLU A 73 -7.26 -2.67 -4.98
C GLU A 73 -8.70 -2.97 -4.57
N PHE A 74 -9.46 -1.90 -4.30
CA PHE A 74 -10.85 -2.04 -3.90
C PHE A 74 -11.76 -2.08 -5.12
N ARG A 75 -12.60 -3.12 -5.19
CA ARG A 75 -13.53 -3.27 -6.31
C ARG A 75 -14.32 -2.00 -6.54
N ASN A 76 -15.27 -1.73 -5.65
CA ASN A 76 -16.10 -0.54 -5.77
C ASN A 76 -15.26 0.73 -5.67
N GLU A 77 -15.93 1.88 -5.65
CA GLU A 77 -15.24 3.16 -5.56
C GLU A 77 -15.52 3.83 -4.22
N ALA A 78 -16.64 3.47 -3.60
CA ALA A 78 -17.01 4.04 -2.30
C ALA A 78 -16.13 3.49 -1.19
N ASP A 79 -15.75 2.22 -1.31
CA ASP A 79 -14.91 1.58 -0.31
C ASP A 79 -13.47 2.05 -0.43
N TYR A 80 -13.14 2.62 -1.59
CA TYR A 80 -11.78 3.11 -1.84
C TYR A 80 -11.52 4.40 -1.05
N LYS A 81 -12.39 5.37 -1.22
CA LYS A 81 -12.26 6.66 -0.53
C LYS A 81 -12.10 6.45 0.97
N ALA A 82 -12.88 5.53 1.52
CA ALA A 82 -12.82 5.23 2.94
C ALA A 82 -11.44 4.70 3.34
N ALA A 83 -10.83 3.94 2.45
CA ALA A 83 -9.51 3.37 2.72
C ALA A 83 -8.53 4.46 3.15
N LEU A 84 -8.56 5.59 2.46
CA LEU A 84 -7.67 6.70 2.77
C LEU A 84 -7.97 7.26 4.16
N CYS A 85 -9.23 7.17 4.58
CA CYS A 85 -9.65 7.66 5.89
C CYS A 85 -8.99 6.84 7.00
N ARG A 86 -8.44 5.69 6.64
CA ARG A 86 -7.78 4.83 7.62
C ARG A 86 -6.27 5.04 7.60
N HIS A 87 -5.84 6.26 7.91
CA HIS A 87 -4.42 6.60 7.94
C HIS A 87 -3.92 6.68 9.37
N LYS A 88 -2.59 6.59 9.53
CA LYS A 88 -1.98 6.67 10.85
C LYS A 88 -2.43 5.51 11.72
N GLN A 89 -2.52 4.32 11.13
CA GLN A 89 -2.94 3.13 11.85
C GLN A 89 -1.75 2.20 12.11
N TYR A 90 -1.87 1.38 13.16
CA TYR A 90 -0.80 0.44 13.51
C TYR A 90 -1.26 -1.00 13.30
N MET A 91 -0.58 -1.71 12.40
CA MET A 91 -0.91 -3.10 12.12
C MET A 91 -0.58 -3.98 13.32
N GLY A 92 -1.53 -4.08 14.25
CA GLY A 92 -1.32 -4.91 15.42
C GLY A 92 -0.32 -4.31 16.39
N ASN A 93 0.96 -4.45 16.07
CA ASN A 93 2.02 -3.91 16.92
C ASN A 93 3.02 -3.10 16.10
N ARG A 94 2.69 -2.88 14.83
CA ARG A 94 3.56 -2.12 13.93
C ARG A 94 2.84 -0.91 13.37
N PHE A 95 3.59 -0.01 12.73
CA PHE A 95 3.03 1.19 12.15
C PHE A 95 3.09 1.14 10.62
N ILE A 96 1.97 1.49 9.98
CA ILE A 96 1.90 1.48 8.52
C ILE A 96 1.38 2.80 7.99
N GLN A 97 1.86 3.20 6.82
CA GLN A 97 1.44 4.45 6.19
C GLN A 97 0.49 4.19 5.03
N VAL A 98 -0.53 5.03 4.90
CA VAL A 98 -1.51 4.90 3.84
C VAL A 98 -1.35 6.01 2.80
N HIS A 99 -1.06 5.63 1.57
CA HIS A 99 -0.89 6.59 0.49
C HIS A 99 -1.59 6.12 -0.78
N PRO A 100 -2.44 6.99 -1.36
CA PRO A 100 -3.18 6.68 -2.58
C PRO A 100 -2.28 6.60 -3.80
N ILE A 101 -2.44 5.55 -4.59
CA ILE A 101 -1.64 5.35 -5.79
C ILE A 101 -2.48 4.76 -6.91
N THR A 102 -2.35 5.33 -8.11
CA THR A 102 -3.10 4.86 -9.27
C THR A 102 -2.61 3.49 -9.70
N LYS A 103 -3.53 2.68 -10.24
CA LYS A 103 -3.20 1.34 -10.69
C LYS A 103 -1.90 1.34 -11.49
N LYS A 104 -1.63 2.45 -12.17
CA LYS A 104 -0.41 2.58 -12.97
C LYS A 104 0.82 2.64 -12.07
N GLY A 105 0.89 3.65 -11.21
CA GLY A 105 2.01 3.79 -10.31
C GLY A 105 2.22 2.57 -9.43
N MET A 106 1.11 1.97 -9.01
CA MET A 106 1.17 0.78 -8.17
C MET A 106 1.97 -0.33 -8.84
N LEU A 107 1.76 -0.51 -10.14
CA LEU A 107 2.46 -1.54 -10.90
C LEU A 107 3.92 -1.15 -11.11
N GLU A 108 4.16 0.12 -11.41
CA GLU A 108 5.52 0.61 -11.63
C GLU A 108 6.49 0.01 -10.62
N LYS A 109 6.10 0.04 -9.35
CA LYS A 109 6.93 -0.50 -8.29
C LYS A 109 6.99 -2.02 -8.36
N ILE A 110 5.82 -2.65 -8.31
CA ILE A 110 5.72 -4.11 -8.36
C ILE A 110 6.67 -4.67 -9.41
N ASP A 111 7.03 -3.84 -10.39
CA ASP A 111 7.93 -4.26 -11.46
C ASP A 111 9.38 -4.26 -10.98
N MET A 112 9.81 -3.16 -10.39
CA MET A 112 11.17 -3.03 -9.89
C MET A 112 11.44 -4.07 -8.79
N ILE A 113 10.41 -4.41 -8.03
CA ILE A 113 10.53 -5.38 -6.96
C ILE A 113 10.85 -6.76 -7.51
N ARG A 114 10.36 -7.05 -8.71
CA ARG A 114 10.59 -8.34 -9.35
C ARG A 114 11.96 -8.36 -10.02
N LYS A 115 12.39 -7.21 -10.52
CA LYS A 115 13.69 -7.11 -11.19
C LYS A 115 14.83 -7.25 -10.20
N ARG A 116 14.71 -6.57 -9.06
CA ARG A 116 15.73 -6.63 -8.01
C ARG A 116 15.97 -8.06 -7.57
N LEU A 117 14.89 -8.84 -7.48
CA LEU A 117 14.98 -10.23 -7.06
C LEU A 117 15.81 -11.05 -8.05
N GLN A 118 15.50 -10.91 -9.33
CA GLN A 118 16.22 -11.63 -10.38
C GLN A 118 17.72 -11.53 -10.18
N SER A 119 18.40 -12.67 -10.25
CA SER A 119 19.85 -12.70 -10.07
C SER A 119 20.51 -13.59 -11.12
N GLY A 120 21.54 -13.05 -11.77
CA GLY A 120 22.23 -13.81 -12.79
C GLY A 120 22.39 -13.02 -14.09
N PRO A 121 23.50 -13.27 -14.80
CA PRO A 121 23.78 -12.59 -16.07
C PRO A 121 22.84 -13.03 -17.18
N SER A 122 22.01 -14.03 -16.90
CA SER A 122 21.06 -14.54 -17.88
C SER A 122 19.64 -14.44 -17.36
N SER A 123 18.74 -13.93 -18.20
CA SER A 123 17.33 -13.77 -17.81
C SER A 123 16.88 -14.94 -16.95
N GLY A 124 16.65 -14.66 -15.67
CA GLY A 124 16.20 -15.70 -14.75
C GLY A 124 17.04 -15.74 -13.49
N GLY A 1 18.75 -7.48 24.85
CA GLY A 1 19.87 -8.34 24.55
C GLY A 1 19.81 -8.91 23.15
N SER A 2 19.51 -8.05 22.18
CA SER A 2 19.42 -8.49 20.79
C SER A 2 20.26 -7.57 19.89
N SER A 3 20.61 -8.08 18.71
CA SER A 3 21.41 -7.32 17.76
C SER A 3 20.53 -6.72 16.66
N GLY A 4 20.56 -5.40 16.54
CA GLY A 4 19.76 -4.73 15.54
C GLY A 4 19.34 -3.33 15.95
N SER A 5 20.07 -2.32 15.46
CA SER A 5 19.78 -0.93 15.79
C SER A 5 19.22 -0.19 14.59
N SER A 6 18.83 1.05 14.80
CA SER A 6 18.26 1.88 13.73
C SER A 6 19.37 2.58 12.94
N GLY A 7 19.06 2.92 11.70
CA GLY A 7 20.05 3.59 10.86
C GLY A 7 19.43 4.19 9.61
N LYS A 8 18.29 4.84 9.77
CA LYS A 8 17.59 5.46 8.66
C LYS A 8 16.58 6.49 9.14
N SER A 9 16.72 7.72 8.67
CA SER A 9 15.82 8.81 9.06
C SER A 9 15.03 9.32 7.85
N PRO A 10 13.76 9.65 8.08
CA PRO A 10 12.87 10.16 7.04
C PRO A 10 13.26 11.56 6.57
N SER A 11 14.31 12.11 7.17
CA SER A 11 14.79 13.44 6.82
C SER A 11 14.59 13.71 5.33
N GLY A 12 13.70 14.66 5.02
CA GLY A 12 13.42 15.00 3.64
C GLY A 12 12.51 14.01 2.96
N GLN A 13 11.21 14.11 3.26
CA GLN A 13 10.23 13.21 2.68
C GLN A 13 9.18 13.98 1.89
N LYS A 14 9.62 15.01 1.18
CA LYS A 14 8.73 15.83 0.38
C LYS A 14 9.26 16.00 -1.05
N ARG A 15 8.41 15.72 -2.03
CA ARG A 15 8.79 15.83 -3.43
C ARG A 15 7.60 16.27 -4.28
N SER A 16 7.84 17.26 -5.15
CA SER A 16 6.79 17.78 -6.02
C SER A 16 6.29 16.68 -6.97
N ARG A 17 4.97 16.63 -7.16
CA ARG A 17 4.37 15.65 -8.04
C ARG A 17 3.32 16.29 -8.93
N SER A 18 3.57 16.27 -10.24
CA SER A 18 2.65 16.86 -11.20
C SER A 18 2.21 15.82 -12.24
N ARG A 19 3.18 15.04 -12.72
CA ARG A 19 2.90 14.01 -13.72
C ARG A 19 1.73 13.13 -13.28
N SER A 20 0.72 13.01 -14.13
CA SER A 20 -0.45 12.20 -13.84
C SER A 20 -0.93 11.46 -15.07
N PRO A 21 -1.34 10.20 -14.88
CA PRO A 21 -1.82 9.35 -15.97
C PRO A 21 -3.18 9.80 -16.50
N HIS A 22 -3.70 9.09 -17.49
CA HIS A 22 -4.99 9.42 -18.08
C HIS A 22 -6.13 9.10 -17.12
N GLU A 23 -6.21 7.84 -16.71
CA GLU A 23 -7.25 7.40 -15.78
C GLU A 23 -6.87 6.08 -15.13
N ALA A 24 -7.17 5.96 -13.83
CA ALA A 24 -6.87 4.74 -13.09
C ALA A 24 -8.05 4.32 -12.22
N GLY A 25 -7.91 3.18 -11.56
CA GLY A 25 -8.98 2.68 -10.70
C GLY A 25 -8.83 3.17 -9.26
N PHE A 26 -8.89 2.23 -8.32
CA PHE A 26 -8.78 2.56 -6.91
C PHE A 26 -7.82 1.60 -6.20
N CYS A 27 -6.63 2.10 -5.87
CA CYS A 27 -5.62 1.29 -5.20
C CYS A 27 -5.06 2.03 -3.99
N VAL A 28 -4.37 1.30 -3.12
CA VAL A 28 -3.76 1.87 -1.93
C VAL A 28 -2.35 1.38 -1.72
N TYR A 29 -1.48 2.25 -1.23
CA TYR A 29 -0.08 1.90 -0.98
C TYR A 29 0.22 1.85 0.51
N LEU A 30 0.43 0.64 1.03
CA LEU A 30 0.72 0.46 2.44
C LEU A 30 2.21 0.33 2.68
N LYS A 31 2.75 1.17 3.56
CA LYS A 31 4.18 1.15 3.87
C LYS A 31 4.39 1.02 5.38
N GLY A 32 5.22 0.05 5.76
CA GLY A 32 5.50 -0.15 7.17
C GLY A 32 5.19 -1.56 7.63
N LEU A 33 4.52 -2.31 6.78
CA LEU A 33 4.15 -3.70 7.09
C LEU A 33 5.29 -4.41 7.81
N PRO A 34 4.93 -5.35 8.70
CA PRO A 34 5.91 -6.12 9.46
C PRO A 34 6.70 -7.10 8.60
N PHE A 35 7.80 -7.60 9.12
CA PHE A 35 8.65 -8.55 8.39
C PHE A 35 7.94 -9.88 8.21
N GLU A 36 7.06 -10.20 9.16
CA GLU A 36 6.32 -11.46 9.11
C GLU A 36 4.86 -11.21 8.68
N ALA A 37 4.64 -10.12 7.98
CA ALA A 37 3.31 -9.76 7.51
C ALA A 37 2.76 -10.83 6.56
N GLU A 38 1.47 -10.73 6.26
CA GLU A 38 0.83 -11.69 5.37
C GLU A 38 -0.49 -11.13 4.82
N ASN A 39 -0.92 -11.67 3.68
CA ASN A 39 -2.16 -11.21 3.05
C ASN A 39 -3.22 -10.91 4.10
N LYS A 40 -3.27 -11.73 5.14
CA LYS A 40 -4.23 -11.55 6.22
C LYS A 40 -4.07 -10.18 6.87
N HIS A 41 -2.84 -9.81 7.17
CA HIS A 41 -2.55 -8.52 7.79
C HIS A 41 -3.07 -7.37 6.93
N VAL A 42 -2.80 -7.43 5.63
CA VAL A 42 -3.25 -6.40 4.72
C VAL A 42 -4.77 -6.29 4.71
N ILE A 43 -5.44 -7.43 4.82
CA ILE A 43 -6.89 -7.45 4.82
C ILE A 43 -7.45 -6.89 6.14
N ASP A 44 -6.85 -7.31 7.24
CA ASP A 44 -7.27 -6.84 8.56
C ASP A 44 -7.16 -5.33 8.67
N PHE A 45 -6.30 -4.74 7.85
CA PHE A 45 -6.09 -3.30 7.84
C PHE A 45 -7.27 -2.58 7.20
N PHE A 46 -7.63 -3.00 6.00
CA PHE A 46 -8.74 -2.40 5.27
C PHE A 46 -9.98 -3.27 5.35
N LYS A 47 -10.34 -3.69 6.56
CA LYS A 47 -11.50 -4.54 6.77
C LYS A 47 -12.79 -3.79 6.43
N LYS A 48 -13.89 -4.51 6.36
CA LYS A 48 -15.19 -3.92 6.05
C LYS A 48 -15.17 -3.27 4.67
N LEU A 49 -14.50 -3.92 3.73
CA LEU A 49 -14.41 -3.41 2.36
C LEU A 49 -14.30 -4.56 1.36
N ASP A 50 -14.12 -4.21 0.09
CA ASP A 50 -14.00 -5.20 -0.96
C ASP A 50 -12.61 -5.18 -1.59
N ILE A 51 -11.77 -6.13 -1.20
CA ILE A 51 -10.41 -6.20 -1.72
C ILE A 51 -10.19 -7.50 -2.51
N VAL A 52 -9.65 -7.36 -3.72
CA VAL A 52 -9.39 -8.52 -4.57
C VAL A 52 -8.20 -9.32 -4.05
N GLU A 53 -8.50 -10.39 -3.32
CA GLU A 53 -7.45 -11.25 -2.77
C GLU A 53 -6.28 -11.36 -3.73
N ASP A 54 -6.57 -11.29 -5.03
CA ASP A 54 -5.53 -11.38 -6.06
C ASP A 54 -4.72 -10.09 -6.12
N SER A 55 -5.41 -8.96 -6.19
CA SER A 55 -4.75 -7.66 -6.27
C SER A 55 -3.69 -7.53 -5.17
N ILE A 56 -4.09 -7.80 -3.94
CA ILE A 56 -3.18 -7.71 -2.80
C ILE A 56 -1.77 -8.15 -3.20
N TYR A 57 -0.83 -7.21 -3.13
CA TYR A 57 0.56 -7.50 -3.47
C TYR A 57 1.50 -7.06 -2.35
N ILE A 58 2.45 -7.94 -2.01
CA ILE A 58 3.41 -7.64 -0.96
C ILE A 58 4.84 -7.95 -1.42
N ALA A 59 5.75 -7.02 -1.16
CA ALA A 59 7.14 -7.20 -1.54
C ALA A 59 7.91 -8.00 -0.48
N TYR A 60 8.65 -9.01 -0.94
CA TYR A 60 9.42 -9.85 -0.04
C TYR A 60 10.90 -9.82 -0.41
N GLY A 61 11.72 -9.35 0.53
CA GLY A 61 13.16 -9.28 0.28
C GLY A 61 13.73 -10.60 -0.22
N PRO A 62 15.03 -10.61 -0.51
CA PRO A 62 15.72 -11.81 -1.00
C PRO A 62 15.86 -12.88 0.07
N ASN A 63 16.31 -12.48 1.26
CA ASN A 63 16.48 -13.41 2.37
C ASN A 63 15.22 -14.23 2.59
N GLY A 64 14.07 -13.58 2.42
CA GLY A 64 12.80 -14.26 2.60
C GLY A 64 11.94 -13.60 3.67
N LYS A 65 11.94 -12.28 3.68
CA LYS A 65 11.16 -11.52 4.66
C LYS A 65 10.42 -10.37 3.97
N ALA A 66 9.42 -9.82 4.67
CA ALA A 66 8.64 -8.71 4.14
C ALA A 66 9.41 -7.40 4.23
N THR A 67 9.68 -6.78 3.08
CA THR A 67 10.40 -5.52 3.03
C THR A 67 9.64 -4.41 3.73
N GLY A 68 8.34 -4.30 3.42
CA GLY A 68 7.51 -3.28 4.02
C GLY A 68 6.77 -2.46 2.99
N GLU A 69 6.35 -3.10 1.90
CA GLU A 69 5.63 -2.41 0.84
C GLU A 69 4.50 -3.28 0.31
N GLY A 70 3.26 -2.84 0.54
CA GLY A 70 2.11 -3.59 0.07
C GLY A 70 1.19 -2.77 -0.79
N PHE A 71 0.33 -3.44 -1.56
CA PHE A 71 -0.60 -2.76 -2.45
C PHE A 71 -1.96 -3.47 -2.47
N VAL A 72 -3.03 -2.69 -2.54
CA VAL A 72 -4.37 -3.25 -2.57
C VAL A 72 -5.28 -2.44 -3.49
N GLU A 73 -6.18 -3.13 -4.18
CA GLU A 73 -7.11 -2.49 -5.10
C GLU A 73 -8.56 -2.75 -4.68
N PHE A 74 -9.32 -1.67 -4.50
CA PHE A 74 -10.72 -1.79 -4.11
C PHE A 74 -11.63 -1.74 -5.32
N ARG A 75 -12.22 -2.87 -5.66
CA ARG A 75 -13.12 -2.97 -6.80
C ARG A 75 -14.03 -1.75 -6.87
N ASN A 76 -14.85 -1.57 -5.84
CA ASN A 76 -15.78 -0.44 -5.79
C ASN A 76 -15.06 0.83 -5.35
N GLU A 77 -15.78 1.95 -5.38
CA GLU A 77 -15.21 3.24 -4.99
C GLU A 77 -15.62 3.59 -3.56
N ALA A 78 -16.92 3.54 -3.30
CA ALA A 78 -17.44 3.87 -1.97
C ALA A 78 -16.56 3.28 -0.87
N ASP A 79 -16.07 2.06 -1.11
CA ASP A 79 -15.22 1.38 -0.14
C ASP A 79 -13.80 1.94 -0.18
N TYR A 80 -13.31 2.21 -1.39
CA TYR A 80 -11.97 2.74 -1.58
C TYR A 80 -11.74 3.97 -0.69
N LYS A 81 -12.71 4.86 -0.68
CA LYS A 81 -12.63 6.08 0.12
C LYS A 81 -12.40 5.75 1.59
N ALA A 82 -13.36 5.04 2.18
CA ALA A 82 -13.26 4.65 3.58
C ALA A 82 -11.87 4.14 3.92
N ALA A 83 -11.25 3.46 2.97
CA ALA A 83 -9.90 2.92 3.16
C ALA A 83 -8.90 4.02 3.46
N LEU A 84 -8.96 5.10 2.70
CA LEU A 84 -8.06 6.23 2.88
C LEU A 84 -8.24 6.83 4.28
N CYS A 85 -9.47 6.85 4.76
CA CYS A 85 -9.77 7.39 6.08
C CYS A 85 -8.97 6.67 7.16
N ARG A 86 -8.42 5.52 6.80
CA ARG A 86 -7.63 4.74 7.75
C ARG A 86 -6.14 4.97 7.55
N HIS A 87 -5.75 6.24 7.49
CA HIS A 87 -4.36 6.61 7.30
C HIS A 87 -3.62 6.66 8.64
N LYS A 88 -2.29 6.71 8.58
CA LYS A 88 -1.47 6.77 9.78
C LYS A 88 -1.99 5.78 10.83
N GLN A 89 -2.40 4.60 10.38
CA GLN A 89 -2.92 3.57 11.29
C GLN A 89 -1.82 2.58 11.64
N TYR A 90 -1.96 1.96 12.82
CA TYR A 90 -0.98 0.99 13.28
C TYR A 90 -1.48 -0.43 13.06
N MET A 91 -0.59 -1.29 12.55
CA MET A 91 -0.94 -2.68 12.29
C MET A 91 -0.62 -3.56 13.50
N GLY A 92 -1.50 -3.54 14.49
CA GLY A 92 -1.29 -4.34 15.68
C GLY A 92 -0.20 -3.79 16.57
N ASN A 93 1.05 -4.06 16.20
CA ASN A 93 2.20 -3.58 16.97
C ASN A 93 3.11 -2.73 16.11
N ARG A 94 2.90 -2.78 14.79
CA ARG A 94 3.71 -2.00 13.86
C ARG A 94 2.95 -0.76 13.38
N PHE A 95 3.63 0.08 12.62
CA PHE A 95 3.03 1.30 12.09
C PHE A 95 3.08 1.33 10.57
N ILE A 96 1.92 1.43 9.95
CA ILE A 96 1.83 1.46 8.49
C ILE A 96 1.10 2.71 8.01
N GLN A 97 1.59 3.29 6.92
CA GLN A 97 0.99 4.49 6.36
C GLN A 97 0.20 4.16 5.10
N VAL A 98 -0.95 4.84 4.94
CA VAL A 98 -1.80 4.62 3.78
C VAL A 98 -1.69 5.78 2.79
N HIS A 99 -1.29 5.46 1.56
CA HIS A 99 -1.16 6.48 0.52
C HIS A 99 -1.80 6.02 -0.79
N PRO A 100 -2.73 6.82 -1.30
CA PRO A 100 -3.44 6.52 -2.55
C PRO A 100 -2.53 6.62 -3.77
N ILE A 101 -2.46 5.55 -4.55
CA ILE A 101 -1.63 5.51 -5.74
C ILE A 101 -2.38 4.91 -6.93
N THR A 102 -2.24 5.52 -8.09
CA THR A 102 -2.91 5.05 -9.30
C THR A 102 -2.32 3.72 -9.76
N LYS A 103 -3.17 2.90 -10.37
CA LYS A 103 -2.74 1.59 -10.87
C LYS A 103 -1.34 1.66 -11.45
N LYS A 104 -1.14 2.57 -12.39
CA LYS A 104 0.16 2.75 -13.04
C LYS A 104 1.26 2.91 -12.00
N GLY A 105 1.02 3.77 -11.02
CA GLY A 105 2.00 4.01 -9.97
C GLY A 105 2.14 2.83 -9.03
N MET A 106 1.16 1.92 -9.08
CA MET A 106 1.18 0.74 -8.21
C MET A 106 1.90 -0.41 -8.90
N LEU A 107 1.79 -0.48 -10.22
CA LEU A 107 2.44 -1.54 -10.99
C LEU A 107 3.89 -1.19 -11.28
N GLU A 108 4.16 0.10 -11.45
CA GLU A 108 5.52 0.55 -11.73
C GLU A 108 6.50 0.01 -10.71
N LYS A 109 6.20 0.23 -9.44
CA LYS A 109 7.06 -0.25 -8.36
C LYS A 109 7.20 -1.77 -8.39
N ILE A 110 6.07 -2.47 -8.38
CA ILE A 110 6.06 -3.92 -8.42
C ILE A 110 7.09 -4.45 -9.42
N ASP A 111 7.22 -3.75 -10.55
CA ASP A 111 8.17 -4.15 -11.59
C ASP A 111 9.60 -4.09 -11.06
N MET A 112 9.88 -3.09 -10.24
CA MET A 112 11.22 -2.92 -9.67
C MET A 112 11.51 -4.02 -8.65
N ILE A 113 10.51 -4.35 -7.84
CA ILE A 113 10.66 -5.38 -6.82
C ILE A 113 11.12 -6.69 -7.44
N ARG A 114 10.47 -7.10 -8.52
CA ARG A 114 10.82 -8.34 -9.19
C ARG A 114 12.25 -8.30 -9.70
N LYS A 115 12.55 -7.32 -10.54
CA LYS A 115 13.90 -7.17 -11.09
C LYS A 115 14.95 -7.51 -10.06
N ARG A 116 14.93 -6.81 -8.93
CA ARG A 116 15.89 -7.05 -7.85
C ARG A 116 15.99 -8.53 -7.54
N LEU A 117 14.84 -9.20 -7.46
CA LEU A 117 14.80 -10.62 -7.16
C LEU A 117 15.35 -11.44 -8.33
N GLN A 118 14.69 -11.33 -9.48
CA GLN A 118 15.11 -12.05 -10.67
C GLN A 118 16.63 -12.05 -10.81
N SER A 119 17.16 -13.05 -11.50
CA SER A 119 18.60 -13.15 -11.71
C SER A 119 19.06 -12.23 -12.83
N GLY A 120 19.62 -11.08 -12.45
CA GLY A 120 20.10 -10.13 -13.44
C GLY A 120 21.57 -9.81 -13.27
N PRO A 121 22.25 -9.57 -14.40
CA PRO A 121 23.69 -9.25 -14.40
C PRO A 121 23.97 -7.87 -13.81
N SER A 122 25.08 -7.75 -13.10
CA SER A 122 25.47 -6.48 -12.49
C SER A 122 25.89 -5.48 -13.55
N SER A 123 25.84 -4.19 -13.19
CA SER A 123 26.21 -3.12 -14.11
C SER A 123 26.98 -2.03 -13.38
N GLY A 124 28.20 -1.77 -13.83
CA GLY A 124 29.01 -0.74 -13.21
C GLY A 124 30.47 -1.16 -13.08
N GLY A 1 -8.49 -3.05 13.90
CA GLY A 1 -7.27 -3.84 13.90
C GLY A 1 -6.06 -3.01 14.25
N SER A 2 -6.21 -2.11 15.22
CA SER A 2 -5.12 -1.25 15.65
C SER A 2 -5.23 -0.93 17.14
N SER A 3 -4.08 -0.76 17.78
CA SER A 3 -4.05 -0.46 19.21
C SER A 3 -3.08 0.69 19.50
N GLY A 4 -3.49 1.59 20.38
CA GLY A 4 -2.64 2.72 20.74
C GLY A 4 -1.19 2.34 20.88
N SER A 5 -0.39 2.63 19.87
CA SER A 5 1.03 2.31 19.88
C SER A 5 1.87 3.55 20.14
N SER A 6 2.58 3.56 21.26
CA SER A 6 3.43 4.69 21.63
C SER A 6 4.83 4.52 21.05
N GLY A 7 5.38 5.61 20.52
CA GLY A 7 6.71 5.58 19.96
C GLY A 7 7.25 6.96 19.63
N LYS A 8 8.46 7.01 19.10
CA LYS A 8 9.10 8.28 18.74
C LYS A 8 9.03 8.52 17.24
N SER A 9 8.50 9.68 16.85
CA SER A 9 8.38 10.03 15.45
C SER A 9 8.27 11.54 15.27
N PRO A 10 8.96 12.06 14.24
CA PRO A 10 8.97 13.50 13.95
C PRO A 10 7.62 13.99 13.42
N SER A 11 7.52 15.28 13.19
CA SER A 11 6.29 15.88 12.68
C SER A 11 6.57 16.85 11.54
N GLY A 12 5.58 17.05 10.67
CA GLY A 12 5.75 17.95 9.55
C GLY A 12 4.71 17.73 8.47
N GLN A 13 4.56 18.71 7.59
CA GLN A 13 3.58 18.62 6.51
C GLN A 13 4.21 18.06 5.24
N LYS A 14 3.41 17.37 4.43
CA LYS A 14 3.90 16.78 3.19
C LYS A 14 3.09 17.27 2.00
N ARG A 15 3.72 17.31 0.83
CA ARG A 15 3.05 17.76 -0.38
C ARG A 15 3.13 16.70 -1.48
N SER A 16 2.00 16.43 -2.11
CA SER A 16 1.94 15.43 -3.16
C SER A 16 2.49 15.99 -4.48
N ARG A 17 3.80 15.83 -4.67
CA ARG A 17 4.45 16.33 -5.88
C ARG A 17 3.69 15.88 -7.14
N SER A 18 3.53 14.57 -7.28
CA SER A 18 2.83 14.01 -8.43
C SER A 18 1.42 14.60 -8.56
N ARG A 19 1.11 15.09 -9.75
CA ARG A 19 -0.20 15.68 -10.01
C ARG A 19 -1.30 14.63 -10.02
N SER A 20 -1.17 13.67 -10.92
CA SER A 20 -2.15 12.59 -11.03
C SER A 20 -3.44 13.09 -11.69
N PRO A 21 -3.30 13.69 -12.88
CA PRO A 21 -4.44 14.23 -13.63
C PRO A 21 -5.35 13.13 -14.17
N HIS A 22 -4.74 12.03 -14.60
CA HIS A 22 -5.50 10.90 -15.14
C HIS A 22 -5.58 9.77 -14.13
N GLU A 23 -6.73 9.09 -14.10
CA GLU A 23 -6.93 7.98 -13.17
C GLU A 23 -7.02 6.66 -13.92
N ALA A 24 -6.53 5.59 -13.30
CA ALA A 24 -6.55 4.27 -13.91
C ALA A 24 -7.53 3.35 -13.19
N GLY A 25 -7.37 3.26 -11.86
CA GLY A 25 -8.25 2.42 -11.07
C GLY A 25 -8.35 2.87 -9.64
N PHE A 26 -8.49 1.91 -8.72
CA PHE A 26 -8.61 2.22 -7.30
C PHE A 26 -7.71 1.31 -6.46
N CYS A 27 -6.53 1.81 -6.11
CA CYS A 27 -5.58 1.05 -5.32
C CYS A 27 -5.05 1.87 -4.15
N VAL A 28 -4.25 1.23 -3.30
CA VAL A 28 -3.69 1.91 -2.14
C VAL A 28 -2.30 1.36 -1.80
N TYR A 29 -1.37 2.26 -1.53
CA TYR A 29 -0.01 1.87 -1.20
C TYR A 29 0.22 1.88 0.31
N LEU A 30 0.66 0.75 0.86
CA LEU A 30 0.91 0.64 2.29
C LEU A 30 2.40 0.45 2.57
N LYS A 31 2.90 1.12 3.60
CA LYS A 31 4.30 1.03 3.98
C LYS A 31 4.45 0.87 5.49
N GLY A 32 5.05 -0.24 5.90
CA GLY A 32 5.26 -0.49 7.32
C GLY A 32 5.00 -1.93 7.69
N LEU A 33 4.22 -2.63 6.87
CA LEU A 33 3.91 -4.02 7.13
C LEU A 33 5.08 -4.75 7.77
N PRO A 34 4.78 -5.78 8.57
CA PRO A 34 5.80 -6.58 9.26
C PRO A 34 6.62 -7.43 8.30
N PHE A 35 7.74 -7.96 8.79
CA PHE A 35 8.60 -8.80 7.97
C PHE A 35 7.89 -10.08 7.56
N GLU A 36 7.21 -10.71 8.51
CA GLU A 36 6.48 -11.95 8.25
C GLU A 36 4.99 -11.67 8.04
N ALA A 37 4.69 -10.54 7.40
CA ALA A 37 3.31 -10.16 7.12
C ALA A 37 2.64 -11.18 6.20
N GLU A 38 1.32 -11.06 6.06
CA GLU A 38 0.56 -11.97 5.21
C GLU A 38 -0.72 -11.31 4.72
N ASN A 39 -1.22 -11.74 3.57
CA ASN A 39 -2.44 -11.20 3.00
C ASN A 39 -3.45 -10.87 4.10
N LYS A 40 -3.56 -11.77 5.07
CA LYS A 40 -4.49 -11.58 6.18
C LYS A 40 -4.22 -10.26 6.90
N HIS A 41 -2.95 -10.01 7.20
CA HIS A 41 -2.57 -8.78 7.88
C HIS A 41 -3.09 -7.55 7.14
N VAL A 42 -2.94 -7.55 5.83
CA VAL A 42 -3.40 -6.43 5.00
C VAL A 42 -4.92 -6.35 5.01
N ILE A 43 -5.57 -7.48 4.81
CA ILE A 43 -7.03 -7.54 4.79
C ILE A 43 -7.62 -6.85 6.02
N ASP A 44 -7.33 -7.41 7.19
CA ASP A 44 -7.82 -6.85 8.44
C ASP A 44 -7.68 -5.33 8.47
N PHE A 45 -6.47 -4.85 8.20
CA PHE A 45 -6.20 -3.43 8.18
C PHE A 45 -7.37 -2.66 7.56
N PHE A 46 -7.85 -3.14 6.42
CA PHE A 46 -8.96 -2.49 5.74
C PHE A 46 -10.24 -3.31 5.89
N LYS A 47 -10.53 -3.71 7.11
CA LYS A 47 -11.72 -4.50 7.40
C LYS A 47 -12.98 -3.75 6.96
N LYS A 48 -14.05 -4.51 6.72
CA LYS A 48 -15.32 -3.92 6.29
C LYS A 48 -15.17 -3.22 4.95
N LEU A 49 -14.34 -3.78 4.08
CA LEU A 49 -14.11 -3.21 2.75
C LEU A 49 -13.93 -4.32 1.72
N ASP A 50 -14.03 -3.94 0.45
CA ASP A 50 -13.87 -4.90 -0.65
C ASP A 50 -12.42 -4.96 -1.12
N ILE A 51 -11.70 -5.98 -0.67
CA ILE A 51 -10.30 -6.16 -1.03
C ILE A 51 -10.10 -7.45 -1.82
N VAL A 52 -9.79 -7.31 -3.11
CA VAL A 52 -9.57 -8.46 -3.97
C VAL A 52 -8.38 -9.28 -3.49
N GLU A 53 -8.66 -10.34 -2.73
CA GLU A 53 -7.61 -11.20 -2.20
C GLU A 53 -6.45 -11.31 -3.20
N ASP A 54 -6.78 -11.35 -4.49
CA ASP A 54 -5.77 -11.45 -5.53
C ASP A 54 -4.97 -10.17 -5.64
N SER A 55 -5.63 -9.08 -6.02
CA SER A 55 -4.98 -7.79 -6.16
C SER A 55 -3.88 -7.62 -5.11
N ILE A 56 -4.24 -7.81 -3.85
CA ILE A 56 -3.28 -7.67 -2.76
C ILE A 56 -1.89 -8.13 -3.19
N TYR A 57 -0.92 -7.24 -3.08
CA TYR A 57 0.46 -7.55 -3.46
C TYR A 57 1.44 -7.03 -2.41
N ILE A 58 2.28 -7.93 -1.91
CA ILE A 58 3.27 -7.56 -0.90
C ILE A 58 4.68 -7.86 -1.38
N ALA A 59 5.58 -6.90 -1.22
CA ALA A 59 6.98 -7.08 -1.63
C ALA A 59 7.77 -7.84 -0.59
N TYR A 60 8.60 -8.77 -1.03
CA TYR A 60 9.42 -9.57 -0.13
C TYR A 60 10.89 -9.46 -0.49
N GLY A 61 11.74 -9.40 0.54
CA GLY A 61 13.17 -9.29 0.32
C GLY A 61 13.80 -10.59 -0.11
N PRO A 62 15.06 -10.54 -0.56
CA PRO A 62 15.79 -11.72 -1.01
C PRO A 62 16.15 -12.66 0.15
N ASN A 63 16.05 -12.14 1.37
CA ASN A 63 16.36 -12.93 2.55
C ASN A 63 15.09 -13.51 3.17
N GLY A 64 14.00 -13.49 2.40
CA GLY A 64 12.74 -14.01 2.89
C GLY A 64 12.13 -13.15 3.98
N LYS A 65 12.24 -11.84 3.83
CA LYS A 65 11.71 -10.91 4.82
C LYS A 65 10.96 -9.77 4.13
N ALA A 66 9.67 -9.67 4.40
CA ALA A 66 8.84 -8.62 3.81
C ALA A 66 9.51 -7.25 3.94
N THR A 67 9.81 -6.64 2.80
CA THR A 67 10.45 -5.34 2.78
C THR A 67 9.59 -4.29 3.48
N GLY A 68 8.27 -4.43 3.35
CA GLY A 68 7.36 -3.49 3.98
C GLY A 68 6.58 -2.67 2.96
N GLU A 69 6.38 -3.24 1.78
CA GLU A 69 5.65 -2.56 0.72
C GLU A 69 4.48 -3.40 0.23
N GLY A 70 3.26 -2.96 0.57
CA GLY A 70 2.07 -3.68 0.17
C GLY A 70 1.16 -2.85 -0.73
N PHE A 71 0.29 -3.52 -1.47
CA PHE A 71 -0.63 -2.84 -2.37
C PHE A 71 -1.98 -3.56 -2.41
N VAL A 72 -3.05 -2.79 -2.39
CA VAL A 72 -4.40 -3.35 -2.41
C VAL A 72 -5.29 -2.59 -3.40
N GLU A 73 -6.25 -3.29 -3.98
CA GLU A 73 -7.17 -2.68 -4.93
C GLU A 73 -8.62 -2.92 -4.52
N PHE A 74 -9.36 -1.83 -4.34
CA PHE A 74 -10.77 -1.91 -3.95
C PHE A 74 -11.68 -1.91 -5.17
N ARG A 75 -12.24 -3.08 -5.48
CA ARG A 75 -13.13 -3.21 -6.63
C ARG A 75 -14.01 -1.97 -6.78
N ASN A 76 -14.64 -1.56 -5.69
CA ASN A 76 -15.52 -0.39 -5.71
C ASN A 76 -14.73 0.88 -5.39
N GLU A 77 -15.32 2.03 -5.68
CA GLU A 77 -14.68 3.31 -5.42
C GLU A 77 -15.11 3.87 -4.06
N ALA A 78 -16.40 3.72 -3.75
CA ALA A 78 -16.95 4.21 -2.49
C ALA A 78 -16.10 3.75 -1.32
N ASP A 79 -15.86 2.45 -1.23
CA ASP A 79 -15.07 1.88 -0.15
C ASP A 79 -13.62 2.36 -0.23
N TYR A 80 -13.10 2.45 -1.44
CA TYR A 80 -11.72 2.89 -1.65
C TYR A 80 -11.45 4.18 -0.89
N LYS A 81 -12.36 5.14 -1.00
CA LYS A 81 -12.21 6.42 -0.32
C LYS A 81 -12.02 6.22 1.18
N ALA A 82 -12.91 5.43 1.78
CA ALA A 82 -12.83 5.15 3.21
C ALA A 82 -11.43 4.68 3.61
N ALA A 83 -10.87 3.77 2.83
CA ALA A 83 -9.54 3.24 3.09
C ALA A 83 -8.57 4.37 3.40
N LEU A 84 -8.56 5.40 2.56
CA LEU A 84 -7.67 6.53 2.74
C LEU A 84 -7.78 7.09 4.16
N CYS A 85 -9.01 7.32 4.61
CA CYS A 85 -9.25 7.85 5.95
C CYS A 85 -8.57 6.99 7.01
N ARG A 86 -8.24 5.75 6.63
CA ARG A 86 -7.58 4.83 7.54
C ARG A 86 -6.07 5.06 7.56
N HIS A 87 -5.66 6.32 7.56
CA HIS A 87 -4.25 6.68 7.57
C HIS A 87 -3.71 6.69 9.00
N LYS A 88 -2.40 6.51 9.13
CA LYS A 88 -1.76 6.50 10.44
C LYS A 88 -2.32 5.39 11.32
N GLN A 89 -2.47 4.21 10.74
CA GLN A 89 -3.00 3.06 11.47
C GLN A 89 -1.88 2.12 11.90
N TYR A 90 -2.09 1.42 13.00
CA TYR A 90 -1.09 0.48 13.51
C TYR A 90 -1.58 -0.95 13.39
N MET A 91 -0.78 -1.79 12.73
CA MET A 91 -1.13 -3.20 12.54
C MET A 91 -0.78 -4.02 13.78
N GLY A 92 -1.69 -4.04 14.74
CA GLY A 92 -1.46 -4.79 15.96
C GLY A 92 -0.35 -4.19 16.81
N ASN A 93 0.89 -4.36 16.37
CA ASN A 93 2.03 -3.83 17.10
C ASN A 93 2.90 -2.95 16.19
N ARG A 94 2.85 -3.23 14.89
CA ARG A 94 3.62 -2.48 13.92
C ARG A 94 2.85 -1.25 13.43
N PHE A 95 3.49 -0.44 12.61
CA PHE A 95 2.87 0.77 12.08
C PHE A 95 2.99 0.82 10.57
N ILE A 96 1.90 1.19 9.90
CA ILE A 96 1.88 1.29 8.45
C ILE A 96 1.31 2.62 7.98
N GLN A 97 1.76 3.07 6.82
CA GLN A 97 1.28 4.35 6.26
C GLN A 97 0.43 4.10 5.02
N VAL A 98 -0.64 4.89 4.89
CA VAL A 98 -1.53 4.76 3.74
C VAL A 98 -1.34 5.91 2.76
N HIS A 99 -1.27 5.59 1.48
CA HIS A 99 -1.08 6.59 0.44
C HIS A 99 -1.74 6.15 -0.87
N PRO A 100 -2.59 7.02 -1.42
CA PRO A 100 -3.30 6.75 -2.67
C PRO A 100 -2.37 6.75 -3.88
N ILE A 101 -2.46 5.70 -4.70
CA ILE A 101 -1.62 5.59 -5.88
C ILE A 101 -2.42 5.05 -7.06
N THR A 102 -2.14 5.57 -8.25
CA THR A 102 -2.83 5.13 -9.46
C THR A 102 -2.53 3.68 -9.76
N LYS A 103 -3.38 3.05 -10.56
CA LYS A 103 -3.21 1.64 -10.94
C LYS A 103 -1.87 1.44 -11.65
N LYS A 104 -1.60 2.28 -12.64
CA LYS A 104 -0.36 2.18 -13.40
C LYS A 104 0.85 2.38 -12.49
N GLY A 105 0.83 3.46 -11.71
CA GLY A 105 1.94 3.73 -10.81
C GLY A 105 2.23 2.57 -9.88
N MET A 106 1.17 1.95 -9.37
CA MET A 106 1.32 0.81 -8.46
C MET A 106 2.04 -0.35 -9.15
N LEU A 107 1.59 -0.69 -10.35
CA LEU A 107 2.19 -1.78 -11.12
C LEU A 107 3.64 -1.47 -11.44
N GLU A 108 3.90 -0.25 -11.90
CA GLU A 108 5.25 0.17 -12.25
C GLU A 108 6.25 -0.29 -11.21
N LYS A 109 5.98 0.05 -9.95
CA LYS A 109 6.86 -0.33 -8.85
C LYS A 109 7.01 -1.84 -8.76
N ILE A 110 5.90 -2.55 -8.64
CA ILE A 110 5.91 -4.00 -8.56
C ILE A 110 6.94 -4.59 -9.52
N ASP A 111 6.99 -4.05 -10.73
CA ASP A 111 7.92 -4.52 -11.74
C ASP A 111 9.36 -4.35 -11.27
N MET A 112 9.64 -3.21 -10.64
CA MET A 112 10.97 -2.93 -10.14
C MET A 112 11.37 -3.91 -9.04
N ILE A 113 10.42 -4.25 -8.18
CA ILE A 113 10.67 -5.19 -7.09
C ILE A 113 11.02 -6.57 -7.62
N ARG A 114 10.20 -7.07 -8.55
CA ARG A 114 10.43 -8.38 -9.14
C ARG A 114 11.76 -8.43 -9.88
N LYS A 115 12.01 -7.40 -10.69
CA LYS A 115 13.25 -7.32 -11.46
C LYS A 115 14.46 -7.17 -10.53
N ARG A 116 14.42 -6.14 -9.69
CA ARG A 116 15.51 -5.88 -8.76
C ARG A 116 15.81 -7.12 -7.92
N LEU A 117 14.76 -7.82 -7.52
CA LEU A 117 14.91 -9.03 -6.71
C LEU A 117 15.66 -10.11 -7.48
N GLN A 118 15.26 -10.33 -8.73
CA GLN A 118 15.90 -11.34 -9.57
C GLN A 118 17.42 -11.27 -9.43
N SER A 119 18.09 -12.31 -9.93
CA SER A 119 19.55 -12.37 -9.85
C SER A 119 20.17 -12.20 -11.23
N GLY A 120 19.63 -12.92 -12.22
CA GLY A 120 20.15 -12.84 -13.58
C GLY A 120 19.50 -13.85 -14.50
N PRO A 121 18.18 -13.72 -14.70
CA PRO A 121 17.41 -14.63 -15.56
C PRO A 121 17.75 -14.43 -17.04
N SER A 122 18.55 -15.33 -17.58
CA SER A 122 18.95 -15.26 -18.98
C SER A 122 19.28 -16.65 -19.52
N SER A 123 18.80 -16.94 -20.73
CA SER A 123 19.04 -18.23 -21.36
C SER A 123 19.36 -18.06 -22.84
N GLY A 124 20.43 -18.71 -23.29
CA GLY A 124 20.82 -18.62 -24.68
C GLY A 124 20.96 -19.98 -25.34
N GLY A 1 -44.59 -18.49 -20.41
CA GLY A 1 -43.15 -18.46 -20.29
C GLY A 1 -42.69 -18.13 -18.88
N SER A 2 -42.16 -16.93 -18.70
CA SER A 2 -41.69 -16.49 -17.40
C SER A 2 -41.92 -15.00 -17.20
N SER A 3 -42.61 -14.65 -16.13
CA SER A 3 -42.91 -13.25 -15.83
C SER A 3 -41.99 -12.73 -14.74
N GLY A 4 -41.55 -11.48 -14.89
CA GLY A 4 -40.67 -10.88 -13.91
C GLY A 4 -40.73 -9.36 -13.93
N SER A 5 -40.55 -8.75 -12.77
CA SER A 5 -40.59 -7.29 -12.66
C SER A 5 -39.22 -6.74 -12.26
N SER A 6 -38.64 -7.32 -11.20
CA SER A 6 -37.34 -6.89 -10.71
C SER A 6 -36.27 -7.08 -11.79
N GLY A 7 -35.67 -5.97 -12.22
CA GLY A 7 -34.64 -6.03 -13.24
C GLY A 7 -34.31 -4.67 -13.81
N LYS A 8 -34.29 -3.65 -12.95
CA LYS A 8 -33.99 -2.29 -13.38
C LYS A 8 -32.76 -1.76 -12.66
N SER A 9 -31.86 -1.13 -13.42
CA SER A 9 -30.64 -0.58 -12.85
C SER A 9 -30.94 0.33 -11.67
N PRO A 10 -30.07 0.29 -10.64
CA PRO A 10 -30.24 1.11 -9.44
C PRO A 10 -30.01 2.59 -9.71
N SER A 11 -29.19 2.89 -10.71
CA SER A 11 -28.90 4.27 -11.07
C SER A 11 -28.53 5.08 -9.84
N GLY A 12 -27.56 4.57 -9.07
CA GLY A 12 -27.12 5.26 -7.87
C GLY A 12 -25.62 5.38 -7.78
N GLN A 13 -25.09 6.50 -8.27
CA GLN A 13 -23.65 6.74 -8.25
C GLN A 13 -23.32 8.14 -8.75
N LYS A 14 -22.23 8.71 -8.24
CA LYS A 14 -21.81 10.05 -8.65
C LYS A 14 -20.62 9.98 -9.61
N ARG A 15 -20.24 11.13 -10.14
CA ARG A 15 -19.12 11.20 -11.07
C ARG A 15 -17.87 11.75 -10.39
N SER A 16 -16.73 11.11 -10.65
CA SER A 16 -15.47 11.55 -10.06
C SER A 16 -14.47 11.93 -11.14
N ARG A 17 -14.06 13.19 -11.13
CA ARG A 17 -13.09 13.69 -12.11
C ARG A 17 -12.08 14.63 -11.45
N SER A 18 -10.93 14.79 -12.10
CA SER A 18 -9.88 15.65 -11.57
C SER A 18 -9.29 16.52 -12.68
N ARG A 19 -8.43 17.46 -12.29
CA ARG A 19 -7.80 18.36 -13.24
C ARG A 19 -6.56 17.72 -13.85
N SER A 20 -6.66 16.43 -14.17
CA SER A 20 -5.53 15.70 -14.76
C SER A 20 -5.98 14.32 -15.22
N PRO A 21 -5.40 13.86 -16.34
CA PRO A 21 -5.72 12.54 -16.92
C PRO A 21 -5.19 11.39 -16.06
N HIS A 22 -6.11 10.59 -15.53
CA HIS A 22 -5.74 9.46 -14.69
C HIS A 22 -6.00 8.15 -15.41
N GLU A 23 -7.27 7.89 -15.75
CA GLU A 23 -7.65 6.67 -16.44
C GLU A 23 -7.11 5.44 -15.72
N ALA A 24 -7.38 5.36 -14.41
CA ALA A 24 -6.92 4.25 -13.61
C ALA A 24 -7.96 3.85 -12.57
N GLY A 25 -7.78 2.68 -11.96
CA GLY A 25 -8.72 2.21 -10.96
C GLY A 25 -8.47 2.84 -9.59
N PHE A 26 -8.66 2.05 -8.54
CA PHE A 26 -8.45 2.54 -7.19
C PHE A 26 -7.57 1.58 -6.38
N CYS A 27 -6.38 2.04 -6.02
CA CYS A 27 -5.44 1.23 -5.26
C CYS A 27 -4.94 1.98 -4.03
N VAL A 28 -4.18 1.29 -3.19
CA VAL A 28 -3.64 1.89 -1.97
C VAL A 28 -2.24 1.38 -1.69
N TYR A 29 -1.34 2.30 -1.37
CA TYR A 29 0.05 1.94 -1.07
C TYR A 29 0.30 1.94 0.43
N LEU A 30 0.58 0.75 0.97
CA LEU A 30 0.84 0.60 2.40
C LEU A 30 2.34 0.50 2.67
N LYS A 31 2.82 1.35 3.58
CA LYS A 31 4.23 1.34 3.94
C LYS A 31 4.42 1.19 5.45
N GLY A 32 5.07 0.10 5.85
CA GLY A 32 5.30 -0.14 7.26
C GLY A 32 5.00 -1.58 7.66
N LEU A 33 4.37 -2.32 6.75
CA LEU A 33 4.04 -3.72 7.02
C LEU A 33 5.16 -4.42 7.76
N PRO A 34 4.80 -5.38 8.61
CA PRO A 34 5.76 -6.16 9.40
C PRO A 34 6.60 -7.10 8.54
N PHE A 35 7.64 -7.67 9.12
CA PHE A 35 8.52 -8.59 8.41
C PHE A 35 7.78 -9.86 8.03
N GLU A 36 6.90 -10.31 8.92
CA GLU A 36 6.12 -11.53 8.68
C GLU A 36 4.74 -11.19 8.11
N ALA A 37 4.64 -10.02 7.49
CA ALA A 37 3.39 -9.58 6.90
C ALA A 37 2.83 -10.64 5.95
N GLU A 38 1.51 -10.71 5.86
CA GLU A 38 0.85 -11.68 5.00
C GLU A 38 -0.43 -11.10 4.40
N ASN A 39 -0.92 -11.74 3.35
CA ASN A 39 -2.15 -11.28 2.68
C ASN A 39 -3.26 -11.05 3.69
N LYS A 40 -3.23 -11.81 4.79
CA LYS A 40 -4.23 -11.68 5.85
C LYS A 40 -4.09 -10.35 6.58
N HIS A 41 -2.85 -9.99 6.92
CA HIS A 41 -2.58 -8.75 7.62
C HIS A 41 -3.13 -7.56 6.85
N VAL A 42 -2.86 -7.53 5.55
CA VAL A 42 -3.34 -6.44 4.71
C VAL A 42 -4.85 -6.29 4.79
N ILE A 43 -5.54 -7.42 4.86
CA ILE A 43 -6.99 -7.42 4.95
C ILE A 43 -7.47 -6.81 6.26
N ASP A 44 -6.95 -7.33 7.37
CA ASP A 44 -7.32 -6.85 8.69
C ASP A 44 -7.19 -5.33 8.76
N PHE A 45 -6.26 -4.77 8.00
CA PHE A 45 -6.04 -3.34 7.97
C PHE A 45 -7.20 -2.62 7.27
N PHE A 46 -7.57 -3.13 6.10
CA PHE A 46 -8.65 -2.54 5.32
C PHE A 46 -9.90 -3.41 5.38
N LYS A 47 -10.29 -3.79 6.59
CA LYS A 47 -11.47 -4.63 6.79
C LYS A 47 -12.75 -3.86 6.47
N LYS A 48 -13.89 -4.53 6.61
CA LYS A 48 -15.17 -3.91 6.34
C LYS A 48 -15.19 -3.27 4.95
N LEU A 49 -14.36 -3.78 4.06
CA LEU A 49 -14.29 -3.27 2.69
C LEU A 49 -14.10 -4.39 1.69
N ASP A 50 -14.19 -4.06 0.41
CA ASP A 50 -14.04 -5.05 -0.65
C ASP A 50 -12.62 -4.99 -1.24
N ILE A 51 -11.87 -6.07 -1.06
CA ILE A 51 -10.51 -6.14 -1.57
C ILE A 51 -10.28 -7.43 -2.35
N VAL A 52 -9.76 -7.30 -3.56
CA VAL A 52 -9.49 -8.46 -4.41
C VAL A 52 -8.30 -9.25 -3.88
N GLU A 53 -8.60 -10.35 -3.19
CA GLU A 53 -7.55 -11.20 -2.63
C GLU A 53 -6.36 -11.29 -3.58
N ASP A 54 -6.63 -11.18 -4.87
CA ASP A 54 -5.59 -11.25 -5.88
C ASP A 54 -4.77 -9.96 -5.91
N SER A 55 -5.45 -8.83 -6.04
CA SER A 55 -4.78 -7.54 -6.08
C SER A 55 -3.75 -7.42 -4.95
N ILE A 56 -4.19 -7.67 -3.73
CA ILE A 56 -3.32 -7.59 -2.57
C ILE A 56 -1.90 -8.08 -2.91
N TYR A 57 -1.00 -7.14 -3.14
CA TYR A 57 0.38 -7.47 -3.48
C TYR A 57 1.34 -7.04 -2.36
N ILE A 58 2.28 -7.91 -2.03
CA ILE A 58 3.25 -7.62 -0.98
C ILE A 58 4.67 -7.98 -1.44
N ALA A 59 5.58 -7.03 -1.28
CA ALA A 59 6.97 -7.23 -1.68
C ALA A 59 7.75 -7.95 -0.58
N TYR A 60 8.64 -8.85 -0.97
CA TYR A 60 9.45 -9.60 -0.02
C TYR A 60 10.91 -9.62 -0.43
N GLY A 61 11.77 -9.08 0.42
CA GLY A 61 13.19 -9.04 0.12
C GLY A 61 13.72 -10.38 -0.32
N PRO A 62 14.97 -10.40 -0.80
CA PRO A 62 15.63 -11.62 -1.28
C PRO A 62 15.96 -12.58 -0.14
N ASN A 63 16.18 -12.03 1.05
CA ASN A 63 16.51 -12.83 2.22
C ASN A 63 15.28 -13.61 2.69
N GLY A 64 14.14 -13.37 2.05
CA GLY A 64 12.92 -14.05 2.43
C GLY A 64 12.20 -13.37 3.58
N LYS A 65 12.09 -12.05 3.50
CA LYS A 65 11.42 -11.27 4.54
C LYS A 65 10.65 -10.11 3.94
N ALA A 66 9.46 -9.85 4.47
CA ALA A 66 8.62 -8.76 4.00
C ALA A 66 9.34 -7.43 4.10
N THR A 67 9.67 -6.84 2.95
CA THR A 67 10.37 -5.56 2.92
C THR A 67 9.58 -4.48 3.66
N GLY A 68 8.27 -4.67 3.75
CA GLY A 68 7.44 -3.70 4.43
C GLY A 68 6.64 -2.84 3.48
N GLU A 69 6.29 -3.39 2.33
CA GLU A 69 5.52 -2.65 1.33
C GLU A 69 4.44 -3.54 0.72
N GLY A 70 3.26 -2.95 0.50
CA GLY A 70 2.16 -3.69 -0.07
C GLY A 70 1.21 -2.81 -0.86
N PHE A 71 0.29 -3.43 -1.60
CA PHE A 71 -0.68 -2.70 -2.40
C PHE A 71 -2.03 -3.41 -2.42
N VAL A 72 -3.10 -2.62 -2.43
CA VAL A 72 -4.45 -3.18 -2.44
C VAL A 72 -5.36 -2.38 -3.38
N GLU A 73 -6.23 -3.09 -4.08
CA GLU A 73 -7.16 -2.45 -5.02
C GLU A 73 -8.61 -2.73 -4.62
N PHE A 74 -9.34 -1.67 -4.31
CA PHE A 74 -10.74 -1.79 -3.91
C PHE A 74 -11.66 -1.76 -5.13
N ARG A 75 -12.33 -2.87 -5.39
CA ARG A 75 -13.25 -2.97 -6.52
C ARG A 75 -14.09 -1.70 -6.65
N ASN A 76 -15.07 -1.55 -5.76
CA ASN A 76 -15.94 -0.39 -5.77
C ASN A 76 -15.18 0.88 -5.41
N GLU A 77 -15.82 2.03 -5.58
CA GLU A 77 -15.20 3.31 -5.27
C GLU A 77 -15.66 3.82 -3.91
N ALA A 78 -16.87 3.43 -3.51
CA ALA A 78 -17.42 3.85 -2.23
C ALA A 78 -16.62 3.26 -1.07
N ASP A 79 -15.94 2.14 -1.32
CA ASP A 79 -15.15 1.49 -0.30
C ASP A 79 -13.69 1.96 -0.36
N TYR A 80 -13.31 2.53 -1.50
CA TYR A 80 -11.95 3.01 -1.68
C TYR A 80 -11.71 4.28 -0.87
N LYS A 81 -12.71 5.14 -0.81
CA LYS A 81 -12.61 6.38 -0.05
C LYS A 81 -12.51 6.11 1.44
N ALA A 82 -13.23 5.08 1.90
CA ALA A 82 -13.21 4.71 3.31
C ALA A 82 -11.83 4.25 3.75
N ALA A 83 -11.16 3.51 2.88
CA ALA A 83 -9.82 3.02 3.17
C ALA A 83 -8.87 4.15 3.56
N LEU A 84 -8.86 5.19 2.74
CA LEU A 84 -7.99 6.35 2.99
C LEU A 84 -8.14 6.83 4.43
N CYS A 85 -9.34 6.66 4.98
CA CYS A 85 -9.63 7.08 6.35
C CYS A 85 -8.66 6.42 7.33
N ARG A 86 -8.37 5.14 7.10
CA ARG A 86 -7.46 4.39 7.96
C ARG A 86 -6.01 4.74 7.64
N HIS A 87 -5.59 5.93 8.02
CA HIS A 87 -4.22 6.38 7.78
C HIS A 87 -3.41 6.37 9.07
N LYS A 88 -2.09 6.53 8.94
CA LYS A 88 -1.20 6.53 10.10
C LYS A 88 -1.77 5.66 11.22
N GLN A 89 -2.16 4.45 10.88
CA GLN A 89 -2.72 3.52 11.87
C GLN A 89 -1.67 2.50 12.30
N TYR A 90 -1.94 1.84 13.43
CA TYR A 90 -1.02 0.83 13.95
C TYR A 90 -1.49 -0.57 13.60
N MET A 91 -0.72 -1.24 12.75
CA MET A 91 -1.06 -2.61 12.33
C MET A 91 -0.72 -3.61 13.42
N GLY A 92 -1.62 -3.79 14.36
CA GLY A 92 -1.39 -4.72 15.45
C GLY A 92 -0.32 -4.25 16.41
N ASN A 93 0.94 -4.42 16.03
CA ASN A 93 2.06 -4.01 16.86
C ASN A 93 3.06 -3.17 16.05
N ARG A 94 2.67 -2.82 14.83
CA ARG A 94 3.53 -2.02 13.96
C ARG A 94 2.80 -0.78 13.46
N PHE A 95 3.50 0.02 12.66
CA PHE A 95 2.91 1.25 12.12
C PHE A 95 2.98 1.24 10.60
N ILE A 96 1.85 1.50 9.95
CA ILE A 96 1.77 1.53 8.50
C ILE A 96 1.14 2.83 8.01
N GLN A 97 1.69 3.39 6.93
CA GLN A 97 1.16 4.62 6.36
C GLN A 97 0.33 4.34 5.11
N VAL A 98 -0.86 4.93 5.06
CA VAL A 98 -1.76 4.74 3.93
C VAL A 98 -1.66 5.91 2.95
N HIS A 99 -1.23 5.61 1.74
CA HIS A 99 -1.09 6.64 0.71
C HIS A 99 -1.68 6.16 -0.62
N PRO A 100 -2.60 6.97 -1.17
CA PRO A 100 -3.27 6.65 -2.44
C PRO A 100 -2.32 6.74 -3.63
N ILE A 101 -2.35 5.72 -4.48
CA ILE A 101 -1.50 5.69 -5.66
C ILE A 101 -2.28 5.25 -6.90
N THR A 102 -1.86 5.74 -8.06
CA THR A 102 -2.52 5.41 -9.31
C THR A 102 -2.44 3.91 -9.60
N LYS A 103 -3.34 3.43 -10.44
CA LYS A 103 -3.38 2.01 -10.80
C LYS A 103 -2.30 1.69 -11.84
N LYS A 104 -1.67 2.73 -12.37
CA LYS A 104 -0.62 2.56 -13.36
C LYS A 104 0.76 2.56 -12.71
N GLY A 105 1.07 3.63 -11.99
CA GLY A 105 2.35 3.74 -11.32
C GLY A 105 2.59 2.60 -10.34
N MET A 106 1.54 2.20 -9.65
CA MET A 106 1.64 1.11 -8.67
C MET A 106 2.20 -0.15 -9.31
N LEU A 107 1.61 -0.55 -10.45
CA LEU A 107 2.06 -1.73 -11.16
C LEU A 107 3.50 -1.59 -11.62
N GLU A 108 3.87 -0.37 -12.02
CA GLU A 108 5.22 -0.09 -12.48
C GLU A 108 6.26 -0.50 -11.43
N LYS A 109 5.97 -0.17 -10.17
CA LYS A 109 6.87 -0.49 -9.08
C LYS A 109 6.97 -2.01 -8.88
N ILE A 110 5.82 -2.68 -8.88
CA ILE A 110 5.77 -4.12 -8.71
C ILE A 110 6.80 -4.82 -9.60
N ASP A 111 6.98 -4.29 -10.80
CA ASP A 111 7.94 -4.85 -11.75
C ASP A 111 9.36 -4.64 -11.27
N MET A 112 9.63 -3.46 -10.72
CA MET A 112 10.96 -3.13 -10.21
C MET A 112 11.33 -4.01 -9.03
N ILE A 113 10.35 -4.27 -8.16
CA ILE A 113 10.58 -5.10 -6.99
C ILE A 113 11.04 -6.49 -7.38
N ARG A 114 10.50 -7.01 -8.47
CA ARG A 114 10.87 -8.34 -8.96
C ARG A 114 12.35 -8.38 -9.34
N LYS A 115 12.77 -7.42 -10.14
CA LYS A 115 14.16 -7.35 -10.59
C LYS A 115 15.11 -7.60 -9.44
N ARG A 116 15.03 -6.77 -8.40
CA ARG A 116 15.89 -6.91 -7.23
C ARG A 116 16.06 -8.38 -6.85
N LEU A 117 14.96 -9.12 -6.86
CA LEU A 117 14.97 -10.54 -6.52
C LEU A 117 15.62 -11.35 -7.62
N GLN A 118 15.11 -11.20 -8.85
CA GLN A 118 15.65 -11.93 -9.98
C GLN A 118 17.16 -11.80 -10.05
N SER A 119 17.82 -12.80 -10.64
CA SER A 119 19.26 -12.80 -10.77
C SER A 119 19.71 -11.95 -11.95
N GLY A 120 19.25 -12.32 -13.14
CA GLY A 120 19.61 -11.58 -14.34
C GLY A 120 18.60 -11.76 -15.46
N PRO A 121 18.42 -10.70 -16.26
CA PRO A 121 17.47 -10.72 -17.38
C PRO A 121 17.95 -11.62 -18.53
N SER A 122 17.07 -12.52 -18.97
CA SER A 122 17.39 -13.44 -20.05
C SER A 122 16.61 -13.10 -21.31
N SER A 123 17.31 -12.62 -22.33
CA SER A 123 16.69 -12.26 -23.59
C SER A 123 17.30 -13.03 -24.75
N GLY A 124 18.62 -12.98 -24.87
CA GLY A 124 19.31 -13.68 -25.94
C GLY A 124 19.98 -12.73 -26.92
N GLY A 1 31.28 25.86 24.27
CA GLY A 1 30.90 26.37 22.96
C GLY A 1 29.40 26.51 22.80
N SER A 2 28.97 26.84 21.59
CA SER A 2 27.55 27.01 21.30
C SER A 2 27.30 27.12 19.80
N SER A 3 26.14 26.67 19.37
CA SER A 3 25.77 26.71 17.96
C SER A 3 24.36 27.26 17.77
N GLY A 4 23.97 27.45 16.51
CA GLY A 4 22.64 27.97 16.22
C GLY A 4 22.20 27.68 14.80
N SER A 5 20.94 27.29 14.64
CA SER A 5 20.40 26.98 13.33
C SER A 5 19.39 28.03 12.89
N SER A 6 18.90 27.90 11.65
CA SER A 6 17.93 28.84 11.11
C SER A 6 17.22 28.25 9.90
N GLY A 7 15.96 28.65 9.70
CA GLY A 7 15.19 28.15 8.59
C GLY A 7 13.99 27.33 9.02
N LYS A 8 13.06 27.97 9.72
CA LYS A 8 11.86 27.29 10.21
C LYS A 8 10.73 27.39 9.18
N SER A 9 11.09 27.31 7.91
CA SER A 9 10.10 27.40 6.83
C SER A 9 10.03 26.09 6.07
N PRO A 10 9.28 25.11 6.62
CA PRO A 10 9.11 23.79 5.99
C PRO A 10 8.26 23.86 4.73
N SER A 11 8.86 23.49 3.60
CA SER A 11 8.17 23.51 2.32
C SER A 11 8.42 22.22 1.55
N GLY A 12 7.36 21.42 1.37
CA GLY A 12 7.49 20.18 0.66
C GLY A 12 7.12 18.97 1.51
N GLN A 13 5.85 18.87 1.86
CA GLN A 13 5.37 17.76 2.68
C GLN A 13 5.08 16.54 1.83
N LYS A 14 5.94 16.28 0.84
CA LYS A 14 5.76 15.14 -0.05
C LYS A 14 4.33 15.07 -0.58
N ARG A 15 3.78 16.23 -0.93
CA ARG A 15 2.42 16.30 -1.45
C ARG A 15 2.26 15.39 -2.66
N SER A 16 1.03 14.93 -2.90
CA SER A 16 0.74 14.04 -4.02
C SER A 16 0.82 14.80 -5.34
N ARG A 17 1.73 14.37 -6.20
CA ARG A 17 1.91 15.01 -7.51
C ARG A 17 1.66 14.01 -8.64
N SER A 18 1.13 14.52 -9.75
CA SER A 18 0.84 13.67 -10.90
C SER A 18 0.45 14.52 -12.11
N ARG A 19 1.13 14.30 -13.23
CA ARG A 19 0.86 15.04 -14.45
C ARG A 19 0.28 14.13 -15.53
N SER A 20 0.99 13.03 -15.81
CA SER A 20 0.53 12.07 -16.82
C SER A 20 -0.66 11.27 -16.32
N PRO A 21 -0.44 10.52 -15.22
CA PRO A 21 -1.47 9.69 -14.62
C PRO A 21 -2.57 10.52 -13.95
N HIS A 22 -3.73 10.61 -14.61
CA HIS A 22 -4.85 11.37 -14.09
C HIS A 22 -5.63 10.56 -13.06
N GLU A 23 -5.98 9.33 -13.44
CA GLU A 23 -6.73 8.44 -12.55
C GLU A 23 -6.85 7.05 -13.16
N ALA A 24 -6.42 6.04 -12.41
CA ALA A 24 -6.50 4.66 -12.88
C ALA A 24 -6.91 3.72 -11.75
N GLY A 25 -8.09 3.14 -11.89
CA GLY A 25 -8.59 2.23 -10.87
C GLY A 25 -8.39 2.77 -9.46
N PHE A 26 -8.62 1.92 -8.47
CA PHE A 26 -8.47 2.31 -7.07
C PHE A 26 -7.45 1.43 -6.36
N CYS A 27 -6.25 1.97 -6.16
CA CYS A 27 -5.18 1.24 -5.49
C CYS A 27 -4.59 2.05 -4.34
N VAL A 28 -4.33 1.38 -3.23
CA VAL A 28 -3.77 2.04 -2.06
C VAL A 28 -2.37 1.52 -1.75
N TYR A 29 -1.42 2.43 -1.54
CA TYR A 29 -0.05 2.06 -1.24
C TYR A 29 0.19 2.05 0.27
N LEU A 30 0.60 0.90 0.80
CA LEU A 30 0.86 0.76 2.22
C LEU A 30 2.36 0.61 2.48
N LYS A 31 2.88 1.39 3.42
CA LYS A 31 4.29 1.34 3.77
C LYS A 31 4.47 1.17 5.27
N GLY A 32 5.19 0.12 5.67
CA GLY A 32 5.42 -0.14 7.08
C GLY A 32 5.11 -1.57 7.47
N LEU A 33 4.41 -2.28 6.59
CA LEU A 33 4.04 -3.67 6.85
C LEU A 33 5.17 -4.41 7.56
N PRO A 34 4.81 -5.42 8.36
CA PRO A 34 5.77 -6.23 9.10
C PRO A 34 6.60 -7.13 8.19
N PHE A 35 7.64 -7.73 8.75
CA PHE A 35 8.52 -8.61 7.99
C PHE A 35 7.81 -9.91 7.61
N GLU A 36 7.07 -10.46 8.58
CA GLU A 36 6.32 -11.69 8.35
C GLU A 36 4.88 -11.41 7.98
N ALA A 37 4.64 -10.24 7.38
CA ALA A 37 3.30 -9.85 6.97
C ALA A 37 2.68 -10.89 6.04
N GLU A 38 1.36 -10.87 5.94
CA GLU A 38 0.64 -11.81 5.08
C GLU A 38 -0.63 -11.18 4.53
N ASN A 39 -1.09 -11.70 3.40
CA ASN A 39 -2.31 -11.20 2.77
C ASN A 39 -3.41 -10.97 3.79
N LYS A 40 -3.42 -11.81 4.83
CA LYS A 40 -4.42 -11.70 5.89
C LYS A 40 -4.22 -10.42 6.70
N HIS A 41 -2.97 -10.06 6.92
CA HIS A 41 -2.64 -8.86 7.68
C HIS A 41 -3.12 -7.61 6.95
N VAL A 42 -2.84 -7.55 5.65
CA VAL A 42 -3.24 -6.41 4.84
C VAL A 42 -4.76 -6.26 4.80
N ILE A 43 -5.45 -7.38 4.71
CA ILE A 43 -6.91 -7.38 4.67
C ILE A 43 -7.50 -6.67 5.90
N ASP A 44 -7.15 -7.17 7.08
CA ASP A 44 -7.64 -6.58 8.33
C ASP A 44 -7.42 -5.07 8.34
N PHE A 45 -6.19 -4.66 8.04
CA PHE A 45 -5.86 -3.24 8.01
C PHE A 45 -6.99 -2.42 7.39
N PHE A 46 -7.53 -2.90 6.28
CA PHE A 46 -8.61 -2.22 5.59
C PHE A 46 -9.90 -3.01 5.72
N LYS A 47 -10.23 -3.44 6.94
CA LYS A 47 -11.44 -4.21 7.19
C LYS A 47 -12.67 -3.46 6.67
N LYS A 48 -13.82 -4.11 6.74
CA LYS A 48 -15.07 -3.51 6.29
C LYS A 48 -14.93 -2.93 4.88
N LEU A 49 -14.19 -3.63 4.03
CA LEU A 49 -13.96 -3.19 2.66
C LEU A 49 -13.84 -4.39 1.71
N ASP A 50 -13.96 -4.12 0.42
CA ASP A 50 -13.87 -5.17 -0.59
C ASP A 50 -12.50 -5.15 -1.26
N ILE A 51 -11.64 -6.09 -0.85
CA ILE A 51 -10.30 -6.19 -1.41
C ILE A 51 -10.11 -7.49 -2.17
N VAL A 52 -9.50 -7.41 -3.34
CA VAL A 52 -9.26 -8.58 -4.17
C VAL A 52 -8.04 -9.35 -3.68
N GLU A 53 -8.29 -10.42 -2.93
CA GLU A 53 -7.21 -11.25 -2.39
C GLU A 53 -6.08 -11.37 -3.40
N ASP A 54 -6.42 -11.37 -4.68
CA ASP A 54 -5.43 -11.48 -5.74
C ASP A 54 -4.59 -10.21 -5.84
N SER A 55 -5.27 -9.07 -5.93
CA SER A 55 -4.59 -7.79 -6.04
C SER A 55 -3.57 -7.62 -4.92
N ILE A 56 -4.02 -7.81 -3.68
CA ILE A 56 -3.14 -7.67 -2.52
C ILE A 56 -1.73 -8.14 -2.84
N TYR A 57 -0.83 -7.19 -3.09
CA TYR A 57 0.55 -7.51 -3.41
C TYR A 57 1.49 -7.01 -2.30
N ILE A 58 2.48 -7.83 -1.98
CA ILE A 58 3.45 -7.49 -0.95
C ILE A 58 4.88 -7.75 -1.42
N ALA A 59 5.74 -6.75 -1.30
CA ALA A 59 7.12 -6.88 -1.71
C ALA A 59 7.96 -7.53 -0.61
N TYR A 60 8.81 -8.48 -1.01
CA TYR A 60 9.65 -9.19 -0.06
C TYR A 60 11.11 -9.16 -0.50
N GLY A 61 12.01 -8.83 0.42
CA GLY A 61 13.42 -8.77 0.11
C GLY A 61 13.99 -10.13 -0.24
N PRO A 62 15.30 -10.16 -0.55
CA PRO A 62 15.99 -11.41 -0.91
C PRO A 62 16.15 -12.35 0.28
N ASN A 63 15.95 -11.81 1.48
CA ASN A 63 16.07 -12.61 2.70
C ASN A 63 14.73 -13.25 3.06
N GLY A 64 13.89 -13.46 2.05
CA GLY A 64 12.58 -14.06 2.28
C GLY A 64 11.76 -13.29 3.30
N LYS A 65 12.04 -11.99 3.42
CA LYS A 65 11.33 -11.15 4.37
C LYS A 65 10.53 -10.07 3.63
N ALA A 66 9.59 -9.46 4.33
CA ALA A 66 8.77 -8.40 3.74
C ALA A 66 9.44 -7.04 3.89
N THR A 67 9.81 -6.45 2.76
CA THR A 67 10.47 -5.14 2.76
C THR A 67 9.65 -4.11 3.53
N GLY A 68 8.33 -4.23 3.42
CA GLY A 68 7.45 -3.30 4.12
C GLY A 68 6.63 -2.46 3.17
N GLU A 69 6.44 -2.96 1.95
CA GLU A 69 5.67 -2.24 0.94
C GLU A 69 4.59 -3.13 0.34
N GLY A 70 3.33 -2.75 0.55
CA GLY A 70 2.22 -3.53 0.02
C GLY A 70 1.27 -2.69 -0.81
N PHE A 71 0.42 -3.36 -1.58
CA PHE A 71 -0.55 -2.67 -2.41
C PHE A 71 -1.89 -3.40 -2.41
N VAL A 72 -2.98 -2.63 -2.37
CA VAL A 72 -4.32 -3.21 -2.36
C VAL A 72 -5.24 -2.44 -3.31
N GLU A 73 -5.99 -3.18 -4.12
CA GLU A 73 -6.91 -2.57 -5.07
C GLU A 73 -8.36 -2.91 -4.71
N PHE A 74 -9.14 -1.88 -4.41
CA PHE A 74 -10.54 -2.06 -4.03
C PHE A 74 -11.42 -2.08 -5.28
N ARG A 75 -12.40 -2.98 -5.29
CA ARG A 75 -13.31 -3.11 -6.42
C ARG A 75 -14.16 -1.84 -6.58
N ASN A 76 -15.11 -1.65 -5.67
CA ASN A 76 -15.98 -0.48 -5.72
C ASN A 76 -15.19 0.79 -5.44
N GLU A 77 -15.85 1.93 -5.59
CA GLU A 77 -15.22 3.23 -5.36
C GLU A 77 -15.57 3.76 -3.97
N ALA A 78 -16.82 3.55 -3.56
CA ALA A 78 -17.28 4.01 -2.26
C ALA A 78 -16.38 3.49 -1.14
N ASP A 79 -15.96 2.23 -1.26
CA ASP A 79 -15.10 1.62 -0.27
C ASP A 79 -13.65 2.07 -0.45
N TYR A 80 -13.31 2.46 -1.67
CA TYR A 80 -11.95 2.91 -1.98
C TYR A 80 -11.60 4.16 -1.18
N LYS A 81 -12.57 5.03 -1.01
CA LYS A 81 -12.37 6.27 -0.26
C LYS A 81 -12.17 5.97 1.23
N ALA A 82 -13.01 5.10 1.78
CA ALA A 82 -12.92 4.74 3.18
C ALA A 82 -11.51 4.28 3.54
N ALA A 83 -10.83 3.66 2.58
CA ALA A 83 -9.48 3.18 2.80
C ALA A 83 -8.55 4.30 3.25
N LEU A 84 -8.67 5.46 2.59
CA LEU A 84 -7.85 6.61 2.92
C LEU A 84 -8.17 7.12 4.33
N CYS A 85 -9.42 6.96 4.75
CA CYS A 85 -9.86 7.41 6.06
C CYS A 85 -9.20 6.57 7.16
N ARG A 86 -8.49 5.53 6.75
CA ARG A 86 -7.81 4.65 7.71
C ARG A 86 -6.31 4.94 7.75
N HIS A 87 -5.97 6.22 7.61
CA HIS A 87 -4.57 6.63 7.64
C HIS A 87 -4.03 6.63 9.07
N LYS A 88 -2.72 6.38 9.20
CA LYS A 88 -2.08 6.35 10.51
C LYS A 88 -2.62 5.20 11.35
N GLN A 89 -2.67 4.01 10.77
CA GLN A 89 -3.17 2.83 11.47
C GLN A 89 -2.01 1.93 11.89
N TYR A 90 -2.25 1.11 12.91
CA TYR A 90 -1.24 0.19 13.41
C TYR A 90 -1.65 -1.26 13.20
N MET A 91 -0.69 -2.09 12.81
CA MET A 91 -0.95 -3.51 12.57
C MET A 91 -0.51 -4.34 13.76
N GLY A 92 -1.35 -4.40 14.79
CA GLY A 92 -1.03 -5.17 15.98
C GLY A 92 0.08 -4.54 16.80
N ASN A 93 1.32 -4.69 16.34
CA ASN A 93 2.46 -4.12 17.04
C ASN A 93 3.32 -3.29 16.10
N ARG A 94 2.84 -3.11 14.87
CA ARG A 94 3.58 -2.34 13.88
C ARG A 94 2.75 -1.13 13.43
N PHE A 95 3.38 -0.26 12.63
CA PHE A 95 2.70 0.93 12.13
C PHE A 95 2.87 1.06 10.62
N ILE A 96 1.77 1.27 9.92
CA ILE A 96 1.80 1.41 8.47
C ILE A 96 1.20 2.74 8.03
N GLN A 97 1.69 3.27 6.92
CA GLN A 97 1.20 4.55 6.40
C GLN A 97 0.37 4.33 5.13
N VAL A 98 -0.77 4.98 5.06
CA VAL A 98 -1.66 4.86 3.91
C VAL A 98 -1.43 5.99 2.91
N HIS A 99 -1.21 5.63 1.66
CA HIS A 99 -0.98 6.62 0.61
C HIS A 99 -1.66 6.22 -0.68
N PRO A 100 -2.52 7.12 -1.21
CA PRO A 100 -3.26 6.87 -2.45
C PRO A 100 -2.35 6.86 -3.68
N ILE A 101 -2.51 5.85 -4.53
CA ILE A 101 -1.70 5.73 -5.74
C ILE A 101 -2.55 5.24 -6.91
N THR A 102 -2.06 5.49 -8.12
CA THR A 102 -2.76 5.09 -9.33
C THR A 102 -2.36 3.67 -9.75
N LYS A 103 -3.33 2.90 -10.22
CA LYS A 103 -3.08 1.54 -10.65
C LYS A 103 -1.75 1.44 -11.40
N LYS A 104 -1.60 2.26 -12.44
CA LYS A 104 -0.38 2.27 -13.23
C LYS A 104 0.85 2.45 -12.35
N GLY A 105 0.79 3.44 -11.45
CA GLY A 105 1.90 3.71 -10.56
C GLY A 105 2.13 2.58 -9.58
N MET A 106 1.07 1.83 -9.27
CA MET A 106 1.16 0.72 -8.34
C MET A 106 1.96 -0.43 -8.94
N LEU A 107 1.74 -0.69 -10.22
CA LEU A 107 2.44 -1.76 -10.92
C LEU A 107 3.89 -1.37 -11.22
N GLU A 108 4.09 -0.11 -11.59
CA GLU A 108 5.42 0.39 -11.89
C GLU A 108 6.45 -0.15 -10.90
N LYS A 109 6.16 0.00 -9.62
CA LYS A 109 7.05 -0.48 -8.57
C LYS A 109 7.13 -2.00 -8.57
N ILE A 110 5.99 -2.65 -8.38
CA ILE A 110 5.93 -4.10 -8.36
C ILE A 110 6.86 -4.71 -9.40
N ASP A 111 7.09 -3.96 -10.48
CA ASP A 111 7.97 -4.43 -11.56
C ASP A 111 9.43 -4.32 -11.14
N MET A 112 9.82 -3.14 -10.65
CA MET A 112 11.19 -2.91 -10.22
C MET A 112 11.54 -3.81 -9.03
N ILE A 113 10.56 -4.08 -8.19
CA ILE A 113 10.76 -4.91 -7.01
C ILE A 113 11.16 -6.33 -7.41
N ARG A 114 10.48 -6.86 -8.42
CA ARG A 114 10.75 -8.22 -8.90
C ARG A 114 12.17 -8.30 -9.48
N LYS A 115 12.55 -7.28 -10.24
CA LYS A 115 13.87 -7.24 -10.85
C LYS A 115 14.96 -7.58 -9.83
N ARG A 116 14.72 -7.23 -8.58
CA ARG A 116 15.67 -7.50 -7.51
C ARG A 116 15.69 -8.98 -7.16
N LEU A 117 14.53 -9.61 -7.21
CA LEU A 117 14.41 -11.03 -6.89
C LEU A 117 14.82 -11.89 -8.09
N GLN A 118 14.12 -11.70 -9.21
CA GLN A 118 14.40 -12.44 -10.42
C GLN A 118 15.90 -12.67 -10.58
N SER A 119 16.68 -11.61 -10.37
CA SER A 119 18.13 -11.71 -10.50
C SER A 119 18.68 -12.90 -9.73
N GLY A 120 19.72 -13.52 -10.26
CA GLY A 120 20.32 -14.67 -9.61
C GLY A 120 20.09 -15.95 -10.38
N PRO A 121 21.02 -16.91 -10.23
CA PRO A 121 20.94 -18.21 -10.92
C PRO A 121 19.82 -19.08 -10.38
N SER A 122 18.69 -19.06 -11.07
CA SER A 122 17.53 -19.86 -10.66
C SER A 122 17.11 -19.50 -9.24
N SER A 123 16.96 -18.20 -8.98
CA SER A 123 16.56 -17.73 -7.66
C SER A 123 17.48 -18.29 -6.58
N GLY A 124 18.78 -18.27 -6.86
CA GLY A 124 19.76 -18.79 -5.90
C GLY A 124 20.42 -17.68 -5.11
N GLY A 1 -29.12 16.83 35.31
CA GLY A 1 -29.75 17.41 34.14
C GLY A 1 -29.97 16.40 33.03
N SER A 2 -30.74 16.79 32.02
CA SER A 2 -31.03 15.91 30.90
C SER A 2 -30.36 16.41 29.63
N SER A 3 -30.44 17.71 29.40
CA SER A 3 -29.84 18.33 28.21
C SER A 3 -28.37 18.64 28.46
N GLY A 4 -27.53 18.28 27.48
CA GLY A 4 -26.10 18.53 27.60
C GLY A 4 -25.42 18.64 26.26
N SER A 5 -24.11 18.42 26.24
CA SER A 5 -23.34 18.51 25.00
C SER A 5 -22.60 17.20 24.73
N SER A 6 -22.78 16.67 23.53
CA SER A 6 -22.14 15.42 23.15
C SER A 6 -21.18 15.64 21.97
N GLY A 7 -20.05 14.93 21.99
CA GLY A 7 -19.07 15.06 20.93
C GLY A 7 -18.13 16.22 21.15
N LYS A 8 -16.84 15.92 21.27
CA LYS A 8 -15.83 16.95 21.48
C LYS A 8 -14.90 17.06 20.29
N SER A 9 -14.14 18.14 20.23
CA SER A 9 -13.21 18.37 19.13
C SER A 9 -13.86 18.04 17.78
N PRO A 10 -15.02 18.66 17.53
CA PRO A 10 -15.77 18.44 16.28
C PRO A 10 -15.06 19.04 15.07
N SER A 11 -14.21 18.24 14.43
CA SER A 11 -13.47 18.70 13.27
C SER A 11 -12.85 17.52 12.51
N GLY A 12 -12.31 17.79 11.33
CA GLY A 12 -11.70 16.74 10.54
C GLY A 12 -11.43 17.17 9.11
N GLN A 13 -10.84 16.29 8.32
CA GLN A 13 -10.53 16.58 6.93
C GLN A 13 -11.28 15.64 5.99
N LYS A 14 -12.55 15.39 6.31
CA LYS A 14 -13.38 14.51 5.49
C LYS A 14 -13.91 15.25 4.26
N ARG A 15 -14.44 16.44 4.48
CA ARG A 15 -14.98 17.24 3.39
C ARG A 15 -13.88 18.02 2.68
N SER A 16 -12.84 17.30 2.28
CA SER A 16 -11.71 17.91 1.58
C SER A 16 -12.06 18.19 0.13
N ARG A 17 -12.57 17.16 -0.55
CA ARG A 17 -12.95 17.29 -1.96
C ARG A 17 -14.19 16.46 -2.27
N SER A 18 -14.81 16.75 -3.40
CA SER A 18 -16.02 16.04 -3.82
C SER A 18 -15.67 14.66 -4.36
N ARG A 19 -14.86 14.63 -5.41
CA ARG A 19 -14.45 13.37 -6.03
C ARG A 19 -13.17 13.55 -6.84
N SER A 20 -12.51 12.44 -7.16
CA SER A 20 -11.27 12.48 -7.93
C SER A 20 -11.52 12.14 -9.39
N PRO A 21 -11.06 13.00 -10.29
CA PRO A 21 -11.23 12.81 -11.75
C PRO A 21 -10.38 11.66 -12.27
N HIS A 22 -9.37 11.26 -11.49
CA HIS A 22 -8.49 10.16 -11.88
C HIS A 22 -9.29 8.92 -12.25
N GLU A 23 -8.85 8.21 -13.28
CA GLU A 23 -9.53 7.01 -13.72
C GLU A 23 -8.59 5.81 -13.69
N ALA A 24 -7.42 6.00 -13.08
CA ALA A 24 -6.43 4.93 -12.97
C ALA A 24 -6.82 3.92 -11.91
N GLY A 25 -7.99 3.30 -12.08
CA GLY A 25 -8.46 2.32 -11.11
C GLY A 25 -8.45 2.85 -9.70
N PHE A 26 -8.57 1.94 -8.74
CA PHE A 26 -8.57 2.32 -7.33
C PHE A 26 -7.61 1.45 -6.52
N CYS A 27 -6.43 1.97 -6.25
CA CYS A 27 -5.42 1.24 -5.49
C CYS A 27 -4.91 2.08 -4.32
N VAL A 28 -4.33 1.40 -3.32
CA VAL A 28 -3.79 2.08 -2.15
C VAL A 28 -2.38 1.61 -1.84
N TYR A 29 -1.51 2.56 -1.51
CA TYR A 29 -0.12 2.24 -1.19
C TYR A 29 0.12 2.25 0.32
N LEU A 30 0.73 1.18 0.81
CA LEU A 30 1.02 1.06 2.25
C LEU A 30 2.52 0.93 2.49
N LYS A 31 2.99 1.62 3.53
CA LYS A 31 4.41 1.58 3.88
C LYS A 31 4.60 1.43 5.39
N GLY A 32 5.25 0.35 5.80
CA GLY A 32 5.48 0.11 7.20
C GLY A 32 5.23 -1.33 7.60
N LEU A 33 4.45 -2.04 6.79
CA LEU A 33 4.13 -3.43 7.06
C LEU A 33 5.31 -4.15 7.71
N PRO A 34 5.01 -5.17 8.52
CA PRO A 34 6.03 -5.95 9.22
C PRO A 34 6.85 -6.82 8.27
N PHE A 35 7.99 -7.30 8.75
CA PHE A 35 8.87 -8.15 7.95
C PHE A 35 8.22 -9.49 7.66
N GLU A 36 7.51 -10.02 8.65
CA GLU A 36 6.83 -11.31 8.50
C GLU A 36 5.35 -11.12 8.21
N ALA A 37 5.03 -10.06 7.47
CA ALA A 37 3.64 -9.76 7.12
C ALA A 37 3.05 -10.85 6.23
N GLU A 38 1.75 -10.76 5.99
CA GLU A 38 1.06 -11.75 5.16
C GLU A 38 -0.22 -11.18 4.58
N ASN A 39 -0.70 -11.77 3.50
CA ASN A 39 -1.92 -11.32 2.85
C ASN A 39 -2.99 -10.98 3.88
N LYS A 40 -3.09 -11.80 4.92
CA LYS A 40 -4.07 -11.58 5.98
C LYS A 40 -3.86 -10.22 6.64
N HIS A 41 -2.61 -9.91 6.98
CA HIS A 41 -2.27 -8.65 7.62
C HIS A 41 -2.89 -7.48 6.86
N VAL A 42 -2.77 -7.51 5.54
CA VAL A 42 -3.32 -6.44 4.70
C VAL A 42 -4.85 -6.40 4.80
N ILE A 43 -5.47 -7.57 4.76
CA ILE A 43 -6.92 -7.67 4.85
C ILE A 43 -7.44 -6.98 6.12
N ASP A 44 -6.92 -7.41 7.27
CA ASP A 44 -7.33 -6.83 8.55
C ASP A 44 -7.25 -5.31 8.51
N PHE A 45 -6.19 -4.79 7.90
CA PHE A 45 -6.00 -3.35 7.81
C PHE A 45 -7.18 -2.69 7.08
N PHE A 46 -7.65 -3.35 6.03
CA PHE A 46 -8.77 -2.83 5.25
C PHE A 46 -9.93 -3.82 5.23
N LYS A 47 -10.12 -4.50 6.36
CA LYS A 47 -11.20 -5.48 6.47
C LYS A 47 -12.56 -4.83 6.23
N LYS A 48 -13.60 -5.65 6.17
CA LYS A 48 -14.95 -5.15 5.95
C LYS A 48 -15.02 -4.29 4.70
N LEU A 49 -14.27 -4.68 3.68
CA LEU A 49 -14.24 -3.94 2.42
C LEU A 49 -14.06 -4.88 1.24
N ASP A 50 -14.11 -4.33 0.03
CA ASP A 50 -13.94 -5.12 -1.18
C ASP A 50 -12.49 -5.09 -1.66
N ILE A 51 -11.74 -6.12 -1.28
CA ILE A 51 -10.33 -6.21 -1.67
C ILE A 51 -10.07 -7.50 -2.43
N VAL A 52 -9.72 -7.37 -3.71
CA VAL A 52 -9.43 -8.53 -4.54
C VAL A 52 -8.22 -9.29 -4.03
N GLU A 53 -8.48 -10.38 -3.32
CA GLU A 53 -7.40 -11.20 -2.76
C GLU A 53 -6.23 -11.29 -3.74
N ASP A 54 -6.53 -11.16 -5.03
CA ASP A 54 -5.50 -11.23 -6.07
C ASP A 54 -4.70 -9.93 -6.11
N SER A 55 -5.39 -8.80 -6.12
CA SER A 55 -4.74 -7.51 -6.16
C SER A 55 -3.74 -7.36 -5.02
N ILE A 56 -4.18 -7.68 -3.81
CA ILE A 56 -3.32 -7.58 -2.63
C ILE A 56 -1.89 -8.01 -2.96
N TYR A 57 -1.00 -7.04 -3.04
CA TYR A 57 0.40 -7.33 -3.35
C TYR A 57 1.32 -6.79 -2.25
N ILE A 58 2.38 -7.54 -1.96
CA ILE A 58 3.33 -7.16 -0.93
C ILE A 58 4.77 -7.39 -1.38
N ALA A 59 5.63 -6.42 -1.12
CA ALA A 59 7.03 -6.52 -1.51
C ALA A 59 7.82 -7.33 -0.49
N TYR A 60 8.78 -8.12 -0.97
CA TYR A 60 9.60 -8.95 -0.10
C TYR A 60 11.08 -8.80 -0.44
N GLY A 61 11.92 -8.96 0.56
CA GLY A 61 13.36 -8.84 0.34
C GLY A 61 13.99 -10.16 -0.07
N PRO A 62 15.32 -10.13 -0.28
CA PRO A 62 16.07 -11.32 -0.70
C PRO A 62 16.18 -12.36 0.42
N ASN A 63 15.93 -11.92 1.65
CA ASN A 63 16.00 -12.81 2.80
C ASN A 63 14.62 -13.39 3.12
N GLY A 64 13.84 -13.67 2.08
CA GLY A 64 12.51 -14.21 2.27
C GLY A 64 11.72 -13.45 3.32
N LYS A 65 11.84 -12.13 3.31
CA LYS A 65 11.13 -11.29 4.26
C LYS A 65 10.30 -10.23 3.54
N ALA A 66 9.57 -9.44 4.32
CA ALA A 66 8.73 -8.39 3.75
C ALA A 66 9.43 -7.03 3.83
N THR A 67 9.72 -6.44 2.68
CA THR A 67 10.38 -5.14 2.63
C THR A 67 9.62 -4.11 3.43
N GLY A 68 8.29 -4.14 3.33
CA GLY A 68 7.46 -3.19 4.05
C GLY A 68 6.62 -2.33 3.12
N GLU A 69 6.32 -2.86 1.94
CA GLU A 69 5.52 -2.13 0.95
C GLU A 69 4.39 -3.00 0.42
N GLY A 70 3.15 -2.60 0.72
CA GLY A 70 2.00 -3.35 0.26
C GLY A 70 1.09 -2.53 -0.64
N PHE A 71 0.23 -3.21 -1.38
CA PHE A 71 -0.70 -2.54 -2.28
C PHE A 71 -2.04 -3.27 -2.33
N VAL A 72 -3.12 -2.51 -2.37
CA VAL A 72 -4.47 -3.08 -2.42
C VAL A 72 -5.34 -2.34 -3.43
N GLU A 73 -6.27 -3.07 -4.04
CA GLU A 73 -7.17 -2.48 -5.02
C GLU A 73 -8.62 -2.76 -4.66
N PHE A 74 -9.40 -1.69 -4.48
CA PHE A 74 -10.80 -1.82 -4.13
C PHE A 74 -11.68 -1.78 -5.37
N ARG A 75 -12.31 -2.91 -5.69
CA ARG A 75 -13.17 -3.01 -6.85
C ARG A 75 -14.13 -1.81 -6.92
N ASN A 76 -14.71 -1.47 -5.78
CA ASN A 76 -15.66 -0.35 -5.71
C ASN A 76 -14.92 0.95 -5.41
N GLU A 77 -15.63 2.07 -5.55
CA GLU A 77 -15.05 3.38 -5.30
C GLU A 77 -15.45 3.89 -3.92
N ALA A 78 -16.68 3.60 -3.51
CA ALA A 78 -17.18 4.02 -2.21
C ALA A 78 -16.29 3.50 -1.09
N ASP A 79 -15.97 2.22 -1.14
CA ASP A 79 -15.12 1.60 -0.12
C ASP A 79 -13.69 2.12 -0.22
N TYR A 80 -13.25 2.40 -1.44
CA TYR A 80 -11.90 2.89 -1.66
C TYR A 80 -11.62 4.13 -0.81
N LYS A 81 -12.53 5.11 -0.89
CA LYS A 81 -12.39 6.34 -0.13
C LYS A 81 -12.15 6.05 1.35
N ALA A 82 -12.87 5.07 1.88
CA ALA A 82 -12.74 4.68 3.27
C ALA A 82 -11.30 4.32 3.60
N ALA A 83 -10.72 3.42 2.81
CA ALA A 83 -9.34 2.97 3.02
C ALA A 83 -8.44 4.16 3.35
N LEU A 84 -8.61 5.25 2.61
CA LEU A 84 -7.80 6.45 2.83
C LEU A 84 -7.94 6.95 4.26
N CYS A 85 -9.14 6.80 4.82
CA CYS A 85 -9.40 7.24 6.19
C CYS A 85 -8.70 6.34 7.20
N ARG A 86 -8.05 5.29 6.69
CA ARG A 86 -7.34 4.35 7.54
C ARG A 86 -5.92 4.82 7.82
N HIS A 87 -5.67 6.11 7.60
CA HIS A 87 -4.36 6.69 7.82
C HIS A 87 -4.04 6.74 9.31
N LYS A 88 -2.74 6.66 9.63
CA LYS A 88 -2.30 6.70 11.02
C LYS A 88 -2.85 5.50 11.80
N GLN A 89 -2.64 4.31 11.25
CA GLN A 89 -3.12 3.08 11.89
C GLN A 89 -1.95 2.16 12.23
N TYR A 90 -2.08 1.41 13.31
CA TYR A 90 -1.03 0.49 13.74
C TYR A 90 -1.48 -0.96 13.57
N MET A 91 -0.76 -1.71 12.76
CA MET A 91 -1.08 -3.11 12.51
C MET A 91 -0.70 -3.97 13.71
N GLY A 92 -1.59 -4.05 14.69
CA GLY A 92 -1.32 -4.85 15.87
C GLY A 92 -0.30 -4.21 16.78
N ASN A 93 0.98 -4.34 16.42
CA ASN A 93 2.06 -3.76 17.22
C ASN A 93 2.96 -2.88 16.36
N ARG A 94 2.77 -2.95 15.04
CA ARG A 94 3.56 -2.16 14.12
C ARG A 94 2.75 -0.99 13.58
N PHE A 95 3.41 -0.09 12.84
CA PHE A 95 2.75 1.07 12.27
C PHE A 95 2.89 1.08 10.75
N ILE A 96 1.81 1.42 10.07
CA ILE A 96 1.81 1.48 8.60
C ILE A 96 1.15 2.77 8.10
N GLN A 97 1.79 3.40 7.12
CA GLN A 97 1.26 4.64 6.55
C GLN A 97 0.37 4.35 5.34
N VAL A 98 -0.70 5.12 5.21
CA VAL A 98 -1.63 4.95 4.09
C VAL A 98 -1.54 6.11 3.12
N HIS A 99 -1.46 5.80 1.83
CA HIS A 99 -1.38 6.82 0.80
C HIS A 99 -1.96 6.31 -0.51
N PRO A 100 -2.80 7.16 -1.15
CA PRO A 100 -3.44 6.81 -2.42
C PRO A 100 -2.45 6.76 -3.59
N ILE A 101 -2.60 5.76 -4.44
CA ILE A 101 -1.72 5.61 -5.59
C ILE A 101 -2.47 5.09 -6.81
N THR A 102 -2.08 5.54 -7.99
CA THR A 102 -2.72 5.13 -9.22
C THR A 102 -2.37 3.68 -9.57
N LYS A 103 -3.27 3.01 -10.28
CA LYS A 103 -3.06 1.62 -10.67
C LYS A 103 -1.75 1.48 -11.45
N LYS A 104 -1.53 2.35 -12.42
CA LYS A 104 -0.33 2.32 -13.23
C LYS A 104 0.91 2.52 -12.36
N GLY A 105 0.98 3.67 -11.68
CA GLY A 105 2.12 3.96 -10.82
C GLY A 105 2.43 2.82 -9.87
N MET A 106 1.39 2.19 -9.33
CA MET A 106 1.55 1.09 -8.40
C MET A 106 2.32 -0.06 -9.06
N LEU A 107 1.93 -0.40 -10.28
CA LEU A 107 2.58 -1.48 -11.01
C LEU A 107 4.05 -1.16 -11.26
N GLU A 108 4.33 0.08 -11.66
CA GLU A 108 5.69 0.51 -11.94
C GLU A 108 6.66 -0.11 -10.93
N LYS A 109 6.40 0.12 -9.64
CA LYS A 109 7.24 -0.41 -8.59
C LYS A 109 7.21 -1.94 -8.57
N ILE A 110 6.03 -2.49 -8.38
CA ILE A 110 5.87 -3.95 -8.35
C ILE A 110 6.81 -4.62 -9.33
N ASP A 111 7.03 -3.99 -10.48
CA ASP A 111 7.91 -4.52 -11.50
C ASP A 111 9.35 -4.60 -11.00
N MET A 112 9.84 -3.50 -10.45
CA MET A 112 11.19 -3.43 -9.93
C MET A 112 11.36 -4.36 -8.73
N ILE A 113 10.27 -4.57 -8.01
CA ILE A 113 10.29 -5.44 -6.83
C ILE A 113 10.58 -6.89 -7.22
N ARG A 114 9.92 -7.35 -8.28
CA ARG A 114 10.10 -8.72 -8.76
C ARG A 114 11.48 -8.89 -9.38
N LYS A 115 11.78 -8.08 -10.39
CA LYS A 115 13.07 -8.15 -11.07
C LYS A 115 14.21 -8.24 -10.07
N ARG A 116 14.16 -7.39 -9.04
CA ARG A 116 15.18 -7.36 -8.01
C ARG A 116 15.45 -8.77 -7.47
N LEU A 117 14.38 -9.47 -7.13
CA LEU A 117 14.49 -10.84 -6.61
C LEU A 117 14.91 -11.81 -7.71
N GLN A 118 14.25 -11.71 -8.85
CA GLN A 118 14.55 -12.58 -9.99
C GLN A 118 16.00 -12.41 -10.43
N SER A 119 16.74 -13.52 -10.42
CA SER A 119 18.15 -13.49 -10.83
C SER A 119 18.33 -14.09 -12.22
N GLY A 120 19.10 -13.41 -13.06
CA GLY A 120 19.34 -13.90 -14.40
C GLY A 120 20.22 -12.97 -15.21
N PRO A 121 20.61 -13.41 -16.41
CA PRO A 121 21.46 -12.63 -17.31
C PRO A 121 20.75 -11.40 -17.88
N SER A 122 19.50 -11.20 -17.44
CA SER A 122 18.71 -10.08 -17.92
C SER A 122 19.60 -8.85 -18.16
N SER A 123 20.38 -8.48 -17.15
CA SER A 123 21.26 -7.33 -17.25
C SER A 123 22.64 -7.75 -17.77
N GLY A 124 22.91 -7.44 -19.03
CA GLY A 124 24.19 -7.78 -19.63
C GLY A 124 24.03 -8.67 -20.85
#